data_5FKT
#
_entry.id   5FKT
#
_cell.length_a   84.120
_cell.length_b   94.290
_cell.length_c   105.560
_cell.angle_alpha   90.00
_cell.angle_beta   103.20
_cell.angle_gamma   90.00
#
_symmetry.space_group_name_H-M   'P 1 21 1'
#
loop_
_entity.id
_entity.type
_entity.pdbx_description
1 polymer 'ENDO-1,4-BETA-GLUCANASE/XYLOGLUCANASE, GLY74A'
2 non-polymer 1,2-ETHANEDIOL
3 non-polymer 'BROMIDE ION'
4 non-polymer 'POTASSIUM ION'
5 water water
#
_entity_poly.entity_id   1
_entity_poly.type   'polypeptide(L)'
_entity_poly.pdbx_seq_one_letter_code
;MAPSENYTWKNVRIDGGGFVPGIIFNQKEADLIYARTDIGGAYRWNSATSSWIPLLDWVGWDNWGWNGVMSLATDAADPN
RVYAAVGMYTNTWDPNNGAILRSTDRGNTWQATPLPFKVGGNMPGRGMGERLAIDPNRNSIIYYGAEGGNGLWRSTDYGA
TWAKVSSFTNGGNYAQDPNDPNDYLNKIQGVVWVTFDPASGSAGNTSQVIYVGVADTQNAIYRSTDGGTTWSRLAGQPTG
FLPHKGVYDAVNGVLYIAYSDTGGPYDGAKGDVWKFTASSGTWTNISPIPSSSSDLYFGYSGLTIDRKNPNTLMVASQIA
WWPDAVFFRSTNGGASWTRIWDWTSYPSRSFRYTMDITEVPWLNFGNSNPVAPEVSPKLGWMNESVEIDPHNSNRLMYGT
GATIYATENLTSWDSGGQILLKPMVKGLEETAVLDVVSPPVGAPVYSALGAIGGFRHDDLTKVPTSMYTTPNFSSTTSID
FAELQPATMVRVGNLDSGGGIGVTTNAGGSWWQGQNPPGVTSGGNVALAADGGAIVWAPGGSTNVYLSTTFGSTWTAISA
LPAGAVIEADRVNPNKFYALANGTFYVSTNKGASFSATVTAGIPAAARKFKAVYGREGDIWLAGGSSTTTYGLWRSTNSG
ASFTKLASVQEADNVTFGKAATGATYPAIYIIGKVDNVRGVFRSTNEGASWVRINDDQRQYGNFGEAISGDPRIYGRLYL
GTNGRGLLYGDSA
;
_entity_poly.pdbx_strand_id   A,B
#
loop_
_chem_comp.id
_chem_comp.type
_chem_comp.name
_chem_comp.formula
BR non-polymer 'BROMIDE ION' 'Br -1'
EDO non-polymer 1,2-ETHANEDIOL 'C2 H6 O2'
K non-polymer 'POTASSIUM ION' 'K 1'
#
# COMPACT_ATOMS: atom_id res chain seq x y z
N PRO A 3 31.33 18.52 -23.77
CA PRO A 3 31.84 19.29 -22.63
C PRO A 3 30.74 19.33 -21.59
N SER A 4 30.72 18.40 -20.64
CA SER A 4 29.48 18.13 -19.84
C SER A 4 28.95 19.28 -18.95
N GLU A 5 27.62 19.44 -18.91
CA GLU A 5 26.97 20.21 -17.85
C GLU A 5 26.20 19.25 -16.95
N ASN A 6 26.18 19.54 -15.64
CA ASN A 6 25.50 18.68 -14.69
C ASN A 6 23.97 18.72 -14.91
N TYR A 7 23.40 17.58 -15.20
CA TYR A 7 21.98 17.49 -15.46
C TYR A 7 21.36 16.51 -14.48
N THR A 8 20.05 16.62 -14.34
CA THR A 8 19.30 15.65 -13.61
C THR A 8 18.28 15.03 -14.60
N TRP A 9 18.29 13.69 -14.65
CA TRP A 9 17.43 12.95 -15.59
C TRP A 9 16.41 12.15 -14.77
N LYS A 10 15.17 12.20 -15.23
CA LYS A 10 14.07 11.46 -14.59
C LYS A 10 13.10 10.92 -15.63
N ASN A 11 12.37 9.84 -15.34
CA ASN A 11 11.28 9.46 -16.25
C ASN A 11 10.07 10.33 -15.97
N VAL A 12 9.44 10.79 -17.05
CA VAL A 12 8.06 11.27 -16.98
C VAL A 12 7.24 10.08 -16.50
N ARG A 13 6.40 10.24 -15.49
CA ARG A 13 5.84 9.06 -14.87
C ARG A 13 4.67 8.47 -15.63
N ILE A 14 4.84 7.20 -16.01
CA ILE A 14 3.81 6.42 -16.69
C ILE A 14 3.52 5.14 -15.94
N ASP A 15 4.58 4.43 -15.51
CA ASP A 15 4.55 3.16 -14.73
C ASP A 15 4.31 1.94 -15.69
N GLY A 16 5.36 1.20 -16.00
CA GLY A 16 5.21 0.02 -16.80
C GLY A 16 5.04 0.36 -18.27
N GLY A 17 4.14 -0.37 -18.91
CA GLY A 17 3.74 -0.13 -20.26
C GLY A 17 4.29 -1.14 -21.27
N GLY A 18 5.13 -2.07 -20.86
CA GLY A 18 5.64 -3.06 -21.76
C GLY A 18 5.63 -4.45 -21.11
N PHE A 19 6.23 -5.40 -21.81
CA PHE A 19 6.21 -6.78 -21.42
C PHE A 19 7.35 -7.06 -20.44
N VAL A 20 7.00 -7.77 -19.37
CA VAL A 20 7.98 -8.20 -18.34
C VAL A 20 8.02 -9.74 -18.41
N PRO A 21 8.93 -10.31 -19.23
CA PRO A 21 8.93 -11.75 -19.39
C PRO A 21 9.51 -12.53 -18.19
N GLY A 22 10.22 -11.88 -17.28
CA GLY A 22 10.74 -12.59 -16.11
C GLY A 22 10.86 -11.76 -14.86
N ILE A 23 10.32 -12.28 -13.75
CA ILE A 23 10.56 -11.75 -12.42
C ILE A 23 11.36 -12.79 -11.65
N ILE A 24 12.37 -12.36 -10.90
CA ILE A 24 13.24 -13.29 -10.26
C ILE A 24 13.47 -12.85 -8.80
N PHE A 25 13.05 -13.72 -7.91
CA PHE A 25 13.29 -13.46 -6.49
C PHE A 25 14.57 -14.23 -6.07
N ASN A 26 15.40 -13.60 -5.25
CA ASN A 26 16.50 -14.26 -4.64
C ASN A 26 15.99 -15.22 -3.58
N GLN A 27 16.50 -16.46 -3.63
CA GLN A 27 16.03 -17.57 -2.78
C GLN A 27 16.50 -17.47 -1.32
N LYS A 28 17.49 -16.65 -1.00
CA LYS A 28 17.93 -16.48 0.40
C LYS A 28 17.68 -15.16 1.01
N GLU A 29 17.65 -14.04 0.26
CA GLU A 29 17.47 -12.75 0.89
C GLU A 29 16.06 -12.21 0.57
N ALA A 30 15.27 -11.96 1.59
CA ALA A 30 13.99 -11.36 1.41
C ALA A 30 14.02 -9.99 0.81
N ASP A 31 13.04 -9.70 -0.04
CA ASP A 31 12.84 -8.40 -0.67
C ASP A 31 13.86 -8.10 -1.77
N LEU A 32 14.68 -9.09 -2.14
CA LEU A 32 15.61 -8.92 -3.22
C LEU A 32 14.96 -9.55 -4.46
N ILE A 33 14.59 -8.66 -5.39
CA ILE A 33 13.80 -9.05 -6.59
C ILE A 33 14.33 -8.29 -7.76
N TYR A 34 14.40 -8.98 -8.88
CA TYR A 34 14.80 -8.40 -10.19
C TYR A 34 13.69 -8.61 -11.23
N ALA A 35 13.71 -7.79 -12.27
CA ALA A 35 12.82 -7.99 -13.40
C ALA A 35 13.70 -7.81 -14.63
N ARG A 36 13.43 -8.67 -15.61
CA ARG A 36 14.02 -8.54 -16.93
C ARG A 36 13.01 -8.18 -17.94
N THR A 37 13.42 -7.31 -18.89
CA THR A 37 12.58 -6.91 -19.96
C THR A 37 13.16 -7.24 -21.33
N ASP A 38 12.29 -7.21 -22.34
CA ASP A 38 12.66 -7.59 -23.69
C ASP A 38 13.37 -6.48 -24.46
N ILE A 39 13.00 -5.23 -24.24
CA ILE A 39 13.63 -4.09 -24.92
C ILE A 39 14.19 -3.04 -24.02
N GLY A 40 14.03 -3.21 -22.71
CA GLY A 40 14.21 -2.12 -21.77
C GLY A 40 15.10 -2.40 -20.59
N GLY A 41 16.06 -3.28 -20.79
CA GLY A 41 17.02 -3.58 -19.75
C GLY A 41 16.45 -4.37 -18.59
N ALA A 42 17.07 -4.18 -17.42
CA ALA A 42 16.73 -4.98 -16.23
C ALA A 42 16.64 -4.01 -15.03
N TYR A 43 15.92 -4.49 -14.01
CA TYR A 43 15.65 -3.71 -12.82
C TYR A 43 15.86 -4.50 -11.56
N ARG A 44 16.21 -3.79 -10.49
CA ARG A 44 16.20 -4.31 -9.14
C ARG A 44 15.18 -3.57 -8.31
N TRP A 45 14.39 -4.28 -7.48
CA TRP A 45 13.41 -3.60 -6.64
C TRP A 45 14.10 -2.92 -5.46
N ASN A 46 13.64 -1.70 -5.15
CA ASN A 46 14.09 -0.98 -3.92
C ASN A 46 12.95 -0.95 -2.91
N SER A 47 13.04 -1.76 -1.86
CA SER A 47 11.96 -1.85 -0.88
C SER A 47 11.84 -0.56 -0.06
N ALA A 48 12.91 0.20 0.07
CA ALA A 48 12.84 1.43 0.85
C ALA A 48 12.05 2.53 0.17
N THR A 49 12.14 2.57 -1.16
CA THR A 49 11.42 3.58 -1.95
C THR A 49 10.22 3.02 -2.68
N SER A 50 10.00 1.70 -2.57
CA SER A 50 8.86 1.07 -3.27
C SER A 50 8.91 1.40 -4.78
N SER A 51 10.10 1.25 -5.34
CA SER A 51 10.29 1.49 -6.75
C SER A 51 11.37 0.61 -7.31
N TRP A 52 11.27 0.39 -8.61
CA TRP A 52 12.31 -0.33 -9.32
C TRP A 52 13.43 0.57 -9.77
N ILE A 53 14.62 0.00 -9.82
CA ILE A 53 15.87 0.73 -10.16
C ILE A 53 16.40 0.14 -11.46
N PRO A 54 16.54 0.96 -12.54
CA PRO A 54 17.11 0.41 -13.82
C PRO A 54 18.60 0.16 -13.70
N LEU A 55 19.05 -0.95 -14.23
CA LEU A 55 20.44 -1.35 -14.11
C LEU A 55 21.35 -1.28 -15.33
N LEU A 56 20.71 -1.08 -16.50
CA LEU A 56 21.39 -1.13 -17.81
C LEU A 56 21.32 0.17 -18.59
N ASP A 57 21.15 1.32 -17.92
CA ASP A 57 21.07 2.59 -18.64
C ASP A 57 22.42 3.06 -19.25
N TRP A 58 23.50 2.44 -18.81
CA TRP A 58 24.83 2.66 -19.36
C TRP A 58 24.96 2.01 -20.75
N VAL A 59 24.06 1.08 -21.14
CA VAL A 59 24.11 0.55 -22.54
C VAL A 59 23.82 1.69 -23.51
N GLY A 60 24.69 1.82 -24.51
CA GLY A 60 24.69 2.97 -25.38
C GLY A 60 24.39 2.71 -26.86
N TRP A 61 24.87 3.62 -27.70
CA TRP A 61 24.45 3.69 -29.09
C TRP A 61 24.91 2.52 -29.91
N ASP A 62 26.10 2.06 -29.66
CA ASP A 62 26.69 1.00 -30.49
C ASP A 62 26.42 -0.42 -29.95
N ASN A 63 26.05 -0.54 -28.68
CA ASN A 63 25.81 -1.84 -28.05
C ASN A 63 24.35 -1.95 -27.57
N TRP A 64 23.47 -1.22 -28.22
CA TRP A 64 22.08 -1.07 -27.86
C TRP A 64 21.33 -2.35 -27.67
N GLY A 65 21.70 -3.40 -28.36
CA GLY A 65 21.02 -4.67 -28.20
C GLY A 65 21.09 -5.22 -26.83
N TRP A 66 22.05 -4.74 -26.00
CA TRP A 66 22.15 -5.27 -24.67
C TRP A 66 21.06 -4.80 -23.64
N ASN A 67 20.10 -3.99 -24.12
CA ASN A 67 18.91 -3.77 -23.40
C ASN A 67 17.91 -4.90 -23.54
N GLY A 68 18.15 -5.86 -24.42
CA GLY A 68 17.39 -7.08 -24.42
C GLY A 68 17.90 -8.04 -23.36
N VAL A 69 17.07 -8.43 -22.39
CA VAL A 69 17.53 -9.26 -21.32
C VAL A 69 16.83 -10.63 -21.35
N MET A 70 17.54 -11.56 -21.96
CA MET A 70 16.99 -12.90 -22.20
C MET A 70 16.86 -13.75 -20.97
N SER A 71 17.74 -13.51 -19.96
CA SER A 71 17.74 -14.26 -18.73
C SER A 71 18.49 -13.48 -17.67
N LEU A 72 18.09 -13.73 -16.43
CA LEU A 72 18.81 -13.16 -15.31
C LEU A 72 18.84 -14.17 -14.18
N ALA A 73 19.97 -14.24 -13.43
CA ALA A 73 20.09 -15.11 -12.24
C ALA A 73 20.67 -14.30 -11.09
N THR A 74 20.04 -14.40 -9.93
CA THR A 74 20.53 -13.73 -8.69
C THR A 74 21.01 -14.82 -7.77
N ASP A 75 22.23 -14.70 -7.22
CA ASP A 75 22.91 -15.82 -6.50
C ASP A 75 22.37 -15.99 -5.08
N ALA A 76 21.68 -17.13 -4.84
CA ALA A 76 21.20 -17.46 -3.49
C ALA A 76 22.33 -17.57 -2.44
N ALA A 77 23.47 -18.09 -2.85
CA ALA A 77 24.58 -18.27 -1.99
C ALA A 77 25.30 -16.96 -1.71
N ASP A 78 25.19 -15.97 -2.58
CA ASP A 78 25.85 -14.68 -2.40
C ASP A 78 25.00 -13.60 -3.06
N PRO A 79 24.06 -13.03 -2.29
CA PRO A 79 23.07 -12.17 -2.91
C PRO A 79 23.56 -10.88 -3.50
N ASN A 80 24.86 -10.54 -3.28
CA ASN A 80 25.41 -9.39 -4.06
C ASN A 80 25.68 -9.74 -5.54
N ARG A 81 25.70 -11.04 -5.88
CA ARG A 81 26.03 -11.46 -7.24
C ARG A 81 24.77 -11.59 -8.11
N VAL A 82 24.85 -11.09 -9.37
CA VAL A 82 23.80 -11.17 -10.34
C VAL A 82 24.36 -11.22 -11.72
N TYR A 83 23.66 -11.93 -12.59
CA TYR A 83 24.14 -12.19 -13.96
C TYR A 83 22.99 -11.97 -14.93
N ALA A 84 23.30 -11.53 -16.14
CA ALA A 84 22.27 -11.34 -17.17
C ALA A 84 22.79 -11.80 -18.50
N ALA A 85 21.96 -12.47 -19.26
CA ALA A 85 22.23 -12.76 -20.67
C ALA A 85 21.53 -11.73 -21.49
N VAL A 86 22.31 -11.02 -22.32
CA VAL A 86 21.79 -9.83 -22.99
C VAL A 86 22.10 -9.85 -24.50
N GLY A 87 21.25 -9.14 -25.27
CA GLY A 87 21.24 -9.12 -26.69
C GLY A 87 19.77 -9.16 -27.10
N MET A 88 19.46 -8.55 -28.26
CA MET A 88 18.03 -8.26 -28.51
C MET A 88 17.39 -9.08 -29.63
N TYR A 89 18.14 -9.27 -30.70
CA TYR A 89 17.65 -10.06 -31.83
C TYR A 89 18.69 -11.05 -32.28
N THR A 90 18.20 -12.21 -32.73
CA THR A 90 18.95 -13.26 -33.39
C THR A 90 18.78 -13.29 -34.87
N ASN A 91 18.18 -12.23 -35.43
CA ASN A 91 18.17 -11.99 -36.90
C ASN A 91 19.04 -10.76 -37.19
N THR A 92 18.89 -10.13 -38.35
CA THR A 92 19.81 -9.05 -38.74
C THR A 92 19.53 -7.71 -38.06
N TRP A 93 18.44 -7.63 -37.31
CA TRP A 93 18.07 -6.39 -36.70
C TRP A 93 19.02 -6.02 -35.60
N ASP A 94 19.68 -6.97 -34.97
CA ASP A 94 20.74 -6.68 -33.97
C ASP A 94 22.04 -7.12 -34.64
N PRO A 95 22.89 -6.14 -34.94
CA PRO A 95 24.15 -6.53 -35.61
C PRO A 95 25.18 -7.15 -34.68
N ASN A 96 24.95 -7.13 -33.37
CA ASN A 96 25.91 -7.63 -32.44
C ASN A 96 25.50 -8.94 -31.80
N ASN A 97 26.49 -9.71 -31.44
CA ASN A 97 26.32 -10.90 -30.61
C ASN A 97 25.85 -10.55 -29.23
N GLY A 98 25.44 -11.56 -28.52
CA GLY A 98 25.02 -11.39 -27.15
C GLY A 98 26.19 -11.46 -26.19
N ALA A 99 25.88 -11.35 -24.90
CA ALA A 99 26.92 -11.41 -23.88
C ALA A 99 26.32 -11.86 -22.56
N ILE A 100 27.16 -12.30 -21.70
CA ILE A 100 26.81 -12.50 -20.30
C ILE A 100 27.44 -11.36 -19.50
N LEU A 101 26.57 -10.62 -18.80
CA LEU A 101 27.01 -9.58 -17.87
C LEU A 101 27.09 -10.17 -16.46
N ARG A 102 28.13 -9.76 -15.72
CA ARG A 102 28.32 -10.26 -14.34
C ARG A 102 28.49 -9.06 -13.43
N SER A 103 27.93 -9.16 -12.25
CA SER A 103 28.02 -8.10 -11.26
C SER A 103 28.24 -8.67 -9.86
N THR A 104 28.93 -7.92 -9.01
CA THR A 104 29.11 -8.26 -7.61
C THR A 104 28.47 -7.17 -6.73
N ASP A 105 27.66 -6.29 -7.33
CA ASP A 105 26.99 -5.20 -6.56
C ASP A 105 25.57 -4.97 -7.03
N ARG A 106 24.91 -6.11 -7.23
CA ARG A 106 23.45 -6.17 -7.49
C ARG A 106 23.05 -5.41 -8.72
N GLY A 107 23.98 -5.31 -9.67
CA GLY A 107 23.68 -4.63 -10.90
C GLY A 107 24.02 -3.19 -11.00
N ASN A 108 24.60 -2.62 -9.92
CA ASN A 108 25.04 -1.24 -10.02
C ASN A 108 26.14 -1.12 -11.07
N THR A 109 27.06 -2.10 -11.12
CA THR A 109 28.07 -2.17 -12.19
C THR A 109 28.17 -3.59 -12.70
N TRP A 110 28.68 -3.70 -13.95
CA TRP A 110 28.80 -4.99 -14.59
C TRP A 110 30.10 -5.03 -15.40
N GLN A 111 30.51 -6.26 -15.64
CA GLN A 111 31.51 -6.58 -16.67
C GLN A 111 30.89 -7.55 -17.66
N ALA A 112 31.26 -7.35 -18.93
CA ALA A 112 30.74 -8.15 -20.03
C ALA A 112 31.67 -9.19 -20.56
N THR A 113 31.12 -10.38 -20.86
CA THR A 113 31.84 -11.43 -21.59
C THR A 113 31.03 -11.72 -22.83
N PRO A 114 31.52 -11.29 -24.01
CA PRO A 114 30.79 -11.57 -25.24
C PRO A 114 30.72 -13.04 -25.51
N LEU A 115 29.57 -13.47 -26.07
CA LEU A 115 29.31 -14.83 -26.50
C LEU A 115 29.44 -14.88 -28.02
N PRO A 116 29.80 -16.07 -28.55
CA PRO A 116 30.06 -16.14 -29.98
C PRO A 116 28.77 -16.43 -30.81
N PHE A 117 27.65 -15.90 -30.34
CA PHE A 117 26.37 -16.08 -31.01
C PHE A 117 25.43 -14.97 -30.51
N LYS A 118 24.27 -14.87 -31.11
CA LYS A 118 23.31 -13.87 -30.72
C LYS A 118 22.40 -14.34 -29.59
N VAL A 119 21.87 -13.34 -28.91
CA VAL A 119 20.91 -13.52 -27.84
C VAL A 119 19.64 -12.73 -28.21
N GLY A 120 18.50 -13.37 -28.01
CA GLY A 120 17.21 -12.91 -28.54
C GLY A 120 16.21 -12.34 -27.54
N GLY A 121 16.68 -11.35 -26.81
CA GLY A 121 15.88 -10.70 -25.79
C GLY A 121 14.51 -10.23 -26.26
N ASN A 122 14.34 -9.84 -27.54
CA ASN A 122 13.06 -9.47 -28.08
C ASN A 122 12.60 -10.44 -29.25
N MET A 123 12.95 -11.72 -29.12
CA MET A 123 12.59 -12.75 -30.06
C MET A 123 11.52 -13.64 -29.56
N PRO A 124 10.86 -14.36 -30.44
CA PRO A 124 9.99 -15.43 -29.98
C PRO A 124 10.70 -16.37 -29.04
N GLY A 125 9.95 -16.84 -28.05
CA GLY A 125 10.47 -17.75 -27.05
C GLY A 125 11.03 -17.06 -25.75
N ARG A 126 11.00 -15.73 -25.73
CA ARG A 126 11.70 -14.98 -24.65
C ARG A 126 11.06 -15.12 -23.31
N GLY A 127 9.83 -15.63 -23.22
CA GLY A 127 9.25 -15.95 -21.92
C GLY A 127 9.57 -17.25 -21.30
N MET A 128 10.27 -18.11 -22.03
CA MET A 128 10.73 -19.37 -21.48
C MET A 128 11.99 -19.11 -20.68
N GLY A 129 12.21 -19.80 -19.61
CA GLY A 129 13.37 -19.56 -18.80
C GLY A 129 13.24 -20.08 -17.41
N GLU A 130 14.19 -19.76 -16.53
CA GLU A 130 15.41 -18.96 -16.84
C GLU A 130 16.47 -19.87 -17.48
N ARG A 131 17.04 -19.36 -18.57
CA ARG A 131 18.18 -20.00 -19.27
C ARG A 131 19.46 -20.01 -18.46
N LEU A 132 19.65 -18.99 -17.62
CA LEU A 132 20.85 -18.86 -16.79
C LEU A 132 20.58 -19.41 -15.44
N ALA A 133 21.43 -20.24 -14.91
CA ALA A 133 21.26 -20.78 -13.57
C ALA A 133 22.68 -20.98 -12.89
N ILE A 134 22.69 -20.63 -11.60
CA ILE A 134 23.88 -20.71 -10.79
C ILE A 134 23.75 -21.92 -9.89
N ASP A 135 24.81 -22.69 -9.76
CA ASP A 135 24.80 -23.80 -8.83
C ASP A 135 24.62 -23.30 -7.42
N PRO A 136 23.65 -23.86 -6.70
CA PRO A 136 23.34 -23.27 -5.35
C PRO A 136 24.33 -23.73 -4.32
N ASN A 137 25.10 -24.79 -4.64
CA ASN A 137 26.12 -25.33 -3.72
C ASN A 137 27.54 -24.85 -4.00
N ARG A 138 27.90 -24.77 -5.28
CA ARG A 138 29.19 -24.25 -5.72
C ARG A 138 28.97 -23.09 -6.70
N ASN A 139 28.87 -21.88 -6.14
CA ASN A 139 28.30 -20.75 -6.88
C ASN A 139 29.25 -20.14 -7.92
N SER A 140 30.46 -20.69 -8.05
CA SER A 140 31.35 -20.35 -9.16
C SER A 140 30.87 -20.95 -10.49
N ILE A 141 29.91 -21.88 -10.45
CA ILE A 141 29.45 -22.63 -11.64
C ILE A 141 28.13 -21.99 -12.09
N ILE A 142 28.09 -21.58 -13.38
CA ILE A 142 26.89 -20.97 -13.96
C ILE A 142 26.68 -21.68 -15.31
N TYR A 143 25.42 -22.02 -15.59
CA TYR A 143 24.99 -22.50 -16.90
C TYR A 143 24.20 -21.49 -17.65
N TYR A 144 24.27 -21.59 -18.97
CA TYR A 144 23.38 -20.82 -19.87
C TYR A 144 22.85 -21.68 -21.00
N GLY A 145 21.53 -21.77 -21.10
CA GLY A 145 20.89 -22.47 -22.23
C GLY A 145 20.81 -21.51 -23.41
N ALA A 146 21.49 -21.81 -24.51
CA ALA A 146 21.59 -20.84 -25.62
C ALA A 146 20.52 -21.12 -26.69
N GLU A 147 20.29 -20.08 -27.51
CA GLU A 147 19.50 -20.18 -28.69
C GLU A 147 20.33 -20.70 -29.87
N GLY A 148 19.61 -21.02 -30.98
CA GLY A 148 20.25 -21.25 -32.27
C GLY A 148 20.72 -22.66 -32.54
N GLY A 149 20.66 -23.54 -31.53
CA GLY A 149 21.27 -24.87 -31.60
C GLY A 149 22.69 -24.83 -31.08
N ASN A 150 23.12 -23.70 -30.51
CA ASN A 150 24.47 -23.63 -29.88
C ASN A 150 24.57 -24.46 -28.59
N GLY A 151 23.42 -24.91 -28.01
CA GLY A 151 23.48 -25.90 -26.94
C GLY A 151 23.60 -25.26 -25.59
N LEU A 152 24.27 -25.97 -24.71
CA LEU A 152 24.39 -25.60 -23.31
C LEU A 152 25.79 -25.09 -23.10
N TRP A 153 25.90 -23.94 -22.43
CA TRP A 153 27.15 -23.29 -22.16
C TRP A 153 27.33 -23.16 -20.67
N ARG A 154 28.60 -22.98 -20.27
CA ARG A 154 28.94 -23.02 -18.85
C ARG A 154 30.15 -22.18 -18.53
N SER A 155 30.14 -21.63 -17.32
CA SER A 155 31.26 -20.93 -16.74
C SER A 155 31.55 -21.61 -15.40
N THR A 156 32.86 -21.71 -15.09
CA THR A 156 33.30 -22.25 -13.79
C THR A 156 34.10 -21.20 -13.06
N ASP A 157 33.93 -19.91 -13.46
CA ASP A 157 34.71 -18.81 -12.85
C ASP A 157 33.82 -17.62 -12.63
N TYR A 158 32.63 -17.88 -12.09
CA TYR A 158 31.73 -16.77 -11.71
C TYR A 158 31.37 -15.91 -12.91
N GLY A 159 31.21 -16.57 -14.06
CA GLY A 159 30.73 -15.86 -15.26
C GLY A 159 31.79 -15.13 -16.09
N ALA A 160 33.04 -15.13 -15.69
CA ALA A 160 34.04 -14.40 -16.45
C ALA A 160 34.37 -15.00 -17.78
N THR A 161 34.51 -16.32 -17.83
CA THR A 161 34.70 -17.03 -19.08
C THR A 161 33.64 -18.09 -19.26
N TRP A 162 33.27 -18.31 -20.56
CA TRP A 162 32.23 -19.24 -20.97
C TRP A 162 32.71 -20.18 -22.05
N ALA A 163 32.18 -21.39 -22.03
CA ALA A 163 32.48 -22.33 -23.12
C ALA A 163 31.35 -23.29 -23.27
N LYS A 164 31.28 -23.93 -24.43
CA LYS A 164 30.26 -24.91 -24.76
C LYS A 164 30.48 -26.19 -23.96
N VAL A 165 29.38 -26.75 -23.43
CA VAL A 165 29.42 -28.05 -22.77
C VAL A 165 29.39 -29.11 -23.89
N SER A 166 30.57 -29.67 -24.18
CA SER A 166 30.71 -30.62 -25.30
CA SER A 166 30.75 -30.65 -25.27
C SER A 166 29.83 -31.87 -25.14
N SER A 167 29.51 -32.24 -23.91
CA SER A 167 28.74 -33.46 -23.66
C SER A 167 27.24 -33.29 -23.75
N PHE A 168 26.77 -32.06 -23.96
CA PHE A 168 25.36 -31.78 -24.10
C PHE A 168 25.09 -31.66 -25.61
N THR A 169 24.39 -32.63 -26.20
CA THR A 169 24.42 -32.66 -27.68
C THR A 169 23.08 -32.45 -28.36
N ASN A 170 22.13 -31.89 -27.65
CA ASN A 170 20.88 -31.50 -28.33
C ASN A 170 20.64 -30.03 -28.12
N GLY A 171 20.80 -29.26 -29.17
CA GLY A 171 20.63 -27.79 -29.11
C GLY A 171 19.21 -27.32 -29.35
N GLY A 172 18.31 -28.24 -29.63
CA GLY A 172 16.94 -27.88 -29.92
C GLY A 172 16.69 -27.80 -31.43
N ASN A 173 15.46 -28.05 -31.85
CA ASN A 173 15.15 -28.06 -33.29
C ASN A 173 13.82 -27.36 -33.66
N TYR A 174 13.23 -26.65 -32.70
CA TYR A 174 12.04 -25.90 -32.91
C TYR A 174 12.31 -24.43 -33.23
N ALA A 175 11.71 -23.98 -34.32
CA ALA A 175 11.48 -22.53 -34.62
C ALA A 175 9.97 -22.35 -34.84
N GLN A 176 9.45 -21.23 -34.41
CA GLN A 176 8.01 -20.98 -34.52
C GLN A 176 7.49 -21.16 -35.94
N ASP A 177 8.17 -20.55 -36.91
CA ASP A 177 7.84 -20.72 -38.33
C ASP A 177 9.18 -20.73 -39.11
N PRO A 178 9.74 -21.91 -39.43
CA PRO A 178 11.04 -22.00 -40.13
C PRO A 178 11.09 -21.45 -41.49
N ASN A 179 9.94 -21.11 -42.07
CA ASN A 179 9.91 -20.51 -43.41
C ASN A 179 9.46 -19.07 -43.43
N ASP A 180 9.44 -18.39 -42.28
CA ASP A 180 9.00 -17.02 -42.21
C ASP A 180 9.77 -16.11 -43.14
N PRO A 181 9.09 -15.55 -44.15
CA PRO A 181 9.87 -14.66 -45.01
C PRO A 181 10.36 -13.37 -44.41
N ASN A 182 9.73 -12.96 -43.33
CA ASN A 182 10.17 -11.80 -42.61
C ASN A 182 11.40 -12.05 -41.74
N ASP A 183 11.83 -13.29 -41.55
CA ASP A 183 13.09 -13.60 -40.86
C ASP A 183 13.03 -13.19 -39.39
N TYR A 184 11.85 -13.37 -38.81
CA TYR A 184 11.65 -13.07 -37.35
C TYR A 184 11.17 -14.29 -36.57
N LEU A 185 10.31 -15.11 -37.15
CA LEU A 185 9.74 -16.24 -36.42
C LEU A 185 10.49 -17.52 -36.65
N ASN A 186 11.60 -17.43 -37.37
CA ASN A 186 12.32 -18.60 -37.95
C ASN A 186 13.60 -19.03 -37.25
N LYS A 187 13.86 -18.56 -36.02
CA LYS A 187 15.11 -18.85 -35.34
C LYS A 187 14.90 -19.97 -34.33
N ILE A 188 15.89 -20.84 -34.18
CA ILE A 188 15.85 -21.96 -33.28
C ILE A 188 15.91 -21.44 -31.85
N GLN A 189 14.89 -21.77 -31.08
CA GLN A 189 14.74 -21.22 -29.73
C GLN A 189 15.71 -21.89 -28.74
N GLY A 190 16.08 -23.17 -28.96
CA GLY A 190 17.26 -23.72 -28.31
C GLY A 190 17.02 -24.37 -26.95
N VAL A 191 17.95 -24.14 -26.04
CA VAL A 191 17.96 -24.75 -24.67
C VAL A 191 17.40 -23.68 -23.76
N VAL A 192 16.23 -23.97 -23.20
CA VAL A 192 15.37 -22.96 -22.68
C VAL A 192 15.39 -22.75 -21.16
N TRP A 193 15.84 -23.70 -20.33
CA TRP A 193 16.02 -23.46 -18.88
C TRP A 193 16.93 -24.46 -18.27
N VAL A 194 17.52 -24.14 -17.13
CA VAL A 194 18.41 -25.03 -16.43
C VAL A 194 17.97 -24.92 -14.95
N THR A 195 17.76 -26.08 -14.33
CA THR A 195 17.25 -26.15 -12.99
C THR A 195 18.04 -27.15 -12.15
N PHE A 196 18.62 -26.67 -11.05
CA PHE A 196 19.37 -27.51 -10.15
C PHE A 196 18.53 -28.21 -9.10
N ASP A 197 18.95 -29.42 -8.72
CA ASP A 197 18.53 -30.06 -7.50
C ASP A 197 19.49 -29.65 -6.40
N PRO A 198 19.06 -28.84 -5.48
CA PRO A 198 20.02 -28.32 -4.48
C PRO A 198 20.43 -29.36 -3.42
N ALA A 199 19.65 -30.44 -3.27
CA ALA A 199 20.02 -31.49 -2.36
C ALA A 199 21.07 -32.43 -2.91
N SER A 200 21.50 -32.25 -4.18
CA SER A 200 22.50 -33.07 -4.81
C SER A 200 23.93 -32.59 -4.62
N GLY A 201 24.12 -31.59 -3.74
CA GLY A 201 25.51 -31.21 -3.29
C GLY A 201 25.38 -30.53 -1.93
N SER A 202 26.48 -30.06 -1.39
CA SER A 202 26.43 -29.30 -0.16
C SER A 202 27.34 -28.11 -0.34
N ALA A 203 27.30 -27.17 0.61
CA ALA A 203 27.91 -25.90 0.33
C ALA A 203 29.37 -26.11 0.06
N GLY A 204 29.86 -25.51 -1.00
CA GLY A 204 31.24 -25.68 -1.43
C GLY A 204 31.49 -26.77 -2.43
N ASN A 205 30.53 -27.64 -2.72
CA ASN A 205 30.77 -28.79 -3.59
CA ASN A 205 30.81 -28.75 -3.64
C ASN A 205 29.76 -28.79 -4.73
N THR A 206 30.17 -29.29 -5.88
CA THR A 206 29.38 -29.21 -7.11
C THR A 206 28.05 -29.99 -7.00
N SER A 207 26.96 -29.35 -7.37
CA SER A 207 25.68 -30.07 -7.41
C SER A 207 25.70 -31.13 -8.48
N GLN A 208 25.32 -32.35 -8.14
CA GLN A 208 25.43 -33.47 -9.08
C GLN A 208 24.26 -33.64 -10.02
N VAL A 209 23.08 -33.14 -9.66
CA VAL A 209 21.84 -33.38 -10.40
C VAL A 209 21.37 -32.08 -10.93
N ILE A 210 21.27 -32.02 -12.26
CA ILE A 210 20.87 -30.85 -13.04
C ILE A 210 19.84 -31.29 -14.10
N TYR A 211 18.75 -30.54 -14.19
CA TYR A 211 17.75 -30.72 -15.23
C TYR A 211 17.81 -29.58 -16.23
N VAL A 212 17.56 -29.93 -17.48
CA VAL A 212 17.64 -28.91 -18.57
C VAL A 212 16.44 -29.11 -19.48
N GLY A 213 15.79 -27.98 -19.78
CA GLY A 213 14.71 -27.97 -20.80
C GLY A 213 15.19 -27.55 -22.16
N VAL A 214 14.63 -28.21 -23.20
CA VAL A 214 15.08 -28.04 -24.58
C VAL A 214 13.82 -27.85 -25.39
N ALA A 215 13.81 -26.87 -26.26
CA ALA A 215 12.68 -26.71 -27.21
C ALA A 215 12.83 -27.71 -28.37
N ASP A 216 12.35 -28.91 -28.05
CA ASP A 216 12.42 -30.08 -28.92
C ASP A 216 11.24 -30.95 -28.44
N THR A 217 10.19 -31.08 -29.25
CA THR A 217 8.99 -31.84 -28.86
C THR A 217 9.22 -33.27 -28.46
N GLN A 218 10.28 -33.88 -28.97
CA GLN A 218 10.57 -35.27 -28.71
C GLN A 218 11.66 -35.49 -27.66
N ASN A 219 12.31 -34.44 -27.22
CA ASN A 219 13.37 -34.53 -26.24
C ASN A 219 13.37 -33.26 -25.39
N ALA A 220 12.29 -33.04 -24.64
CA ALA A 220 12.12 -31.78 -23.95
C ALA A 220 12.99 -31.63 -22.67
N ILE A 221 13.27 -32.75 -22.05
CA ILE A 221 13.93 -32.75 -20.75
C ILE A 221 15.15 -33.63 -20.71
N TYR A 222 16.26 -33.03 -20.29
CA TYR A 222 17.52 -33.73 -20.06
C TYR A 222 17.91 -33.63 -18.60
N ARG A 223 18.76 -34.56 -18.21
CA ARG A 223 19.30 -34.61 -16.85
C ARG A 223 20.75 -35.06 -16.82
N SER A 224 21.54 -34.47 -15.92
CA SER A 224 22.84 -34.97 -15.51
C SER A 224 22.75 -35.41 -14.06
N THR A 225 23.34 -36.57 -13.73
CA THR A 225 23.48 -37.00 -12.37
C THR A 225 24.92 -37.02 -11.91
N ASP A 226 25.83 -36.50 -12.74
CA ASP A 226 27.28 -36.51 -12.42
C ASP A 226 27.85 -35.11 -12.49
N GLY A 227 27.06 -34.10 -12.15
CA GLY A 227 27.61 -32.78 -12.08
C GLY A 227 27.94 -32.13 -13.38
N GLY A 228 27.25 -32.57 -14.40
CA GLY A 228 27.34 -31.98 -15.72
C GLY A 228 28.41 -32.59 -16.60
N THR A 229 29.01 -33.68 -16.16
CA THR A 229 29.96 -34.39 -17.02
C THR A 229 29.26 -35.10 -18.19
N THR A 230 28.15 -35.79 -17.93
CA THR A 230 27.35 -36.41 -18.97
C THR A 230 25.88 -36.02 -18.80
N TRP A 231 25.12 -36.23 -19.88
CA TRP A 231 23.74 -35.83 -19.94
C TRP A 231 22.94 -36.88 -20.73
N SER A 232 21.70 -37.04 -20.36
CA SER A 232 20.85 -37.89 -21.15
C SER A 232 19.38 -37.48 -21.03
N ARG A 233 18.59 -37.86 -22.00
CA ARG A 233 17.18 -37.54 -21.92
C ARG A 233 16.52 -38.25 -20.82
N LEU A 234 15.55 -37.59 -20.17
CA LEU A 234 14.86 -38.25 -19.09
C LEU A 234 13.93 -39.34 -19.55
N ALA A 235 14.09 -40.59 -19.06
CA ALA A 235 13.22 -41.66 -19.55
C ALA A 235 11.76 -41.48 -19.19
N GLY A 236 10.90 -41.91 -20.09
CA GLY A 236 9.44 -41.89 -19.88
C GLY A 236 8.77 -40.56 -19.98
N GLN A 237 9.51 -39.51 -20.37
CA GLN A 237 8.92 -38.22 -20.44
C GLN A 237 7.86 -38.12 -21.52
N PRO A 238 6.92 -37.19 -21.37
CA PRO A 238 5.97 -36.93 -22.42
C PRO A 238 6.57 -36.20 -23.62
N THR A 239 5.93 -36.42 -24.77
CA THR A 239 6.33 -35.83 -26.01
C THR A 239 5.21 -35.04 -26.61
N GLY A 240 5.60 -34.14 -27.50
CA GLY A 240 4.67 -33.34 -28.28
C GLY A 240 4.68 -31.85 -28.03
N PHE A 241 5.32 -31.43 -26.96
CA PHE A 241 5.24 -30.06 -26.48
C PHE A 241 6.54 -29.52 -25.96
N LEU A 242 6.60 -28.18 -25.77
CA LEU A 242 7.80 -27.49 -25.42
C LEU A 242 7.70 -27.04 -23.97
N PRO A 243 8.81 -27.15 -23.19
CA PRO A 243 8.80 -26.90 -21.78
C PRO A 243 9.10 -25.44 -21.44
N HIS A 244 8.07 -24.65 -21.12
CA HIS A 244 8.33 -23.25 -20.78
C HIS A 244 9.03 -23.03 -19.46
N LYS A 245 8.77 -23.91 -18.49
CA LYS A 245 9.32 -23.81 -17.11
C LYS A 245 9.57 -25.18 -16.52
N GLY A 246 10.64 -25.29 -15.76
CA GLY A 246 10.94 -26.48 -14.97
C GLY A 246 11.37 -26.02 -13.57
N VAL A 247 10.53 -26.40 -12.59
CA VAL A 247 10.68 -25.98 -11.21
C VAL A 247 10.89 -27.25 -10.37
N TYR A 248 11.95 -27.26 -9.57
CA TYR A 248 12.31 -28.43 -8.76
C TYR A 248 12.11 -28.15 -7.32
N ASP A 249 11.49 -29.11 -6.65
CA ASP A 249 11.27 -29.05 -5.19
C ASP A 249 12.03 -30.19 -4.53
N ALA A 250 13.04 -29.83 -3.75
CA ALA A 250 13.84 -30.83 -3.09
C ALA A 250 13.17 -31.38 -1.82
N VAL A 251 12.13 -30.72 -1.35
CA VAL A 251 11.42 -31.19 -0.17
C VAL A 251 10.68 -32.46 -0.46
N ASN A 252 9.96 -32.51 -1.58
CA ASN A 252 9.24 -33.69 -2.02
C ASN A 252 10.00 -34.48 -3.09
N GLY A 253 11.08 -33.94 -3.60
CA GLY A 253 11.85 -34.57 -4.64
C GLY A 253 11.18 -34.73 -5.99
N VAL A 254 10.60 -33.63 -6.46
CA VAL A 254 9.78 -33.63 -7.66
C VAL A 254 10.13 -32.43 -8.54
N LEU A 255 10.15 -32.71 -9.83
CA LEU A 255 10.28 -31.68 -10.86
C LEU A 255 8.88 -31.45 -11.47
N TYR A 256 8.46 -30.17 -11.55
CA TYR A 256 7.23 -29.74 -12.19
C TYR A 256 7.62 -29.05 -13.48
N ILE A 257 6.90 -29.40 -14.57
CA ILE A 257 7.19 -28.82 -15.87
C ILE A 257 5.89 -28.33 -16.51
N ALA A 258 5.90 -27.11 -17.02
CA ALA A 258 4.75 -26.52 -17.75
C ALA A 258 5.09 -26.51 -19.21
N TYR A 259 4.19 -27.08 -20.02
CA TYR A 259 4.44 -27.21 -21.47
C TYR A 259 3.39 -26.44 -22.26
N SER A 260 3.77 -26.06 -23.47
CA SER A 260 2.89 -25.46 -24.43
C SER A 260 3.25 -25.95 -25.88
N ASP A 261 2.40 -25.75 -26.87
CA ASP A 261 2.68 -26.17 -28.22
C ASP A 261 3.49 -25.12 -28.98
N THR A 262 3.75 -23.95 -28.46
CA THR A 262 4.59 -22.97 -29.12
C THR A 262 5.57 -22.39 -28.09
N GLY A 263 6.58 -21.68 -28.57
CA GLY A 263 7.47 -21.01 -27.67
C GLY A 263 7.02 -19.78 -26.96
N GLY A 264 5.85 -19.26 -27.33
CA GLY A 264 5.38 -18.00 -26.71
C GLY A 264 6.14 -16.82 -27.26
N PRO A 265 5.83 -15.60 -26.81
CA PRO A 265 4.91 -15.33 -25.69
C PRO A 265 3.52 -14.96 -26.08
N TYR A 266 3.21 -14.83 -27.38
CA TYR A 266 1.92 -14.32 -27.86
C TYR A 266 0.93 -15.39 -28.19
N ASP A 267 1.34 -16.64 -28.23
CA ASP A 267 0.47 -17.76 -28.59
C ASP A 267 0.68 -18.96 -27.68
N GLY A 268 -0.01 -20.04 -28.01
CA GLY A 268 0.01 -21.25 -27.25
C GLY A 268 -1.50 -21.70 -27.16
N ALA A 269 -1.73 -22.86 -27.74
CA ALA A 269 -3.09 -23.40 -27.97
C ALA A 269 -3.35 -24.70 -27.26
N LYS A 270 -2.34 -25.32 -26.67
CA LYS A 270 -2.43 -26.61 -26.11
C LYS A 270 -1.19 -26.89 -25.29
N GLY A 271 -1.34 -27.71 -24.26
CA GLY A 271 -0.21 -28.09 -23.42
C GLY A 271 -0.66 -28.96 -22.25
N ASP A 272 0.27 -29.13 -21.31
CA ASP A 272 0.12 -29.95 -20.12
C ASP A 272 1.05 -29.46 -19.03
N VAL A 273 0.75 -29.84 -17.79
CA VAL A 273 1.64 -29.71 -16.69
C VAL A 273 1.95 -31.12 -16.20
N TRP A 274 3.24 -31.45 -16.04
CA TRP A 274 3.64 -32.76 -15.55
C TRP A 274 4.51 -32.69 -14.28
N LYS A 275 4.49 -33.75 -13.52
CA LYS A 275 5.28 -33.92 -12.27
C LYS A 275 6.14 -35.15 -12.46
N PHE A 276 7.45 -35.00 -12.31
CA PHE A 276 8.40 -36.10 -12.30
C PHE A 276 8.91 -36.31 -10.91
N THR A 277 8.75 -37.53 -10.38
CA THR A 277 9.22 -37.85 -9.04
C THR A 277 10.60 -38.53 -9.18
N ALA A 278 11.64 -37.89 -8.66
CA ALA A 278 12.99 -38.27 -8.99
C ALA A 278 13.38 -39.61 -8.39
N SER A 279 12.91 -39.93 -7.20
CA SER A 279 13.30 -41.22 -6.54
C SER A 279 12.80 -42.46 -7.31
N SER A 280 11.64 -42.36 -7.93
CA SER A 280 11.04 -43.51 -8.59
C SER A 280 11.13 -43.42 -10.12
N GLY A 281 11.38 -42.21 -10.65
CA GLY A 281 11.27 -41.94 -12.07
C GLY A 281 9.91 -41.89 -12.67
N THR A 282 8.89 -41.76 -11.83
CA THR A 282 7.50 -41.76 -12.29
C THR A 282 7.08 -40.39 -12.82
N TRP A 283 6.27 -40.45 -13.86
CA TRP A 283 5.64 -39.28 -14.47
C TRP A 283 4.17 -39.28 -14.21
N THR A 284 3.65 -38.11 -13.84
CA THR A 284 2.26 -37.94 -13.61
C THR A 284 1.76 -36.63 -14.25
N ASN A 285 0.69 -36.77 -15.00
CA ASN A 285 0.07 -35.57 -15.65
C ASN A 285 -0.80 -34.89 -14.61
N ILE A 286 -0.38 -33.71 -14.13
CA ILE A 286 -1.11 -32.94 -13.13
C ILE A 286 -1.76 -31.71 -13.77
N SER A 287 -2.09 -31.73 -15.07
CA SER A 287 -2.67 -30.55 -15.70
C SER A 287 -3.98 -30.19 -15.06
N PRO A 288 -4.25 -28.92 -14.76
CA PRO A 288 -5.61 -28.50 -14.39
C PRO A 288 -6.61 -28.96 -15.46
N ILE A 289 -6.23 -28.80 -16.72
CA ILE A 289 -6.96 -29.29 -17.87
C ILE A 289 -5.91 -29.85 -18.85
N PRO A 290 -5.91 -31.19 -19.04
CA PRO A 290 -4.88 -31.81 -19.85
C PRO A 290 -5.18 -31.64 -21.34
N SER A 291 -4.14 -31.78 -22.19
CA SER A 291 -4.35 -31.71 -23.61
C SER A 291 -5.25 -32.83 -24.17
N SER A 292 -5.42 -33.91 -23.43
CA SER A 292 -6.39 -34.95 -23.84
C SER A 292 -7.82 -34.43 -23.72
N SER A 293 -8.09 -33.34 -23.03
CA SER A 293 -9.43 -32.79 -22.96
C SER A 293 -9.69 -31.97 -24.21
N SER A 294 -10.80 -32.26 -24.90
CA SER A 294 -11.11 -31.71 -26.21
C SER A 294 -11.26 -30.22 -26.21
N ASP A 295 -11.53 -29.60 -25.10
CA ASP A 295 -11.80 -28.22 -25.10
C ASP A 295 -10.63 -27.31 -24.65
N LEU A 296 -9.48 -27.90 -24.33
CA LEU A 296 -8.32 -27.09 -23.89
C LEU A 296 -7.96 -26.19 -25.02
N TYR A 297 -7.76 -24.92 -24.71
CA TYR A 297 -7.41 -23.96 -25.75
C TYR A 297 -6.18 -23.06 -25.49
N PHE A 298 -5.39 -23.52 -24.53
CA PHE A 298 -4.12 -22.89 -24.18
C PHE A 298 -3.10 -23.92 -23.74
N GLY A 299 -1.84 -23.53 -23.77
CA GLY A 299 -0.79 -24.26 -23.07
C GLY A 299 -0.54 -23.68 -21.69
N TYR A 300 0.58 -24.05 -21.09
CA TYR A 300 0.86 -23.66 -19.72
C TYR A 300 2.18 -22.98 -19.56
N SER A 301 2.19 -21.97 -18.69
CA SER A 301 3.42 -21.32 -18.21
C SER A 301 3.17 -20.74 -16.85
N GLY A 302 3.99 -19.80 -16.44
CA GLY A 302 3.67 -19.17 -15.17
C GLY A 302 3.68 -20.13 -13.97
N LEU A 303 4.56 -21.11 -14.01
CA LEU A 303 4.66 -22.19 -13.03
C LEU A 303 5.50 -21.66 -11.92
N THR A 304 5.02 -21.86 -10.70
CA THR A 304 5.78 -21.40 -9.51
C THR A 304 5.36 -22.29 -8.32
N ILE A 305 6.35 -22.57 -7.46
CA ILE A 305 6.17 -23.28 -6.22
C ILE A 305 6.34 -22.31 -5.07
N ASP A 306 5.54 -22.47 -4.03
CA ASP A 306 5.65 -21.73 -2.75
C ASP A 306 6.76 -22.35 -1.88
N ARG A 307 7.94 -21.73 -1.82
CA ARG A 307 9.00 -22.36 -1.14
C ARG A 307 8.75 -22.54 0.35
N LYS A 308 8.06 -21.62 0.96
CA LYS A 308 7.67 -21.79 2.36
C LYS A 308 6.75 -22.95 2.61
N ASN A 309 5.93 -23.32 1.61
CA ASN A 309 4.90 -24.37 1.76
C ASN A 309 4.86 -25.07 0.40
N PRO A 310 5.84 -25.94 0.16
CA PRO A 310 6.07 -26.47 -1.19
C PRO A 310 5.08 -27.51 -1.67
N ASN A 311 4.07 -27.88 -0.89
CA ASN A 311 2.93 -28.57 -1.51
C ASN A 311 2.03 -27.62 -2.31
N THR A 312 2.27 -26.32 -2.18
CA THR A 312 1.51 -25.33 -2.95
C THR A 312 2.24 -24.87 -4.17
N LEU A 313 1.51 -24.91 -5.30
CA LEU A 313 2.04 -24.42 -6.58
C LEU A 313 0.97 -23.79 -7.40
N MET A 314 1.41 -22.94 -8.32
CA MET A 314 0.50 -22.31 -9.24
C MET A 314 1.01 -22.47 -10.69
N VAL A 315 0.07 -22.35 -11.65
CA VAL A 315 0.38 -22.34 -13.05
C VAL A 315 -0.64 -21.51 -13.75
N ALA A 316 -0.40 -21.13 -15.01
CA ALA A 316 -1.23 -20.15 -15.70
C ALA A 316 -1.37 -20.46 -17.17
N SER A 317 -2.35 -19.91 -17.81
CA SER A 317 -2.61 -20.09 -19.23
C SER A 317 -1.58 -19.37 -20.09
N GLN A 318 -1.03 -20.12 -21.05
CA GLN A 318 -0.10 -19.58 -22.07
C GLN A 318 -0.66 -20.11 -23.45
N ILE A 319 -1.63 -19.42 -24.09
CA ILE A 319 -2.19 -18.15 -23.69
C ILE A 319 -3.68 -18.19 -23.83
N ALA A 320 -4.38 -17.55 -22.87
CA ALA A 320 -5.80 -17.26 -23.05
C ALA A 320 -6.00 -15.80 -23.14
N TRP A 321 -6.23 -15.34 -24.37
CA TRP A 321 -6.64 -13.99 -24.66
C TRP A 321 -8.09 -13.78 -24.26
N TRP A 322 -8.90 -14.81 -24.33
CA TRP A 322 -10.33 -14.68 -24.07
C TRP A 322 -10.78 -15.74 -23.10
N PRO A 323 -11.64 -15.41 -22.12
CA PRO A 323 -12.04 -14.05 -21.83
C PRO A 323 -10.96 -13.23 -21.13
N ASP A 324 -9.95 -13.91 -20.60
CA ASP A 324 -8.86 -13.36 -19.83
C ASP A 324 -7.91 -14.51 -19.52
N ALA A 325 -6.75 -14.20 -18.94
CA ALA A 325 -5.91 -15.21 -18.39
C ALA A 325 -6.63 -16.06 -17.36
N VAL A 326 -6.15 -17.28 -17.16
CA VAL A 326 -6.62 -18.13 -16.04
C VAL A 326 -5.40 -18.55 -15.23
N PHE A 327 -5.44 -18.36 -13.91
CA PHE A 327 -4.47 -18.86 -12.99
C PHE A 327 -5.08 -20.00 -12.15
N PHE A 328 -4.28 -21.03 -11.92
CA PHE A 328 -4.63 -22.22 -11.17
C PHE A 328 -3.74 -22.33 -9.98
N ARG A 329 -4.32 -22.84 -8.87
CA ARG A 329 -3.59 -23.06 -7.61
C ARG A 329 -3.88 -24.43 -7.01
N SER A 330 -2.81 -25.12 -6.63
CA SER A 330 -2.96 -26.37 -5.93
C SER A 330 -2.25 -26.27 -4.60
N THR A 331 -2.86 -26.85 -3.54
CA THR A 331 -2.19 -26.95 -2.26
C THR A 331 -1.82 -28.38 -1.93
N ASN A 332 -1.88 -29.27 -2.91
CA ASN A 332 -1.62 -30.70 -2.71
C ASN A 332 -0.75 -31.30 -3.78
N GLY A 333 0.26 -30.52 -4.20
CA GLY A 333 1.23 -31.05 -5.15
C GLY A 333 0.68 -31.34 -6.52
N GLY A 334 -0.40 -30.68 -6.88
CA GLY A 334 -0.96 -30.90 -8.22
C GLY A 334 -2.01 -31.99 -8.32
N ALA A 335 -2.41 -32.59 -7.21
CA ALA A 335 -3.47 -33.59 -7.28
C ALA A 335 -4.82 -32.98 -7.57
N SER A 336 -5.09 -31.78 -7.04
CA SER A 336 -6.29 -31.01 -7.48
C SER A 336 -6.00 -29.51 -7.48
N TRP A 337 -6.79 -28.77 -8.25
CA TRP A 337 -6.63 -27.35 -8.44
C TRP A 337 -7.92 -26.60 -8.22
N THR A 338 -7.83 -25.33 -7.87
CA THR A 338 -8.87 -24.39 -8.13
C THR A 338 -8.37 -23.26 -9.04
N ARG A 339 -9.28 -22.41 -9.47
CA ARG A 339 -9.00 -21.44 -10.47
C ARG A 339 -9.35 -20.06 -9.98
N ILE A 340 -8.67 -19.05 -10.54
CA ILE A 340 -8.87 -17.66 -10.04
C ILE A 340 -10.20 -17.02 -10.46
N TRP A 341 -10.87 -17.59 -11.43
CA TRP A 341 -12.25 -17.24 -11.82
C TRP A 341 -12.91 -18.45 -12.39
N ASP A 342 -14.25 -18.42 -12.31
CA ASP A 342 -15.06 -19.48 -12.86
C ASP A 342 -16.25 -18.91 -13.55
N TRP A 343 -16.79 -19.61 -14.55
CA TRP A 343 -18.10 -19.24 -15.10
C TRP A 343 -19.15 -19.46 -14.12
N THR A 344 -20.13 -18.57 -14.07
CA THR A 344 -21.39 -18.82 -13.29
C THR A 344 -22.39 -19.22 -14.39
N SER A 345 -23.13 -18.25 -14.89
CA SER A 345 -23.86 -18.42 -16.12
C SER A 345 -23.29 -17.54 -17.17
N TYR A 346 -22.70 -18.15 -18.19
CA TYR A 346 -22.12 -17.38 -19.27
C TYR A 346 -23.06 -16.25 -19.69
N PRO A 347 -22.57 -15.02 -19.89
CA PRO A 347 -21.14 -14.59 -19.89
C PRO A 347 -20.64 -14.11 -18.54
N SER A 348 -21.36 -14.39 -17.47
CA SER A 348 -20.93 -13.97 -16.10
C SER A 348 -19.94 -14.92 -15.46
N ARG A 349 -19.11 -14.35 -14.60
CA ARG A 349 -18.09 -15.12 -13.89
C ARG A 349 -18.03 -14.75 -12.43
N SER A 350 -17.52 -15.67 -11.59
CA SER A 350 -17.18 -15.37 -10.23
C SER A 350 -15.62 -15.26 -10.16
N PHE A 351 -15.12 -14.53 -9.17
CA PHE A 351 -13.73 -14.18 -9.08
C PHE A 351 -13.16 -14.44 -7.70
N ARG A 352 -11.96 -15.01 -7.64
CA ARG A 352 -11.17 -15.11 -6.43
C ARG A 352 -10.24 -13.94 -6.28
N TYR A 353 -10.40 -12.88 -7.06
CA TYR A 353 -9.56 -11.72 -6.91
C TYR A 353 -10.35 -10.46 -7.11
N THR A 354 -9.76 -9.34 -6.64
CA THR A 354 -10.15 -7.99 -6.98
C THR A 354 -8.89 -7.26 -7.47
N MET A 355 -9.09 -6.19 -8.20
CA MET A 355 -7.94 -5.50 -8.77
C MET A 355 -8.12 -4.03 -8.66
N ASP A 356 -7.10 -3.37 -8.10
CA ASP A 356 -7.13 -1.94 -7.86
C ASP A 356 -5.98 -1.28 -8.65
N ILE A 357 -6.35 -0.54 -9.69
CA ILE A 357 -5.41 0.20 -10.52
C ILE A 357 -5.36 1.72 -10.25
N THR A 358 -5.76 2.13 -9.03
CA THR A 358 -5.73 3.56 -8.70
C THR A 358 -4.36 4.19 -9.01
N GLU A 359 -3.27 3.44 -8.77
CA GLU A 359 -1.92 4.00 -9.03
C GLU A 359 -1.53 4.05 -10.52
N VAL A 360 -2.22 3.26 -11.34
CA VAL A 360 -1.92 3.17 -12.80
C VAL A 360 -3.23 3.11 -13.51
N PRO A 361 -3.94 4.25 -13.52
CA PRO A 361 -5.36 4.19 -13.94
C PRO A 361 -5.58 3.90 -15.44
N TRP A 362 -4.56 4.14 -16.28
CA TRP A 362 -4.71 3.89 -17.71
C TRP A 362 -4.73 2.43 -18.04
N LEU A 363 -4.54 1.54 -17.07
CA LEU A 363 -4.63 0.11 -17.30
C LEU A 363 -6.04 -0.43 -17.63
N ASN A 364 -7.07 0.41 -17.56
CA ASN A 364 -8.35 0.00 -18.13
C ASN A 364 -8.40 0.30 -19.64
N PHE A 365 -7.30 0.78 -20.22
CA PHE A 365 -7.23 1.10 -21.63
C PHE A 365 -8.37 2.03 -22.06
N GLY A 366 -8.79 2.92 -21.16
CA GLY A 366 -9.84 3.89 -21.44
C GLY A 366 -11.26 3.30 -21.49
N ASN A 367 -11.43 2.02 -21.17
CA ASN A 367 -12.69 1.30 -21.37
C ASN A 367 -13.23 1.00 -19.98
N SER A 368 -14.21 1.78 -19.52
CA SER A 368 -14.87 1.47 -18.29
C SER A 368 -16.27 0.86 -18.53
N ASN A 369 -16.53 0.42 -19.76
CA ASN A 369 -17.81 -0.31 -20.12
C ASN A 369 -17.56 -1.55 -20.90
N PRO A 370 -16.75 -2.46 -20.33
CA PRO A 370 -16.42 -3.68 -21.04
C PRO A 370 -17.70 -4.54 -21.33
N VAL A 371 -17.66 -5.23 -22.44
CA VAL A 371 -18.73 -6.21 -22.80
C VAL A 371 -18.41 -7.56 -22.17
N ALA A 372 -19.31 -8.04 -21.34
CA ALA A 372 -19.14 -9.36 -20.73
C ALA A 372 -18.95 -10.37 -21.88
N PRO A 373 -18.00 -11.30 -21.74
CA PRO A 373 -17.40 -11.74 -20.47
C PRO A 373 -16.09 -11.00 -20.14
N GLU A 374 -15.71 -9.98 -20.90
CA GLU A 374 -14.48 -9.22 -20.50
C GLU A 374 -14.74 -8.30 -19.33
N VAL A 375 -13.70 -8.10 -18.52
CA VAL A 375 -13.69 -7.04 -17.53
C VAL A 375 -12.58 -6.08 -17.94
N SER A 376 -12.56 -4.89 -17.28
CA SER A 376 -11.52 -3.91 -17.54
C SER A 376 -11.20 -3.17 -16.32
N PRO A 377 -9.93 -3.18 -15.86
CA PRO A 377 -8.81 -3.91 -16.42
C PRO A 377 -8.97 -5.40 -16.38
N LYS A 378 -8.18 -6.05 -17.24
CA LYS A 378 -8.11 -7.51 -17.31
C LYS A 378 -7.10 -8.05 -16.29
N LEU A 379 -7.26 -9.32 -15.96
CA LEU A 379 -6.26 -9.99 -15.15
C LEU A 379 -4.86 -9.94 -15.82
N GLY A 380 -4.83 -10.25 -17.10
CA GLY A 380 -3.54 -10.16 -17.85
C GLY A 380 -3.54 -11.00 -19.09
N TRP A 381 -2.35 -10.97 -19.71
CA TRP A 381 -2.08 -11.75 -20.90
C TRP A 381 -0.53 -11.82 -20.95
N MET A 382 -0.02 -12.77 -21.76
CA MET A 382 1.47 -12.93 -21.86
C MET A 382 2.08 -13.13 -20.48
N ASN A 383 1.40 -13.93 -19.68
CA ASN A 383 1.71 -14.11 -18.29
C ASN A 383 2.66 -15.29 -18.06
N GLU A 384 3.82 -15.23 -18.74
CA GLU A 384 4.78 -16.29 -18.71
C GLU A 384 5.45 -16.40 -17.36
N SER A 385 5.67 -15.24 -16.70
CA SER A 385 6.34 -15.25 -15.37
C SER A 385 5.32 -14.96 -14.28
N VAL A 386 5.01 -15.96 -13.46
CA VAL A 386 4.14 -15.82 -12.32
C VAL A 386 4.94 -16.40 -11.17
N GLU A 387 5.16 -15.67 -10.09
CA GLU A 387 6.13 -16.05 -9.12
C GLU A 387 5.69 -15.75 -7.69
N ILE A 388 5.64 -16.84 -6.89
CA ILE A 388 5.38 -16.68 -5.43
C ILE A 388 6.67 -16.29 -4.78
N ASP A 389 6.59 -15.32 -3.85
CA ASP A 389 7.78 -14.90 -3.05
C ASP A 389 8.28 -16.09 -2.19
N PRO A 390 9.54 -16.52 -2.40
CA PRO A 390 10.02 -17.66 -1.61
C PRO A 390 10.18 -17.36 -0.12
N HIS A 391 9.99 -16.11 0.29
CA HIS A 391 10.07 -15.68 1.69
C HIS A 391 8.72 -15.33 2.27
N ASN A 392 7.66 -15.47 1.51
CA ASN A 392 6.34 -14.98 1.94
C ASN A 392 5.26 -15.57 1.00
N SER A 393 4.61 -16.60 1.50
CA SER A 393 3.56 -17.28 0.76
C SER A 393 2.39 -16.40 0.39
N ASN A 394 2.25 -15.22 1.04
CA ASN A 394 1.20 -14.27 0.72
C ASN A 394 1.50 -13.37 -0.42
N ARG A 395 2.78 -13.31 -0.88
CA ARG A 395 3.12 -12.38 -1.96
C ARG A 395 3.37 -13.15 -3.24
N LEU A 396 2.75 -12.67 -4.29
CA LEU A 396 3.02 -13.13 -5.67
C LEU A 396 3.05 -11.94 -6.60
N MET A 397 3.88 -12.05 -7.63
CA MET A 397 4.02 -11.05 -8.70
C MET A 397 3.95 -11.78 -10.02
N TYR A 398 3.36 -11.12 -11.01
CA TYR A 398 3.40 -11.69 -12.36
C TYR A 398 3.54 -10.59 -13.39
N GLY A 399 4.18 -10.93 -14.54
CA GLY A 399 4.32 -10.00 -15.64
C GLY A 399 3.24 -10.17 -16.69
N THR A 400 2.82 -9.09 -17.30
CA THR A 400 1.96 -9.17 -18.45
C THR A 400 2.63 -8.43 -19.61
N GLY A 401 1.95 -8.31 -20.75
CA GLY A 401 2.43 -7.47 -21.77
C GLY A 401 2.40 -6.00 -21.59
N ALA A 402 1.85 -5.59 -20.44
CA ALA A 402 1.77 -4.19 -20.07
C ALA A 402 2.25 -3.74 -18.71
N THR A 403 2.41 -4.64 -17.75
CA THR A 403 2.61 -4.26 -16.36
C THR A 403 3.17 -5.43 -15.55
N ILE A 404 3.39 -5.18 -14.27
CA ILE A 404 3.56 -6.22 -13.26
C ILE A 404 2.41 -6.02 -12.29
N TYR A 405 1.65 -7.07 -12.01
CA TYR A 405 0.68 -7.05 -10.93
C TYR A 405 1.25 -7.86 -9.77
N ALA A 406 0.82 -7.46 -8.54
CA ALA A 406 1.21 -8.11 -7.31
C ALA A 406 0.07 -8.22 -6.34
N THR A 407 0.18 -9.29 -5.53
CA THR A 407 -0.71 -9.45 -4.35
C THR A 407 0.15 -9.61 -3.12
N GLU A 408 -0.35 -9.14 -1.98
CA GLU A 408 0.27 -9.36 -0.67
C GLU A 408 -0.60 -10.19 0.25
N ASN A 409 -1.74 -10.69 -0.28
CA ASN A 409 -2.65 -11.53 0.53
C ASN A 409 -3.07 -12.82 -0.19
N LEU A 410 -2.10 -13.42 -0.86
CA LEU A 410 -2.42 -14.56 -1.72
C LEU A 410 -3.15 -15.68 -0.98
N THR A 411 -2.78 -15.95 0.30
CA THR A 411 -3.41 -17.11 0.96
C THR A 411 -4.89 -16.88 1.32
N SER A 412 -5.41 -15.69 1.13
CA SER A 412 -6.85 -15.42 1.15
C SER A 412 -7.59 -16.39 0.21
N TRP A 413 -6.93 -16.77 -0.91
CA TRP A 413 -7.51 -17.76 -1.85
C TRP A 413 -7.90 -19.05 -1.08
N ASP A 414 -7.02 -19.50 -0.20
CA ASP A 414 -7.12 -20.80 0.43
C ASP A 414 -8.25 -20.87 1.41
N SER A 415 -8.60 -19.76 1.97
CA SER A 415 -9.73 -19.74 2.94
C SER A 415 -11.04 -19.37 2.28
N GLY A 416 -11.18 -19.42 0.97
CA GLY A 416 -12.38 -19.02 0.25
C GLY A 416 -12.62 -17.54 -0.02
N GLY A 417 -11.64 -16.72 0.31
CA GLY A 417 -11.69 -15.29 0.08
C GLY A 417 -11.16 -14.89 -1.28
N GLN A 418 -11.07 -13.58 -1.45
CA GLN A 418 -10.51 -12.95 -2.64
C GLN A 418 -9.15 -12.42 -2.31
N ILE A 419 -8.19 -12.56 -3.25
CA ILE A 419 -6.93 -11.82 -3.17
C ILE A 419 -7.08 -10.43 -3.76
N LEU A 420 -6.22 -9.51 -3.39
CA LEU A 420 -6.20 -8.17 -3.96
C LEU A 420 -4.94 -8.12 -4.90
N LEU A 421 -5.10 -7.70 -6.14
CA LEU A 421 -4.01 -7.43 -7.09
C LEU A 421 -3.92 -5.97 -7.42
N LYS A 422 -2.66 -5.47 -7.46
CA LYS A 422 -2.38 -4.08 -7.73
C LYS A 422 -1.13 -4.02 -8.65
N PRO A 423 -1.05 -3.03 -9.51
CA PRO A 423 0.30 -2.84 -10.18
C PRO A 423 1.41 -2.57 -9.25
N MET A 424 2.60 -3.01 -9.67
CA MET A 424 3.82 -2.84 -8.94
C MET A 424 4.91 -2.47 -9.91
N VAL A 425 4.82 -1.29 -10.53
CA VAL A 425 5.74 -0.88 -11.54
C VAL A 425 6.31 0.50 -11.36
N LYS A 426 6.14 1.16 -10.22
CA LYS A 426 6.80 2.47 -10.03
C LYS A 426 8.26 2.33 -10.32
N GLY A 427 8.77 3.19 -11.21
CA GLY A 427 10.19 3.19 -11.58
C GLY A 427 10.56 2.32 -12.73
N LEU A 428 9.69 1.39 -13.10
CA LEU A 428 9.92 0.50 -14.28
C LEU A 428 9.23 1.17 -15.46
N GLU A 429 10.00 1.78 -16.34
CA GLU A 429 9.49 2.59 -17.44
C GLU A 429 9.97 1.97 -18.74
N GLU A 430 9.06 1.33 -19.41
CA GLU A 430 9.34 0.41 -20.51
C GLU A 430 8.79 0.76 -21.88
N THR A 431 8.16 1.91 -22.05
CA THR A 431 7.53 2.23 -23.32
C THR A 431 8.55 2.68 -24.37
N ALA A 432 8.12 2.56 -25.60
CA ALA A 432 8.80 3.12 -26.75
C ALA A 432 8.09 4.41 -27.15
N VAL A 433 8.85 5.48 -27.26
CA VAL A 433 8.38 6.80 -27.58
C VAL A 433 8.55 7.05 -29.02
N LEU A 434 7.42 7.31 -29.69
CA LEU A 434 7.37 7.50 -31.14
C LEU A 434 7.37 8.97 -31.57
N ASP A 435 6.76 9.82 -30.74
CA ASP A 435 6.74 11.25 -31.02
C ASP A 435 6.45 11.93 -29.71
N VAL A 436 6.75 13.21 -29.65
CA VAL A 436 6.60 13.97 -28.37
C VAL A 436 6.52 15.42 -28.76
N VAL A 437 5.64 16.19 -28.09
CA VAL A 437 5.54 17.63 -28.28
C VAL A 437 5.39 18.34 -26.94
N SER A 438 5.95 19.55 -26.88
CA SER A 438 5.82 20.42 -25.74
C SER A 438 5.26 21.78 -26.19
N PRO A 439 3.98 22.04 -25.87
CA PRO A 439 3.37 23.27 -26.39
C PRO A 439 3.77 24.44 -25.47
N PRO A 440 3.62 25.67 -25.97
CA PRO A 440 4.02 26.82 -25.15
C PRO A 440 3.01 27.21 -24.10
N VAL A 441 1.84 26.60 -24.07
CA VAL A 441 0.83 26.83 -23.03
C VAL A 441 0.20 25.49 -22.71
N GLY A 442 -0.45 25.39 -21.57
CA GLY A 442 -1.09 24.15 -21.11
C GLY A 442 -0.10 23.15 -20.52
N ALA A 443 -0.37 21.88 -20.75
CA ALA A 443 0.44 20.84 -20.18
C ALA A 443 1.88 20.88 -20.72
N PRO A 444 2.85 20.45 -19.92
CA PRO A 444 4.26 20.53 -20.36
C PRO A 444 4.61 19.63 -21.53
N VAL A 445 3.95 18.45 -21.61
CA VAL A 445 4.31 17.52 -22.69
C VAL A 445 3.18 16.54 -23.01
N TYR A 446 3.16 16.17 -24.29
CA TYR A 446 2.31 15.11 -24.80
C TYR A 446 3.20 14.02 -25.41
N SER A 447 2.91 12.77 -25.04
CA SER A 447 3.64 11.66 -25.58
C SER A 447 2.84 10.89 -26.62
N ALA A 448 3.59 10.32 -27.55
CA ALA A 448 3.02 9.41 -28.53
C ALA A 448 3.79 8.15 -28.43
N LEU A 449 3.15 7.09 -27.98
CA LEU A 449 3.80 5.88 -27.54
C LEU A 449 3.39 4.68 -28.37
N GLY A 450 4.31 3.70 -28.44
CA GLY A 450 3.85 2.39 -28.84
C GLY A 450 3.02 1.66 -27.81
N ALA A 451 2.13 0.80 -28.25
CA ALA A 451 1.38 -0.18 -27.43
C ALA A 451 0.29 0.37 -26.51
N ILE A 452 0.51 1.52 -25.86
CA ILE A 452 -0.44 2.08 -24.98
C ILE A 452 -0.82 3.54 -25.38
N GLY A 453 -0.60 3.93 -26.63
CA GLY A 453 -1.21 5.16 -27.17
C GLY A 453 -0.41 6.36 -26.85
N GLY A 454 -0.29 6.74 -25.57
CA GLY A 454 0.33 7.99 -25.17
C GLY A 454 -0.67 8.89 -24.45
N PHE A 455 -0.16 10.02 -23.95
CA PHE A 455 -0.86 10.80 -22.97
C PHE A 455 -0.52 12.26 -23.04
N ARG A 456 -1.50 13.05 -22.59
CA ARG A 456 -1.19 14.39 -22.10
C ARG A 456 -0.67 14.25 -20.70
N HIS A 457 0.49 14.82 -20.41
CA HIS A 457 1.06 14.73 -19.09
C HIS A 457 0.87 16.08 -18.36
N ASP A 458 -0.15 16.17 -17.51
CA ASP A 458 -0.42 17.40 -16.79
C ASP A 458 0.63 17.65 -15.69
N ASP A 459 1.20 16.58 -15.16
CA ASP A 459 2.18 16.63 -14.10
C ASP A 459 3.15 15.49 -14.33
N LEU A 460 4.41 15.84 -14.59
CA LEU A 460 5.45 14.80 -14.91
C LEU A 460 5.66 13.80 -13.79
N THR A 461 5.22 14.12 -12.56
CA THR A 461 5.35 13.20 -11.43
C THR A 461 4.12 12.30 -11.22
N LYS A 462 3.04 12.46 -11.99
CA LYS A 462 1.77 11.76 -11.77
C LYS A 462 1.44 10.96 -13.05
N VAL A 463 1.10 9.73 -12.81
CA VAL A 463 0.64 8.83 -13.90
C VAL A 463 -0.60 9.42 -14.53
N PRO A 464 -0.68 9.56 -15.86
CA PRO A 464 -1.93 10.06 -16.46
C PRO A 464 -3.11 9.14 -16.27
N THR A 465 -4.31 9.73 -16.24
CA THR A 465 -5.54 8.96 -15.99
C THR A 465 -5.88 7.98 -17.11
N SER A 466 -5.68 8.45 -18.32
CA SER A 466 -6.02 7.62 -19.52
C SER A 466 -5.13 8.00 -20.65
N MET A 467 -4.82 7.01 -21.46
CA MET A 467 -4.32 7.35 -22.81
C MET A 467 -5.38 8.03 -23.64
N TYR A 468 -4.98 8.56 -24.78
CA TYR A 468 -5.92 9.19 -25.70
C TYR A 468 -7.06 8.20 -26.08
N THR A 469 -8.29 8.76 -26.18
CA THR A 469 -9.41 8.00 -26.67
C THR A 469 -10.14 8.78 -27.78
N THR A 470 -11.10 8.06 -28.41
CA THR A 470 -11.91 8.62 -29.46
C THR A 470 -11.20 9.48 -30.51
N PRO A 471 -10.18 8.91 -31.17
CA PRO A 471 -9.82 7.44 -31.17
C PRO A 471 -8.74 7.02 -30.19
N ASN A 472 -8.79 5.73 -29.82
CA ASN A 472 -7.76 5.16 -28.99
C ASN A 472 -6.79 4.37 -29.85
N PHE A 473 -5.66 4.91 -30.17
CA PHE A 473 -4.69 4.09 -30.96
C PHE A 473 -3.89 3.14 -30.04
N SER A 474 -3.57 1.98 -30.57
CA SER A 474 -2.62 1.09 -29.89
C SER A 474 -1.24 1.77 -29.83
N SER A 475 -0.81 2.38 -30.94
CA SER A 475 0.43 3.11 -31.02
C SER A 475 0.10 4.45 -31.71
N THR A 476 0.49 5.53 -31.10
CA THR A 476 0.35 6.85 -31.73
C THR A 476 1.69 7.14 -32.39
N THR A 477 1.72 7.23 -33.71
CA THR A 477 2.94 7.36 -34.47
C THR A 477 3.44 8.81 -34.70
N SER A 478 2.55 9.79 -34.51
CA SER A 478 2.87 11.20 -34.83
C SER A 478 1.82 12.10 -34.22
N ILE A 479 2.23 13.23 -33.64
CA ILE A 479 1.35 14.18 -33.02
C ILE A 479 1.88 15.59 -33.29
N ASP A 480 0.99 16.55 -33.44
CA ASP A 480 1.37 17.96 -33.75
C ASP A 480 0.33 18.87 -33.13
N PHE A 481 0.75 20.11 -32.89
CA PHE A 481 -0.13 21.18 -32.43
C PHE A 481 0.06 22.41 -33.29
N ALA A 482 -1.02 23.21 -33.41
CA ALA A 482 -0.96 24.37 -34.29
C ALA A 482 -0.15 25.39 -33.47
N GLU A 483 1.02 25.79 -33.96
CA GLU A 483 1.92 26.63 -33.15
C GLU A 483 1.24 27.92 -32.65
N LEU A 484 0.42 28.53 -33.51
CA LEU A 484 -0.24 29.80 -33.13
C LEU A 484 -1.57 29.58 -32.46
N GLN A 485 -2.02 28.31 -32.31
CA GLN A 485 -3.24 28.00 -31.62
C GLN A 485 -3.15 26.59 -30.97
N PRO A 486 -2.37 26.50 -29.87
CA PRO A 486 -1.89 25.17 -29.43
C PRO A 486 -2.91 24.27 -28.88
N ALA A 487 -4.09 24.76 -28.51
CA ALA A 487 -5.19 23.86 -28.13
C ALA A 487 -5.67 23.02 -29.33
N THR A 488 -5.35 23.42 -30.53
CA THR A 488 -5.74 22.67 -31.75
C THR A 488 -4.60 21.68 -32.03
N MET A 489 -4.93 20.37 -32.01
CA MET A 489 -3.92 19.31 -32.15
C MET A 489 -4.45 18.20 -33.02
N VAL A 490 -3.53 17.43 -33.60
CA VAL A 490 -3.84 16.27 -34.38
C VAL A 490 -2.85 15.14 -34.00
N ARG A 491 -3.30 13.89 -34.16
CA ARG A 491 -2.45 12.76 -33.96
C ARG A 491 -2.91 11.63 -34.88
N VAL A 492 -1.98 10.83 -35.32
CA VAL A 492 -2.20 9.68 -36.16
C VAL A 492 -1.58 8.48 -35.55
N GLY A 493 -2.10 7.30 -35.98
CA GLY A 493 -1.64 6.09 -35.37
C GLY A 493 -2.37 4.87 -35.81
N ASN A 494 -2.16 3.78 -35.05
CA ASN A 494 -2.60 2.46 -35.45
C ASN A 494 -3.77 2.02 -34.66
N LEU A 495 -4.76 1.42 -35.32
CA LEU A 495 -5.80 0.77 -34.57
C LEU A 495 -6.55 -0.20 -35.40
N ASP A 496 -7.01 -1.29 -34.75
CA ASP A 496 -7.97 -2.23 -35.34
C ASP A 496 -7.38 -2.68 -36.67
N SER A 497 -6.13 -3.13 -36.59
CA SER A 497 -5.30 -3.53 -37.73
C SER A 497 -5.02 -2.51 -38.88
N GLY A 498 -5.50 -1.26 -38.78
CA GLY A 498 -5.16 -0.24 -39.79
C GLY A 498 -4.63 1.04 -39.13
N GLY A 499 -5.06 2.16 -39.65
CA GLY A 499 -4.63 3.46 -39.08
C GLY A 499 -5.78 4.42 -38.97
N GLY A 500 -5.51 5.55 -38.35
CA GLY A 500 -6.51 6.60 -38.26
C GLY A 500 -5.95 7.91 -37.77
N ILE A 501 -6.84 8.86 -37.63
CA ILE A 501 -6.47 10.21 -37.18
C ILE A 501 -7.44 10.74 -36.15
N GLY A 502 -6.88 11.35 -35.12
CA GLY A 502 -7.62 12.06 -34.09
C GLY A 502 -7.34 13.53 -34.03
N VAL A 503 -8.38 14.31 -33.73
CA VAL A 503 -8.25 15.78 -33.74
C VAL A 503 -8.88 16.35 -32.51
N THR A 504 -8.43 17.53 -32.09
CA THR A 504 -9.00 18.18 -30.89
C THR A 504 -8.89 19.71 -31.07
N THR A 505 -9.82 20.46 -30.48
CA THR A 505 -9.71 21.91 -30.41
C THR A 505 -9.59 22.40 -28.97
N ASN A 506 -9.49 21.52 -28.01
CA ASN A 506 -9.37 21.87 -26.57
C ASN A 506 -8.21 21.19 -25.86
N ALA A 507 -7.13 21.01 -26.63
CA ALA A 507 -5.86 20.51 -26.11
C ALA A 507 -6.01 19.08 -25.56
N GLY A 508 -6.95 18.33 -26.12
CA GLY A 508 -7.16 16.93 -25.77
C GLY A 508 -8.11 16.69 -24.61
N GLY A 509 -8.80 17.75 -24.13
CA GLY A 509 -9.99 17.57 -23.26
C GLY A 509 -10.95 16.57 -23.86
N SER A 510 -11.17 16.67 -25.15
CA SER A 510 -11.79 15.59 -25.90
C SER A 510 -11.26 15.61 -27.31
N TRP A 511 -11.21 14.43 -27.89
CA TRP A 511 -10.84 14.26 -29.29
C TRP A 511 -12.00 13.72 -30.07
N TRP A 512 -11.88 13.78 -31.39
CA TRP A 512 -12.74 12.92 -32.21
C TRP A 512 -11.96 12.39 -33.39
N GLN A 513 -12.48 11.31 -33.97
CA GLN A 513 -11.83 10.64 -35.03
C GLN A 513 -12.23 11.20 -36.41
N GLY A 514 -11.24 11.51 -37.22
CA GLY A 514 -11.51 11.91 -38.62
C GLY A 514 -11.73 10.71 -39.50
N GLN A 515 -11.99 10.99 -40.76
CA GLN A 515 -12.03 9.92 -41.78
C GLN A 515 -10.66 9.68 -42.41
N ASN A 516 -10.57 8.65 -43.21
CA ASN A 516 -9.33 8.16 -43.76
C ASN A 516 -9.29 8.35 -45.24
N PRO A 517 -8.15 8.71 -45.78
CA PRO A 517 -7.95 8.57 -47.20
C PRO A 517 -7.75 7.11 -47.58
N PRO A 518 -7.70 6.77 -48.86
CA PRO A 518 -7.53 5.39 -49.23
C PRO A 518 -6.19 4.81 -48.82
N GLY A 519 -6.23 3.53 -48.56
CA GLY A 519 -5.04 2.67 -48.41
C GLY A 519 -4.30 2.74 -47.12
N VAL A 520 -4.90 3.29 -46.08
CA VAL A 520 -4.18 3.46 -44.84
C VAL A 520 -4.05 2.10 -44.18
N THR A 521 -2.82 1.72 -43.84
CA THR A 521 -2.54 0.51 -43.06
C THR A 521 -1.81 0.80 -41.72
N SER A 522 -1.40 2.03 -41.45
CA SER A 522 -0.78 2.38 -40.18
C SER A 522 -0.75 3.91 -40.13
N GLY A 523 -0.37 4.44 -39.00
CA GLY A 523 -0.48 5.87 -38.79
C GLY A 523 0.38 6.75 -39.63
N GLY A 524 1.61 6.37 -39.86
CA GLY A 524 2.50 7.22 -40.57
C GLY A 524 2.79 8.51 -39.81
N ASN A 525 2.87 9.65 -40.50
CA ASN A 525 3.11 10.91 -39.80
C ASN A 525 2.26 12.07 -40.32
N VAL A 526 2.13 13.10 -39.51
CA VAL A 526 1.16 14.16 -39.72
C VAL A 526 1.76 15.53 -39.33
N ALA A 527 1.28 16.55 -39.99
CA ALA A 527 1.62 17.95 -39.71
C ALA A 527 0.38 18.82 -39.71
N LEU A 528 0.39 19.82 -38.86
CA LEU A 528 -0.71 20.74 -38.72
C LEU A 528 -0.22 22.15 -38.97
N ALA A 529 -0.92 22.86 -39.82
CA ALA A 529 -0.49 24.25 -40.12
C ALA A 529 -0.43 25.10 -38.82
N ALA A 530 0.40 26.17 -38.88
CA ALA A 530 0.59 26.98 -37.74
C ALA A 530 -0.68 27.63 -37.18
N ASP A 531 -1.69 27.84 -38.03
CA ASP A 531 -2.97 28.42 -37.56
C ASP A 531 -4.06 27.36 -37.40
N GLY A 532 -3.72 26.08 -37.55
CA GLY A 532 -4.70 25.01 -37.40
C GLY A 532 -5.57 24.74 -38.60
N GLY A 533 -5.30 25.41 -39.73
CA GLY A 533 -6.28 25.48 -40.85
C GLY A 533 -6.08 24.46 -41.91
N ALA A 534 -5.05 23.60 -41.76
CA ALA A 534 -4.80 22.58 -42.74
C ALA A 534 -3.99 21.45 -42.08
N ILE A 535 -4.28 20.22 -42.50
CA ILE A 535 -3.53 19.04 -42.05
C ILE A 535 -2.94 18.36 -43.27
N VAL A 536 -1.67 17.99 -43.21
CA VAL A 536 -1.04 17.16 -44.19
C VAL A 536 -0.66 15.83 -43.55
N TRP A 537 -1.25 14.72 -44.05
CA TRP A 537 -1.06 13.40 -43.43
C TRP A 537 -0.44 12.45 -44.44
N ALA A 538 0.71 11.90 -44.13
CA ALA A 538 1.39 10.85 -44.86
C ALA A 538 1.15 9.50 -44.17
N PRO A 539 0.02 8.85 -44.50
CA PRO A 539 -0.27 7.59 -43.81
C PRO A 539 0.61 6.44 -44.21
N GLY A 540 0.75 5.45 -43.31
CA GLY A 540 1.36 4.18 -43.74
C GLY A 540 0.47 3.46 -44.74
N GLY A 541 1.07 2.71 -45.65
CA GLY A 541 0.32 1.97 -46.69
C GLY A 541 -0.15 2.78 -47.89
N SER A 542 -0.69 3.98 -47.67
CA SER A 542 -1.27 4.79 -48.73
C SER A 542 -0.27 5.10 -49.87
N THR A 543 -0.80 5.34 -51.04
CA THR A 543 0.08 5.59 -52.18
C THR A 543 0.49 7.04 -52.24
N ASN A 544 -0.19 7.91 -51.51
CA ASN A 544 0.05 9.34 -51.54
C ASN A 544 0.06 9.93 -50.13
N VAL A 545 0.39 11.20 -50.07
CA VAL A 545 0.24 12.06 -48.95
C VAL A 545 -0.99 12.88 -49.26
N TYR A 546 -1.76 13.21 -48.24
CA TYR A 546 -3.10 13.88 -48.39
C TYR A 546 -3.20 15.14 -47.61
N LEU A 547 -3.98 16.09 -48.13
CA LEU A 547 -4.32 17.32 -47.49
C LEU A 547 -5.74 17.28 -46.98
N SER A 548 -5.99 17.78 -45.77
CA SER A 548 -7.35 18.11 -45.30
C SER A 548 -7.46 19.58 -45.01
N THR A 549 -8.49 20.24 -45.56
CA THR A 549 -8.89 21.60 -45.09
C THR A 549 -10.14 21.60 -44.21
N THR A 550 -10.61 20.42 -43.81
CA THR A 550 -11.84 20.22 -43.07
C THR A 550 -11.56 19.52 -41.72
N PHE A 551 -10.33 19.75 -41.25
CA PHE A 551 -9.92 19.22 -39.94
C PHE A 551 -10.13 17.71 -39.80
N GLY A 552 -9.80 17.01 -40.86
CA GLY A 552 -9.80 15.60 -40.90
C GLY A 552 -11.04 14.89 -41.38
N SER A 553 -12.08 15.66 -41.68
CA SER A 553 -13.32 15.07 -42.19
C SER A 553 -13.17 14.54 -43.60
N THR A 554 -12.36 15.25 -44.45
CA THR A 554 -12.20 14.85 -45.82
C THR A 554 -10.81 15.15 -46.30
N TRP A 555 -10.40 14.52 -47.39
CA TRP A 555 -9.01 14.51 -47.82
C TRP A 555 -8.91 14.74 -49.33
N THR A 556 -7.74 15.20 -49.81
CA THR A 556 -7.39 15.25 -51.24
C THR A 556 -5.96 14.90 -51.44
N ALA A 557 -5.62 14.11 -52.45
CA ALA A 557 -4.27 13.62 -52.69
C ALA A 557 -3.37 14.82 -53.09
N ILE A 558 -2.11 14.74 -52.64
CA ILE A 558 -1.04 15.67 -53.05
C ILE A 558 -0.23 14.98 -54.11
N SER A 559 -0.10 15.61 -55.27
CA SER A 559 0.40 14.86 -56.39
C SER A 559 1.92 14.59 -56.33
N ALA A 560 2.70 15.53 -55.82
CA ALA A 560 4.20 15.41 -55.97
C ALA A 560 4.95 14.63 -54.91
N LEU A 561 4.36 14.43 -53.74
CA LEU A 561 5.07 13.77 -52.69
C LEU A 561 5.07 12.30 -52.76
N PRO A 562 6.24 11.68 -52.53
CA PRO A 562 6.30 10.24 -52.34
C PRO A 562 5.53 9.82 -51.12
N ALA A 563 4.98 8.64 -51.21
CA ALA A 563 4.30 7.99 -50.07
C ALA A 563 5.26 7.92 -48.90
N GLY A 564 4.78 8.24 -47.72
CA GLY A 564 5.55 8.06 -46.54
C GLY A 564 6.57 9.15 -46.32
N ALA A 565 6.50 10.27 -47.03
CA ALA A 565 7.39 11.35 -46.77
C ALA A 565 7.24 11.86 -45.35
N VAL A 566 8.31 12.43 -44.81
CA VAL A 566 8.23 13.00 -43.50
C VAL A 566 7.74 14.43 -43.69
N ILE A 567 6.65 14.80 -43.06
CA ILE A 567 6.01 16.13 -43.20
C ILE A 567 6.19 16.99 -41.95
N GLU A 568 6.45 18.28 -42.16
CA GLU A 568 6.56 19.22 -41.06
C GLU A 568 5.92 20.53 -41.45
N ALA A 569 5.21 21.17 -40.56
CA ALA A 569 4.72 22.52 -40.82
C ALA A 569 5.74 23.58 -40.45
N ASP A 570 5.75 24.70 -41.20
CA ASP A 570 6.41 25.90 -40.67
C ASP A 570 5.68 26.35 -39.41
N ARG A 571 6.40 26.85 -38.39
CA ARG A 571 5.77 27.22 -37.15
C ARG A 571 5.25 28.63 -37.05
N VAL A 572 5.49 29.41 -38.13
CA VAL A 572 5.11 30.80 -38.20
C VAL A 572 4.10 31.04 -39.33
N ASN A 573 4.43 30.63 -40.51
CA ASN A 573 3.60 30.91 -41.68
C ASN A 573 2.70 29.71 -41.98
N PRO A 574 1.43 29.87 -41.75
CA PRO A 574 0.49 28.77 -42.00
C PRO A 574 0.39 28.25 -43.42
N ASN A 575 0.87 29.01 -44.40
CA ASN A 575 0.92 28.59 -45.79
C ASN A 575 2.08 27.72 -46.18
N LYS A 576 3.03 27.56 -45.27
CA LYS A 576 4.22 26.77 -45.58
C LYS A 576 4.24 25.39 -44.87
N PHE A 577 4.43 24.35 -45.67
CA PHE A 577 4.77 23.01 -45.20
C PHE A 577 6.01 22.52 -45.90
N TYR A 578 6.64 21.53 -45.29
CA TYR A 578 7.85 20.92 -45.80
C TYR A 578 7.78 19.41 -45.82
N ALA A 579 8.56 18.73 -46.67
CA ALA A 579 8.65 17.30 -46.64
C ALA A 579 10.02 16.82 -47.02
N LEU A 580 10.39 15.64 -46.49
CA LEU A 580 11.67 15.04 -46.74
C LEU A 580 11.47 13.59 -47.05
N ALA A 581 12.11 13.10 -48.13
CA ALA A 581 12.13 11.69 -48.45
C ALA A 581 13.35 11.31 -49.28
N ASN A 582 14.21 10.44 -48.74
CA ASN A 582 15.25 9.75 -49.49
C ASN A 582 16.15 10.76 -50.24
N GLY A 583 16.52 11.83 -49.55
CA GLY A 583 17.51 12.79 -50.02
C GLY A 583 16.90 13.94 -50.83
N THR A 584 15.57 14.01 -50.94
CA THR A 584 14.95 15.19 -51.54
C THR A 584 14.08 15.92 -50.56
N PHE A 585 14.23 17.24 -50.51
CA PHE A 585 13.47 18.13 -49.74
C PHE A 585 12.47 18.84 -50.59
N TYR A 586 11.26 18.96 -50.05
CA TYR A 586 10.11 19.50 -50.79
C TYR A 586 9.49 20.60 -49.97
N VAL A 587 8.91 21.60 -50.64
CA VAL A 587 8.26 22.72 -49.98
C VAL A 587 6.91 23.01 -50.61
N SER A 588 5.97 23.35 -49.78
CA SER A 588 4.68 23.90 -50.15
C SER A 588 4.52 25.32 -49.63
N THR A 589 4.13 26.25 -50.53
CA THR A 589 3.77 27.64 -50.11
C THR A 589 2.30 27.97 -50.27
N ASN A 590 1.50 26.95 -50.53
CA ASN A 590 0.05 27.12 -50.71
C ASN A 590 -0.72 26.24 -49.72
N LYS A 591 -0.18 26.17 -48.50
CA LYS A 591 -0.91 25.58 -47.36
C LYS A 591 -1.15 24.10 -47.60
N GLY A 592 -0.21 23.45 -48.27
CA GLY A 592 -0.24 22.00 -48.41
C GLY A 592 -0.92 21.42 -49.63
N ALA A 593 -1.47 22.27 -50.49
CA ALA A 593 -2.14 21.74 -51.65
C ALA A 593 -1.20 21.11 -52.65
N SER A 594 -0.01 21.71 -52.89
CA SER A 594 0.99 21.14 -53.76
C SER A 594 2.39 21.42 -53.20
N PHE A 595 3.34 20.55 -53.54
CA PHE A 595 4.72 20.66 -53.08
C PHE A 595 5.60 20.60 -54.32
N SER A 596 6.81 21.17 -54.25
CA SER A 596 7.85 21.04 -55.28
C SER A 596 9.16 20.70 -54.62
N ALA A 597 9.97 19.93 -55.29
CA ALA A 597 11.28 19.55 -54.87
C ALA A 597 12.17 20.80 -54.86
N THR A 598 12.89 21.06 -53.78
CA THR A 598 13.82 22.17 -53.77
C THR A 598 15.24 21.70 -53.74
N VAL A 599 15.57 20.60 -53.03
CA VAL A 599 16.95 20.18 -52.85
C VAL A 599 16.98 18.71 -53.14
N THR A 600 17.88 18.25 -54.00
CA THR A 600 18.01 16.85 -54.37
C THR A 600 19.45 16.36 -54.20
N ALA A 601 20.31 17.20 -53.64
CA ALA A 601 21.71 16.82 -53.40
C ALA A 601 22.27 17.33 -52.06
N GLY A 602 23.23 16.60 -51.50
CA GLY A 602 23.91 17.03 -50.27
C GLY A 602 23.18 16.63 -49.00
N ILE A 603 21.91 16.27 -49.06
CA ILE A 603 21.19 15.75 -47.89
C ILE A 603 21.30 14.24 -47.99
N PRO A 604 21.71 13.56 -46.90
CA PRO A 604 21.84 12.11 -46.92
C PRO A 604 20.53 11.43 -47.20
N ALA A 605 20.55 10.41 -48.04
CA ALA A 605 19.35 9.63 -48.37
C ALA A 605 18.70 9.03 -47.16
N ALA A 606 19.50 8.70 -46.16
CA ALA A 606 18.95 8.01 -44.95
C ALA A 606 18.24 9.04 -43.99
N ALA A 607 18.50 10.35 -44.13
CA ALA A 607 17.96 11.33 -43.18
C ALA A 607 16.43 11.31 -43.20
N ARG A 608 15.85 11.36 -42.03
CA ARG A 608 14.41 11.33 -41.90
C ARG A 608 13.90 12.07 -40.68
N LYS A 609 14.70 13.01 -40.16
CA LYS A 609 14.28 13.87 -39.10
C LYS A 609 14.64 15.32 -39.44
N PHE A 610 13.67 16.19 -39.25
CA PHE A 610 13.92 17.63 -39.43
C PHE A 610 12.78 18.38 -38.75
N LYS A 611 13.01 19.64 -38.45
CA LYS A 611 12.07 20.41 -37.74
C LYS A 611 12.22 21.89 -38.06
N ALA A 612 11.07 22.58 -38.12
CA ALA A 612 11.04 24.03 -38.26
C ALA A 612 11.06 24.63 -36.91
N VAL A 613 11.70 25.79 -36.79
CA VAL A 613 11.84 26.44 -35.50
C VAL A 613 10.70 27.38 -35.11
N TYR A 614 10.15 27.21 -33.93
CA TYR A 614 9.07 28.09 -33.41
C TYR A 614 9.58 29.56 -33.38
N GLY A 615 8.75 30.49 -33.80
CA GLY A 615 9.19 31.92 -33.90
C GLY A 615 10.10 32.28 -35.06
N ARG A 616 10.52 31.36 -35.94
CA ARG A 616 11.49 31.68 -36.98
C ARG A 616 11.02 31.10 -38.31
N GLU A 617 10.24 31.89 -39.07
CA GLU A 617 9.76 31.43 -40.35
C GLU A 617 10.87 30.94 -41.22
N GLY A 618 10.69 29.78 -41.81
CA GLY A 618 11.62 29.32 -42.75
C GLY A 618 13.02 28.87 -42.26
N ASP A 619 13.12 28.70 -40.97
CA ASP A 619 14.32 28.19 -40.38
C ASP A 619 14.10 26.71 -40.00
N ILE A 620 14.90 25.83 -40.57
CA ILE A 620 14.67 24.40 -40.50
C ILE A 620 16.00 23.71 -40.17
N TRP A 621 16.00 22.74 -39.26
CA TRP A 621 17.24 22.00 -39.00
C TRP A 621 16.96 20.53 -39.33
N LEU A 622 17.93 19.82 -39.85
CA LEU A 622 17.77 18.53 -40.43
C LEU A 622 18.95 17.64 -39.93
N ALA A 623 18.64 16.43 -39.48
CA ALA A 623 19.64 15.49 -38.90
C ALA A 623 19.55 14.13 -39.50
N GLY A 624 20.66 13.54 -39.91
CA GLY A 624 20.64 12.17 -40.33
C GLY A 624 21.81 11.81 -41.17
N GLY A 625 21.74 10.58 -41.68
CA GLY A 625 22.81 10.01 -42.46
C GLY A 625 23.22 8.64 -42.02
N SER A 626 24.43 8.24 -42.42
CA SER A 626 25.00 6.96 -42.00
C SER A 626 26.52 7.01 -42.10
N SER A 627 27.16 6.04 -41.44
CA SER A 627 28.59 5.93 -41.41
C SER A 627 29.19 5.71 -42.82
N THR A 628 28.45 5.05 -43.70
CA THR A 628 28.94 4.75 -45.07
C THR A 628 28.53 5.75 -46.15
N THR A 629 27.83 6.83 -45.79
CA THR A 629 27.44 7.84 -46.76
C THR A 629 27.95 9.14 -46.20
N THR A 630 27.08 10.06 -45.78
CA THR A 630 27.45 11.27 -45.10
C THR A 630 26.48 11.39 -43.91
N TYR A 631 26.82 12.25 -42.97
CA TYR A 631 26.17 12.20 -41.65
C TYR A 631 26.40 13.54 -41.02
N GLY A 632 25.37 14.09 -40.35
CA GLY A 632 25.51 15.30 -39.67
C GLY A 632 24.24 16.06 -39.46
N LEU A 633 24.39 17.37 -39.22
CA LEU A 633 23.35 18.28 -38.94
C LEU A 633 23.38 19.43 -39.98
N TRP A 634 22.25 19.69 -40.62
CA TRP A 634 22.12 20.73 -41.65
C TRP A 634 21.10 21.74 -41.21
N ARG A 635 21.21 22.99 -41.72
CA ARG A 635 20.23 24.02 -41.40
C ARG A 635 19.93 24.78 -42.70
N SER A 636 18.67 25.18 -42.79
CA SER A 636 18.17 26.11 -43.82
C SER A 636 17.59 27.29 -43.16
N THR A 637 17.94 28.49 -43.68
CA THR A 637 17.33 29.69 -43.24
C THR A 637 16.51 30.35 -44.34
N ASN A 638 16.25 29.62 -45.42
CA ASN A 638 15.51 30.18 -46.58
C ASN A 638 14.30 29.31 -46.95
N SER A 639 13.58 28.83 -45.93
CA SER A 639 12.35 27.96 -46.17
C SER A 639 12.64 26.78 -47.03
N GLY A 640 13.83 26.19 -46.86
CA GLY A 640 14.17 24.95 -47.54
C GLY A 640 14.68 25.04 -48.97
N ALA A 641 14.99 26.25 -49.41
CA ALA A 641 15.56 26.39 -50.75
C ALA A 641 16.99 25.83 -50.84
N SER A 642 17.77 25.99 -49.79
CA SER A 642 19.05 25.26 -49.67
C SER A 642 19.41 25.02 -48.16
N PHE A 643 20.36 24.15 -47.97
CA PHE A 643 20.83 23.82 -46.63
C PHE A 643 22.34 23.91 -46.60
N THR A 644 22.85 24.17 -45.40
CA THR A 644 24.27 24.18 -45.10
C THR A 644 24.55 23.25 -43.91
N LYS A 645 25.57 22.44 -44.07
CA LYS A 645 26.03 21.49 -43.01
C LYS A 645 26.79 22.25 -41.92
N LEU A 646 26.51 21.92 -40.67
CA LEU A 646 27.25 22.44 -39.57
C LEU A 646 28.53 21.73 -39.39
N ALA A 647 29.62 22.51 -39.32
CA ALA A 647 30.93 21.94 -39.14
C ALA A 647 31.14 21.34 -37.74
N SER A 648 30.37 21.80 -36.75
CA SER A 648 30.61 21.49 -35.37
C SER A 648 30.06 20.11 -34.97
N VAL A 649 29.37 19.43 -35.90
CA VAL A 649 28.73 18.11 -35.60
C VAL A 649 29.24 17.03 -36.54
N GLN A 650 29.70 15.88 -36.00
CA GLN A 650 30.10 14.79 -36.82
C GLN A 650 28.90 13.94 -37.35
N GLU A 651 27.95 13.67 -36.43
CA GLU A 651 26.76 12.83 -36.73
C GLU A 651 25.61 13.38 -35.98
N ALA A 652 24.40 13.33 -36.57
CA ALA A 652 23.23 13.72 -35.84
C ALA A 652 22.07 12.90 -36.30
N ASP A 653 21.17 12.55 -35.37
CA ASP A 653 20.04 11.62 -35.64
C ASP A 653 18.72 12.27 -35.37
N ASN A 654 18.72 13.34 -34.61
CA ASN A 654 17.48 14.11 -34.41
C ASN A 654 17.83 15.47 -33.89
N VAL A 655 16.88 16.39 -33.91
CA VAL A 655 17.08 17.79 -33.51
C VAL A 655 15.78 18.36 -33.01
N THR A 656 15.86 19.24 -32.02
CA THR A 656 14.74 19.97 -31.48
C THR A 656 15.19 21.26 -30.84
N PHE A 657 14.25 22.10 -30.37
CA PHE A 657 14.52 23.46 -29.89
C PHE A 657 13.78 23.66 -28.60
N GLY A 658 14.36 24.49 -27.76
CA GLY A 658 13.84 24.83 -26.49
C GLY A 658 14.19 26.25 -26.07
N LYS A 659 13.72 26.63 -24.89
CA LYS A 659 13.84 28.03 -24.46
C LYS A 659 15.32 28.50 -24.51
N ALA A 660 15.51 29.68 -25.07
CA ALA A 660 16.87 30.27 -25.14
C ALA A 660 17.54 30.50 -23.79
N ALA A 661 18.84 30.38 -23.77
CA ALA A 661 19.62 30.87 -22.61
C ALA A 661 19.38 32.37 -22.41
N THR A 662 19.53 32.79 -21.17
CA THR A 662 19.34 34.20 -20.82
C THR A 662 20.33 35.02 -21.58
N GLY A 663 19.84 36.08 -22.22
CA GLY A 663 20.67 36.87 -23.11
C GLY A 663 21.07 36.38 -24.48
N ALA A 664 20.70 35.13 -24.80
CA ALA A 664 20.96 34.58 -26.12
C ALA A 664 19.89 35.01 -27.10
N THR A 665 20.26 35.03 -28.36
CA THR A 665 19.34 35.50 -29.43
C THR A 665 18.61 34.40 -30.21
N TYR A 666 18.79 33.14 -29.85
CA TYR A 666 18.16 32.03 -30.57
C TYR A 666 17.75 30.93 -29.56
N PRO A 667 16.69 30.18 -29.85
CA PRO A 667 16.32 29.04 -29.01
C PRO A 667 17.54 28.10 -28.81
N ALA A 668 17.58 27.44 -27.68
CA ALA A 668 18.54 26.36 -27.48
C ALA A 668 18.22 25.21 -28.44
N ILE A 669 19.25 24.58 -28.90
CA ILE A 669 19.15 23.48 -29.85
C ILE A 669 19.65 22.20 -29.16
N TYR A 670 18.88 21.10 -29.32
CA TYR A 670 19.22 19.77 -28.69
C TYR A 670 19.34 18.78 -29.80
N ILE A 671 20.38 17.94 -29.78
CA ILE A 671 20.56 16.90 -30.77
C ILE A 671 20.89 15.59 -30.08
N ILE A 672 20.54 14.52 -30.79
CA ILE A 672 21.09 13.19 -30.57
C ILE A 672 22.20 13.08 -31.59
N GLY A 673 23.42 12.87 -31.16
CA GLY A 673 24.52 12.80 -32.11
C GLY A 673 25.89 12.52 -31.58
N LYS A 674 26.87 12.83 -32.44
CA LYS A 674 28.27 12.61 -32.13
C LYS A 674 28.96 13.96 -32.40
N VAL A 675 29.62 14.48 -31.37
CA VAL A 675 30.30 15.76 -31.38
C VAL A 675 31.68 15.49 -30.78
N ASP A 676 32.69 15.92 -31.52
CA ASP A 676 34.12 15.78 -31.09
C ASP A 676 34.44 14.37 -30.55
N ASN A 677 34.02 13.35 -31.32
CA ASN A 677 34.26 11.96 -31.05
C ASN A 677 33.54 11.38 -29.82
N VAL A 678 32.49 12.05 -29.34
CA VAL A 678 31.68 11.58 -28.26
C VAL A 678 30.20 11.42 -28.70
N ARG A 679 29.65 10.22 -28.47
CA ARG A 679 28.22 9.98 -28.67
C ARG A 679 27.39 10.32 -27.46
N GLY A 680 26.27 10.97 -27.72
CA GLY A 680 25.37 11.33 -26.62
C GLY A 680 24.26 12.24 -27.02
N VAL A 681 23.91 13.12 -26.07
CA VAL A 681 22.88 14.12 -26.19
C VAL A 681 23.62 15.45 -25.98
N PHE A 682 23.37 16.40 -26.87
CA PHE A 682 24.05 17.69 -26.87
C PHE A 682 23.13 18.86 -26.99
N ARG A 683 23.52 19.96 -26.29
CA ARG A 683 22.85 21.21 -26.35
C ARG A 683 23.75 22.27 -26.94
N SER A 684 23.17 23.14 -27.76
CA SER A 684 23.86 24.38 -28.20
C SER A 684 22.99 25.57 -27.88
N THR A 685 23.60 26.61 -27.22
CA THR A 685 22.87 27.82 -26.93
C THR A 685 23.39 29.02 -27.80
N ASN A 686 24.18 28.73 -28.80
CA ASN A 686 24.75 29.76 -29.73
C ASN A 686 24.60 29.37 -31.17
N GLU A 687 23.40 28.86 -31.48
CA GLU A 687 23.10 28.54 -32.88
C GLU A 687 23.94 27.52 -33.54
N GLY A 688 24.42 26.55 -32.76
CA GLY A 688 25.25 25.53 -33.37
C GLY A 688 26.71 25.75 -33.39
N ALA A 689 27.21 26.89 -32.89
CA ALA A 689 28.63 27.17 -32.96
C ALA A 689 29.45 26.21 -32.05
N SER A 690 28.90 25.91 -30.89
CA SER A 690 29.46 24.88 -30.03
C SER A 690 28.36 24.15 -29.27
N TRP A 691 28.78 23.07 -28.63
CA TRP A 691 27.84 22.13 -27.97
C TRP A 691 28.37 21.74 -26.57
N VAL A 692 27.46 21.36 -25.70
CA VAL A 692 27.77 20.82 -24.39
C VAL A 692 27.00 19.46 -24.26
N ARG A 693 27.69 18.44 -23.82
CA ARG A 693 27.03 17.13 -23.56
C ARG A 693 26.16 17.23 -22.31
N ILE A 694 24.89 16.83 -22.42
CA ILE A 694 23.99 16.88 -21.32
C ILE A 694 23.59 15.55 -20.69
N ASN A 695 23.97 14.46 -21.33
CA ASN A 695 23.89 13.15 -20.67
C ASN A 695 25.27 12.71 -20.19
N ASP A 696 25.42 11.40 -19.85
CA ASP A 696 26.69 10.92 -19.31
C ASP A 696 26.72 9.40 -19.58
N ASP A 697 27.88 8.79 -19.37
CA ASP A 697 28.11 7.40 -19.71
C ASP A 697 27.23 6.41 -18.93
N GLN A 698 26.60 6.80 -17.82
CA GLN A 698 25.66 5.91 -17.15
C GLN A 698 24.21 6.16 -17.60
N ARG A 699 23.99 7.13 -18.50
CA ARG A 699 22.66 7.59 -18.88
C ARG A 699 22.63 7.75 -20.39
N GLN A 700 22.69 6.58 -21.04
CA GLN A 700 22.82 6.55 -22.52
C GLN A 700 21.56 6.02 -23.19
N TYR A 701 20.92 5.03 -22.56
CA TYR A 701 19.57 4.56 -22.96
C TYR A 701 19.51 3.95 -24.33
N GLY A 702 20.63 3.38 -24.79
CA GLY A 702 20.56 2.54 -25.98
C GLY A 702 20.10 3.21 -27.23
N ASN A 703 19.14 2.61 -27.93
CA ASN A 703 18.63 3.13 -29.25
C ASN A 703 17.61 4.26 -29.13
N PHE A 704 18.01 5.25 -28.34
CA PHE A 704 17.10 6.33 -27.98
C PHE A 704 16.95 7.36 -29.08
N GLY A 705 16.11 8.38 -28.86
CA GLY A 705 16.15 9.58 -29.68
C GLY A 705 15.29 9.60 -30.94
N GLU A 706 14.43 8.61 -31.14
CA GLU A 706 13.43 8.64 -32.19
C GLU A 706 12.52 9.84 -32.07
N ALA A 707 12.23 10.21 -30.84
CA ALA A 707 11.39 11.35 -30.50
C ALA A 707 12.04 12.17 -29.43
N ILE A 708 12.23 13.46 -29.71
CA ILE A 708 12.70 14.40 -28.71
C ILE A 708 12.01 15.74 -28.88
N SER A 709 11.92 16.50 -27.75
CA SER A 709 11.40 17.85 -27.79
C SER A 709 12.06 18.69 -26.74
N GLY A 710 12.42 19.91 -27.09
CA GLY A 710 12.81 20.88 -26.05
C GLY A 710 11.52 21.48 -25.51
N ASP A 711 11.65 22.34 -24.49
CA ASP A 711 10.54 22.92 -23.78
C ASP A 711 10.62 24.45 -23.99
N PRO A 712 9.66 25.02 -24.70
CA PRO A 712 9.72 26.48 -24.98
C PRO A 712 9.58 27.31 -23.73
N ARG A 713 9.03 26.77 -22.66
CA ARG A 713 8.87 27.51 -21.43
C ARG A 713 9.97 27.30 -20.40
N ILE A 714 10.80 26.29 -20.55
CA ILE A 714 11.74 25.91 -19.52
C ILE A 714 13.15 25.77 -20.09
N TYR A 715 14.07 26.69 -19.76
CA TYR A 715 15.39 26.66 -20.25
C TYR A 715 16.13 25.38 -19.76
N GLY A 716 16.86 24.76 -20.67
CA GLY A 716 17.69 23.63 -20.33
C GLY A 716 16.97 22.26 -20.42
N ARG A 717 15.65 22.27 -20.50
CA ARG A 717 14.90 21.01 -20.41
C ARG A 717 14.85 20.31 -21.76
N LEU A 718 15.02 18.99 -21.72
CA LEU A 718 14.80 18.19 -22.92
C LEU A 718 13.90 17.06 -22.50
N TYR A 719 12.89 16.81 -23.37
CA TYR A 719 12.09 15.58 -23.32
C TYR A 719 12.75 14.58 -24.30
N LEU A 720 13.31 13.52 -23.73
CA LEU A 720 14.14 12.56 -24.44
C LEU A 720 13.45 11.23 -24.52
N GLY A 721 12.94 10.92 -25.70
CA GLY A 721 12.30 9.61 -25.91
C GLY A 721 13.30 8.53 -26.09
N THR A 722 12.88 7.37 -25.61
CA THR A 722 13.66 6.15 -25.72
C THR A 722 12.79 5.06 -26.35
N ASN A 723 13.48 3.96 -26.71
CA ASN A 723 12.76 2.76 -27.27
C ASN A 723 12.91 1.66 -26.26
N GLY A 724 12.05 1.72 -25.24
CA GLY A 724 12.08 0.76 -24.14
C GLY A 724 12.37 1.26 -22.73
N ARG A 725 12.74 2.52 -22.62
CA ARG A 725 12.95 3.15 -21.33
C ARG A 725 12.05 4.32 -21.08
N GLY A 726 10.94 4.39 -21.82
CA GLY A 726 9.99 5.49 -21.62
C GLY A 726 10.47 6.84 -22.11
N LEU A 727 9.85 7.84 -21.56
CA LEU A 727 10.06 9.25 -21.88
C LEU A 727 10.77 9.86 -20.70
N LEU A 728 12.00 10.37 -20.94
CA LEU A 728 12.81 11.02 -19.93
C LEU A 728 12.63 12.49 -20.00
N TYR A 729 12.88 13.22 -18.89
CA TYR A 729 13.11 14.68 -18.96
C TYR A 729 14.41 15.02 -18.24
N GLY A 730 15.24 15.81 -18.92
CA GLY A 730 16.50 16.24 -18.34
C GLY A 730 16.40 17.69 -18.00
N ASP A 731 16.84 18.07 -16.79
CA ASP A 731 16.94 19.49 -16.46
C ASP A 731 18.39 19.87 -16.09
N SER A 732 18.80 21.06 -16.49
CA SER A 732 20.09 21.63 -16.04
CA SER A 732 20.11 21.59 -16.03
C SER A 732 20.13 21.80 -14.51
N ALA A 733 21.24 21.36 -13.87
CA ALA A 733 21.38 21.29 -12.37
C ALA A 733 22.35 22.35 -11.89
N MET B 1 12.35 -9.64 48.10
CA MET B 1 12.01 -9.13 46.76
C MET B 1 11.97 -10.22 45.69
N ALA B 2 10.94 -10.24 44.86
CA ALA B 2 10.88 -11.22 43.76
C ALA B 2 11.92 -10.80 42.71
N PRO B 3 12.81 -11.74 42.32
CA PRO B 3 13.69 -11.37 41.22
C PRO B 3 12.89 -11.14 39.93
N SER B 4 13.49 -10.41 38.98
CA SER B 4 12.93 -10.24 37.67
C SER B 4 13.56 -11.18 36.65
N GLU B 5 12.77 -11.70 35.71
CA GLU B 5 13.26 -12.54 34.65
C GLU B 5 13.08 -11.78 33.34
N ASN B 6 14.07 -11.86 32.44
CA ASN B 6 13.91 -11.17 31.11
C ASN B 6 12.80 -11.79 30.27
N TYR B 7 11.83 -10.95 29.86
CA TYR B 7 10.67 -11.30 29.09
C TYR B 7 10.62 -10.43 27.85
N THR B 8 9.96 -10.94 26.84
CA THR B 8 9.62 -10.21 25.61
C THR B 8 8.09 -10.08 25.59
N TRP B 9 7.64 -8.82 25.48
CA TRP B 9 6.24 -8.50 25.43
C TRP B 9 5.88 -7.96 24.06
N LYS B 10 4.81 -8.47 23.46
CA LYS B 10 4.34 -8.00 22.15
C LYS B 10 2.79 -7.92 22.21
N ASN B 11 2.21 -7.09 21.34
CA ASN B 11 0.75 -7.19 21.15
C ASN B 11 0.37 -8.34 20.22
N VAL B 12 -0.65 -9.11 20.58
CA VAL B 12 -1.32 -9.96 19.65
C VAL B 12 -1.90 -9.02 18.57
N ARG B 13 -1.67 -9.27 17.28
CA ARG B 13 -1.97 -8.24 16.23
C ARG B 13 -3.42 -8.13 15.87
N ILE B 14 -3.99 -6.96 16.16
CA ILE B 14 -5.39 -6.63 15.83
C ILE B 14 -5.46 -5.42 14.88
N ASP B 15 -4.68 -4.42 15.20
CA ASP B 15 -4.55 -3.14 14.49
C ASP B 15 -5.73 -2.23 14.86
N GLY B 16 -5.47 -1.33 15.79
CA GLY B 16 -6.45 -0.30 16.11
C GLY B 16 -7.50 -0.85 17.06
N GLY B 17 -8.75 -0.52 16.77
CA GLY B 17 -9.88 -1.01 17.54
C GLY B 17 -10.53 -0.02 18.45
N GLY B 18 -9.98 1.18 18.56
CA GLY B 18 -10.52 2.19 19.46
C GLY B 18 -10.54 3.56 18.81
N PHE B 19 -10.93 4.55 19.61
CA PHE B 19 -11.09 5.91 19.17
C PHE B 19 -9.75 6.68 19.24
N VAL B 20 -9.41 7.36 18.15
CA VAL B 20 -8.20 8.21 18.09
C VAL B 20 -8.75 9.64 17.90
N PRO B 21 -8.89 10.35 19.03
CA PRO B 21 -9.41 11.74 18.98
C PRO B 21 -8.45 12.79 18.46
N GLY B 22 -7.14 12.48 18.39
CA GLY B 22 -6.18 13.41 17.88
C GLY B 22 -5.02 12.80 17.16
N ILE B 23 -4.71 13.33 15.98
CA ILE B 23 -3.51 13.08 15.22
C ILE B 23 -2.78 14.43 15.11
N ILE B 24 -1.46 14.40 15.38
CA ILE B 24 -0.67 15.65 15.51
C ILE B 24 0.63 15.49 14.70
N PHE B 25 0.74 16.28 13.65
CA PHE B 25 1.93 16.30 12.81
C PHE B 25 2.87 17.38 13.33
N ASN B 26 4.19 17.14 13.39
CA ASN B 26 5.12 18.23 13.67
C ASN B 26 5.27 19.14 12.46
N GLN B 27 5.22 20.45 12.70
CA GLN B 27 5.15 21.42 11.62
C GLN B 27 6.47 21.64 10.94
N LYS B 28 7.58 21.19 11.50
CA LYS B 28 8.89 21.37 10.85
C LYS B 28 9.51 20.12 10.39
N GLU B 29 9.29 19.01 11.07
CA GLU B 29 9.96 17.78 10.69
C GLU B 29 9.04 16.83 9.98
N ALA B 30 9.39 16.49 8.74
CA ALA B 30 8.59 15.52 8.01
C ALA B 30 8.61 14.14 8.63
N ASP B 31 7.48 13.43 8.53
CA ASP B 31 7.24 12.09 9.06
C ASP B 31 7.24 11.94 10.55
N LEU B 32 7.25 13.09 11.27
CA LEU B 32 7.12 13.08 12.73
C LEU B 32 5.63 13.32 13.05
N ILE B 33 5.01 12.27 13.57
CA ILE B 33 3.56 12.24 13.79
C ILE B 33 3.29 11.57 15.13
N TYR B 34 2.33 12.12 15.89
CA TYR B 34 1.88 11.47 17.11
C TYR B 34 0.39 11.24 17.06
N ALA B 35 -0.06 10.30 17.88
CA ALA B 35 -1.51 10.03 18.03
C ALA B 35 -1.86 10.01 19.52
N ARG B 36 -2.96 10.65 19.92
CA ARG B 36 -3.41 10.56 21.29
C ARG B 36 -4.72 9.74 21.29
N THR B 37 -4.84 8.91 22.36
CA THR B 37 -5.98 8.09 22.55
C THR B 37 -6.73 8.49 23.83
N ASP B 38 -7.99 8.04 23.97
CA ASP B 38 -8.79 8.32 25.11
C ASP B 38 -8.54 7.43 26.34
N ILE B 39 -8.23 6.14 26.09
CA ILE B 39 -8.00 5.17 27.15
C ILE B 39 -6.66 4.43 27.05
N GLY B 40 -5.87 4.70 26.00
CA GLY B 40 -4.76 3.86 25.63
C GLY B 40 -3.46 4.53 25.37
N GLY B 41 -3.20 5.65 26.04
CA GLY B 41 -1.96 6.36 25.93
C GLY B 41 -1.77 7.15 24.66
N ALA B 42 -0.49 7.28 24.29
CA ALA B 42 -0.09 8.06 23.12
C ALA B 42 0.95 7.28 22.34
N TYR B 43 1.10 7.63 21.06
CA TYR B 43 2.00 6.95 20.19
C TYR B 43 2.78 7.92 19.31
N ARG B 44 3.94 7.46 18.89
CA ARG B 44 4.74 8.18 17.88
C ARG B 44 4.88 7.25 16.68
N TRP B 45 4.72 7.77 15.47
CA TRP B 45 4.92 6.98 14.28
C TRP B 45 6.36 6.66 14.02
N ASN B 46 6.64 5.42 13.62
CA ASN B 46 8.05 5.06 13.22
C ASN B 46 8.01 4.84 11.71
N SER B 47 8.55 5.75 10.97
CA SER B 47 8.48 5.68 9.51
C SER B 47 9.37 4.57 8.95
N ALA B 48 10.36 4.13 9.70
CA ALA B 48 11.23 3.03 9.23
C ALA B 48 10.58 1.65 9.29
N THR B 49 9.74 1.40 10.29
CA THR B 49 9.04 0.15 10.46
C THR B 49 7.54 0.22 10.08
N SER B 50 7.11 1.40 9.67
CA SER B 50 5.70 1.67 9.32
C SER B 50 4.77 1.19 10.44
N SER B 51 5.09 1.58 11.67
CA SER B 51 4.30 1.17 12.81
C SER B 51 4.32 2.27 13.87
N TRP B 52 3.26 2.28 14.67
CA TRP B 52 3.19 3.17 15.80
C TRP B 52 3.92 2.62 16.99
N ILE B 53 4.50 3.49 17.79
CA ILE B 53 5.27 3.14 19.02
C ILE B 53 4.55 3.71 20.22
N PRO B 54 4.10 2.87 21.15
CA PRO B 54 3.43 3.37 22.37
C PRO B 54 4.41 4.06 23.27
N LEU B 55 4.01 5.22 23.82
CA LEU B 55 4.86 6.06 24.69
C LEU B 55 4.56 6.04 26.16
N LEU B 56 3.42 5.52 26.57
CA LEU B 56 2.98 5.65 27.97
C LEU B 56 2.75 4.30 28.67
N ASP B 57 3.47 3.25 28.21
CA ASP B 57 3.29 1.91 28.86
C ASP B 57 3.84 1.82 30.24
N TRP B 58 4.64 2.81 30.63
CA TRP B 58 5.13 2.97 31.99
C TRP B 58 4.09 3.40 33.01
N VAL B 59 3.00 3.99 32.54
CA VAL B 59 1.85 4.31 33.43
C VAL B 59 1.33 2.99 34.02
N GLY B 60 1.18 3.01 35.34
CA GLY B 60 0.95 1.82 36.12
C GLY B 60 -0.34 1.79 36.91
N TRP B 61 -0.37 0.95 37.98
CA TRP B 61 -1.57 0.58 38.64
C TRP B 61 -2.18 1.73 39.41
N ASP B 62 -1.33 2.54 40.04
CA ASP B 62 -1.91 3.61 40.86
C ASP B 62 -2.17 4.92 40.11
N ASN B 63 -1.50 5.15 38.99
CA ASN B 63 -1.65 6.37 38.20
C ASN B 63 -2.27 6.05 36.83
N TRP B 64 -3.14 5.02 36.80
CA TRP B 64 -3.72 4.44 35.54
C TRP B 64 -4.47 5.46 34.69
N GLY B 65 -5.03 6.50 35.31
CA GLY B 65 -5.74 7.53 34.54
C GLY B 65 -4.86 8.26 33.56
N TRP B 66 -3.52 8.20 33.73
CA TRP B 66 -2.64 8.89 32.82
C TRP B 66 -2.57 8.27 31.42
N ASN B 67 -3.21 7.12 31.21
CA ASN B 67 -3.42 6.64 29.84
C ASN B 67 -4.50 7.39 29.10
N GLY B 68 -5.24 8.28 29.79
CA GLY B 68 -6.11 9.17 29.08
C GLY B 68 -5.35 10.37 28.57
N VAL B 69 -5.31 10.60 27.28
CA VAL B 69 -4.47 11.67 26.70
C VAL B 69 -5.38 12.69 26.04
N MET B 70 -5.64 13.76 26.80
CA MET B 70 -6.57 14.79 26.39
C MET B 70 -6.02 15.75 25.38
N SER B 71 -4.68 15.94 25.37
CA SER B 71 -4.04 16.80 24.37
C SER B 71 -2.59 16.44 24.25
N LEU B 72 -2.00 16.76 23.07
CA LEU B 72 -0.57 16.52 22.84
C LEU B 72 -0.05 17.60 21.96
N ALA B 73 1.15 18.11 22.25
CA ALA B 73 1.82 19.14 21.43
C ALA B 73 3.24 18.71 21.15
N THR B 74 3.63 18.78 19.89
CA THR B 74 5.01 18.51 19.44
C THR B 74 5.66 19.82 18.99
N ASP B 75 6.85 20.06 19.51
CA ASP B 75 7.55 21.33 19.36
C ASP B 75 8.13 21.50 17.96
N ALA B 76 7.57 22.46 17.17
CA ALA B 76 8.18 22.67 15.83
C ALA B 76 9.60 23.25 15.91
N ALA B 77 9.89 24.05 16.94
CA ALA B 77 11.22 24.67 17.06
C ALA B 77 12.26 23.70 17.53
N ASP B 78 11.86 22.68 18.25
CA ASP B 78 12.74 21.63 18.68
C ASP B 78 11.94 20.35 18.67
N PRO B 79 12.01 19.60 17.55
CA PRO B 79 11.23 18.37 17.39
C PRO B 79 11.55 17.24 18.32
N ASN B 80 12.58 17.32 19.15
CA ASN B 80 12.74 16.36 20.19
C ASN B 80 11.77 16.52 21.34
N ARG B 81 11.09 17.67 21.47
CA ARG B 81 10.29 17.99 22.61
C ARG B 81 8.83 17.69 22.32
N VAL B 82 8.15 17.05 23.30
CA VAL B 82 6.75 16.72 23.21
C VAL B 82 6.13 16.78 24.58
N TYR B 83 4.84 17.12 24.62
CA TYR B 83 4.09 17.33 25.86
C TYR B 83 2.73 16.67 25.72
N ALA B 84 2.20 16.19 26.85
CA ALA B 84 0.85 15.65 26.85
C ALA B 84 0.12 16.06 28.08
N ALA B 85 -1.16 16.31 27.93
CA ALA B 85 -2.06 16.52 29.08
C ALA B 85 -2.79 15.22 29.30
N VAL B 86 -2.71 14.70 30.52
CA VAL B 86 -3.15 13.36 30.79
C VAL B 86 -4.00 13.26 32.06
N GLY B 87 -4.82 12.21 32.09
CA GLY B 87 -5.87 11.96 33.10
C GLY B 87 -7.06 11.47 32.34
N MET B 88 -7.91 10.64 32.98
CA MET B 88 -8.95 9.94 32.21
C MET B 88 -10.39 10.39 32.44
N TYR B 89 -10.75 10.66 33.71
CA TYR B 89 -12.09 11.08 34.03
C TYR B 89 -12.05 12.29 34.92
N THR B 90 -13.09 13.14 34.77
CA THR B 90 -13.28 14.35 35.63
C THR B 90 -14.43 14.14 36.62
N ASN B 91 -14.91 12.89 36.65
CA ASN B 91 -15.85 12.48 37.67
C ASN B 91 -15.15 11.56 38.68
N THR B 92 -15.89 10.77 39.48
CA THR B 92 -15.26 9.95 40.50
C THR B 92 -14.57 8.73 39.97
N TRP B 93 -14.74 8.40 38.69
CA TRP B 93 -14.12 7.18 38.19
C TRP B 93 -12.62 7.23 38.12
N ASP B 94 -12.02 8.42 38.03
CA ASP B 94 -10.54 8.55 38.18
C ASP B 94 -10.32 9.25 39.48
N PRO B 95 -9.75 8.56 40.46
CA PRO B 95 -9.49 9.25 41.74
C PRO B 95 -8.35 10.26 41.71
N ASN B 96 -7.57 10.30 40.65
CA ASN B 96 -6.44 11.19 40.60
C ASN B 96 -6.61 12.44 39.69
N ASN B 97 -5.92 13.54 40.06
CA ASN B 97 -5.84 14.70 39.20
C ASN B 97 -5.04 14.37 37.94
N GLY B 98 -5.17 15.30 37.00
CA GLY B 98 -4.41 15.19 35.78
C GLY B 98 -2.97 15.68 35.94
N ALA B 99 -2.26 15.69 34.82
CA ALA B 99 -0.86 16.13 34.78
C ALA B 99 -0.46 16.57 33.42
N ILE B 100 0.58 17.40 33.36
CA ILE B 100 1.29 17.67 32.10
C ILE B 100 2.57 16.88 32.11
N LEU B 101 2.69 16.02 31.08
CA LEU B 101 3.94 15.23 30.86
C LEU B 101 4.81 15.97 29.86
N ARG B 102 6.12 16.01 30.14
CA ARG B 102 7.09 16.67 29.26
C ARG B 102 8.20 15.71 28.87
N SER B 103 8.66 15.80 27.67
CA SER B 103 9.74 14.98 27.16
C SER B 103 10.69 15.76 26.33
N THR B 104 11.98 15.38 26.38
CA THR B 104 12.98 15.94 25.50
C THR B 104 13.52 14.88 24.53
N ASP B 105 12.85 13.72 24.49
CA ASP B 105 13.32 12.65 23.57
C ASP B 105 12.18 11.95 22.85
N ARG B 106 11.21 12.75 22.41
CA ARG B 106 10.09 12.32 21.53
C ARG B 106 9.21 11.29 22.24
N GLY B 107 9.20 11.32 23.55
CA GLY B 107 8.34 10.44 24.30
C GLY B 107 8.96 9.16 24.80
N ASN B 108 10.27 9.04 24.63
CA ASN B 108 10.97 7.86 25.15
C ASN B 108 10.99 7.88 26.67
N THR B 109 11.20 9.06 27.24
CA THR B 109 11.14 9.28 28.69
C THR B 109 10.33 10.53 28.94
N TRP B 110 9.79 10.65 30.14
CA TRP B 110 8.93 11.80 30.48
C TRP B 110 9.15 12.23 31.91
N GLN B 111 8.82 13.49 32.21
CA GLN B 111 8.66 13.94 33.60
C GLN B 111 7.22 14.48 33.67
N ALA B 112 6.63 14.34 34.86
CA ALA B 112 5.27 14.75 35.09
C ALA B 112 5.21 15.94 36.03
N THR B 113 4.28 16.85 35.75
CA THR B 113 3.89 17.91 36.68
C THR B 113 2.35 17.74 36.90
N PRO B 114 1.95 17.31 38.11
CA PRO B 114 0.55 17.23 38.44
C PRO B 114 -0.11 18.58 38.44
N LEU B 115 -1.36 18.58 37.95
CA LEU B 115 -2.24 19.70 37.93
C LEU B 115 -3.19 19.65 39.10
N PRO B 116 -3.67 20.79 39.55
CA PRO B 116 -4.61 20.81 40.67
C PRO B 116 -6.07 20.57 40.32
N PHE B 117 -6.33 19.88 39.24
CA PHE B 117 -7.64 19.54 38.79
C PHE B 117 -7.54 18.28 37.91
N LYS B 118 -8.71 17.68 37.61
CA LYS B 118 -8.82 16.50 36.77
C LYS B 118 -8.73 16.84 35.27
N VAL B 119 -8.24 15.85 34.52
CA VAL B 119 -8.19 15.90 33.05
C VAL B 119 -9.03 14.74 32.54
N GLY B 120 -9.84 15.01 31.52
CA GLY B 120 -10.87 14.10 31.05
C GLY B 120 -10.61 13.39 29.79
N GLY B 121 -9.49 12.67 29.70
CA GLY B 121 -9.17 11.99 28.45
C GLY B 121 -10.20 11.04 27.91
N ASN B 122 -11.11 10.49 28.75
CA ASN B 122 -12.20 9.72 28.22
C ASN B 122 -13.55 10.32 28.60
N MET B 123 -13.65 11.64 28.63
CA MET B 123 -14.90 12.33 28.95
C MET B 123 -15.52 12.88 27.66
N PRO B 124 -16.79 13.35 27.71
CA PRO B 124 -17.37 14.12 26.69
C PRO B 124 -16.52 15.34 26.36
N GLY B 125 -16.41 15.67 25.09
CA GLY B 125 -15.66 16.82 24.64
C GLY B 125 -14.18 16.54 24.22
N ARG B 126 -13.75 15.31 24.40
CA ARG B 126 -12.34 14.93 24.19
C ARG B 126 -11.81 15.07 22.77
N GLY B 127 -12.69 15.16 21.78
CA GLY B 127 -12.27 15.41 20.42
C GLY B 127 -12.00 16.85 20.08
N MET B 128 -12.41 17.79 20.95
CA MET B 128 -12.11 19.18 20.73
C MET B 128 -10.64 19.41 21.12
N GLY B 129 -9.93 20.25 20.37
CA GLY B 129 -8.58 20.50 20.64
C GLY B 129 -7.83 21.09 19.51
N GLU B 130 -6.50 21.22 19.67
CA GLU B 130 -5.71 20.78 20.83
C GLU B 130 -5.68 21.85 21.92
N ARG B 131 -5.97 21.41 23.14
CA ARG B 131 -5.98 22.27 24.31
C ARG B 131 -4.58 22.70 24.72
N LEU B 132 -3.57 21.89 24.42
CA LEU B 132 -2.19 22.20 24.75
C LEU B 132 -1.51 22.78 23.51
N ALA B 133 -0.81 23.90 23.61
CA ALA B 133 -0.15 24.56 22.47
C ALA B 133 1.13 25.30 22.92
N ILE B 134 2.17 25.16 22.09
CA ILE B 134 3.52 25.73 22.35
C ILE B 134 3.61 26.98 21.46
N ASP B 135 4.15 28.06 22.04
CA ASP B 135 4.38 29.26 21.25
C ASP B 135 5.46 28.87 20.15
N PRO B 136 5.11 29.12 18.88
CA PRO B 136 6.00 28.67 17.79
C PRO B 136 7.23 29.54 17.71
N ASN B 137 7.22 30.70 18.35
CA ASN B 137 8.35 31.65 18.32
C ASN B 137 9.17 31.65 19.63
N ARG B 138 8.61 31.07 20.67
CA ARG B 138 9.29 31.05 21.95
C ARG B 138 8.89 29.85 22.75
N ASN B 139 9.60 28.75 22.54
CA ASN B 139 9.15 27.43 22.97
C ASN B 139 9.25 27.13 24.42
N SER B 140 9.62 28.13 25.25
CA SER B 140 9.49 28.04 26.67
C SER B 140 8.04 28.18 27.12
N ILE B 141 7.22 28.75 26.27
CA ILE B 141 5.81 29.15 26.63
C ILE B 141 4.87 28.07 26.13
N ILE B 142 4.07 27.50 27.03
CA ILE B 142 3.09 26.49 26.65
C ILE B 142 1.79 26.84 27.37
N TYR B 143 0.67 26.73 26.64
CA TYR B 143 -0.65 26.97 27.25
C TYR B 143 -1.43 25.69 27.32
N TYR B 144 -2.41 25.64 28.26
CA TYR B 144 -3.28 24.50 28.34
C TYR B 144 -4.69 25.04 28.67
N GLY B 145 -5.64 24.71 27.78
CA GLY B 145 -7.05 25.05 28.08
C GLY B 145 -7.62 23.93 28.94
N ALA B 146 -8.00 24.31 30.15
CA ALA B 146 -8.43 23.31 31.11
C ALA B 146 -9.99 23.08 31.08
N GLU B 147 -10.41 21.93 31.64
CA GLU B 147 -11.81 21.64 31.88
C GLU B 147 -12.27 22.18 33.19
N GLY B 148 -13.59 22.11 33.45
CA GLY B 148 -14.09 22.35 34.78
C GLY B 148 -14.44 23.80 35.08
N GLY B 149 -14.09 24.72 34.21
CA GLY B 149 -14.10 26.12 34.57
C GLY B 149 -12.79 26.60 35.19
N ASN B 150 -11.78 25.75 35.25
CA ASN B 150 -10.45 26.18 35.74
C ASN B 150 -9.76 27.15 34.79
N GLY B 151 -10.27 27.32 33.56
CA GLY B 151 -9.76 28.33 32.71
C GLY B 151 -8.51 27.98 31.91
N LEU B 152 -7.69 29.01 31.66
CA LEU B 152 -6.49 28.91 30.81
C LEU B 152 -5.32 28.88 31.71
N TRP B 153 -4.46 27.90 31.44
CA TRP B 153 -3.25 27.64 32.28
C TRP B 153 -2.02 27.77 31.39
N ARG B 154 -0.90 28.11 32.02
CA ARG B 154 0.32 28.39 31.28
C ARG B 154 1.57 27.98 32.00
N SER B 155 2.55 27.63 31.19
CA SER B 155 3.93 27.46 31.65
C SER B 155 4.81 28.38 30.88
N THR B 156 5.77 28.96 31.58
CA THR B 156 6.83 29.75 30.90
C THR B 156 8.22 29.12 31.05
N ASP B 157 8.28 27.89 31.51
CA ASP B 157 9.56 27.16 31.70
C ASP B 157 9.54 25.78 31.09
N TYR B 158 9.10 25.70 29.83
CA TYR B 158 9.13 24.48 29.04
CA TYR B 158 9.15 24.49 29.04
C TYR B 158 8.34 23.35 29.68
N GLY B 159 7.22 23.73 30.35
CA GLY B 159 6.30 22.78 30.89
C GLY B 159 6.60 22.24 32.27
N ALA B 160 7.67 22.74 32.89
CA ALA B 160 8.03 22.25 34.23
C ALA B 160 7.03 22.68 35.33
N THR B 161 6.61 23.93 35.25
CA THR B 161 5.67 24.45 36.23
C THR B 161 4.55 25.15 35.50
N TRP B 162 3.36 25.07 36.11
CA TRP B 162 2.11 25.52 35.50
C TRP B 162 1.34 26.38 36.49
N ALA B 163 0.69 27.44 35.98
CA ALA B 163 -0.17 28.28 36.80
C ALA B 163 -1.30 28.85 36.01
N LYS B 164 -2.33 29.24 36.72
CA LYS B 164 -3.50 29.81 36.09
C LYS B 164 -3.19 31.20 35.51
N VAL B 165 -3.72 31.46 34.30
CA VAL B 165 -3.62 32.82 33.66
C VAL B 165 -4.74 33.63 34.31
N SER B 166 -4.38 34.49 35.25
CA SER B 166 -5.36 35.29 35.99
CA SER B 166 -5.32 35.34 36.01
C SER B 166 -6.17 36.23 35.09
N SER B 167 -5.63 36.71 33.98
CA SER B 167 -6.32 37.70 33.15
C SER B 167 -7.25 37.02 32.12
N PHE B 168 -7.34 35.68 32.15
CA PHE B 168 -8.29 34.98 31.26
C PHE B 168 -9.47 34.54 32.13
N THR B 169 -10.61 35.14 31.88
CA THR B 169 -11.64 35.01 32.92
C THR B 169 -12.93 34.34 32.47
N ASN B 170 -12.87 33.53 31.44
CA ASN B 170 -14.05 32.74 31.06
C ASN B 170 -13.60 31.32 30.98
N GLY B 171 -14.03 30.50 31.93
CA GLY B 171 -13.68 29.09 31.91
C GLY B 171 -14.63 28.18 31.17
N GLY B 172 -15.68 28.74 30.55
CA GLY B 172 -16.64 27.96 29.93
C GLY B 172 -17.82 27.57 30.81
N ASN B 173 -18.98 27.39 30.17
CA ASN B 173 -20.22 27.12 30.92
C ASN B 173 -21.08 26.05 30.32
N TYR B 174 -20.55 25.28 29.38
CA TYR B 174 -21.28 24.19 28.74
C TYR B 174 -20.87 22.85 29.32
N ALA B 175 -21.89 22.07 29.75
CA ALA B 175 -21.77 20.63 29.94
C ALA B 175 -22.85 19.99 29.01
N GLN B 176 -22.57 18.81 28.53
CA GLN B 176 -23.48 18.10 27.64
C GLN B 176 -24.89 17.98 28.25
N ASP B 177 -24.99 17.50 29.48
CA ASP B 177 -26.22 17.40 30.22
C ASP B 177 -25.89 17.66 31.70
N PRO B 178 -26.09 18.93 32.16
CA PRO B 178 -25.79 19.31 33.53
C PRO B 178 -26.59 18.63 34.59
N ASN B 179 -27.57 17.80 34.23
CA ASN B 179 -28.38 17.11 35.24
C ASN B 179 -28.25 15.63 35.12
N ASP B 180 -27.22 15.13 34.37
CA ASP B 180 -27.09 13.71 34.22
C ASP B 180 -26.95 12.97 35.54
N PRO B 181 -27.90 12.08 35.86
CA PRO B 181 -27.75 11.35 37.12
C PRO B 181 -26.60 10.39 37.24
N ASN B 182 -26.10 9.94 36.09
CA ASN B 182 -24.95 9.05 36.03
C ASN B 182 -23.62 9.77 36.30
N ASP B 183 -23.64 11.12 36.33
CA ASP B 183 -22.47 11.91 36.69
C ASP B 183 -21.33 11.68 35.67
N TYR B 184 -21.72 11.56 34.40
CA TYR B 184 -20.73 11.44 33.31
C TYR B 184 -20.84 12.55 32.29
N LEU B 185 -22.06 12.97 31.91
CA LEU B 185 -22.30 13.97 30.91
C LEU B 185 -22.31 15.44 31.40
N ASN B 186 -22.08 15.61 32.70
CA ASN B 186 -22.41 16.81 33.40
C ASN B 186 -21.22 17.66 33.79
N LYS B 187 -20.07 17.46 33.15
CA LYS B 187 -18.88 18.21 33.56
C LYS B 187 -18.56 19.30 32.54
N ILE B 188 -18.18 20.44 33.10
CA ILE B 188 -17.86 21.61 32.25
C ILE B 188 -16.70 21.30 31.33
N GLN B 189 -16.90 21.45 30.02
CA GLN B 189 -15.86 21.06 29.05
C GLN B 189 -14.74 22.09 28.94
N GLY B 190 -15.06 23.34 29.21
CA GLY B 190 -13.98 24.27 29.49
C GLY B 190 -13.41 25.01 28.26
N VAL B 191 -12.11 25.25 28.34
CA VAL B 191 -11.33 26.00 27.33
C VAL B 191 -10.67 24.96 26.43
N VAL B 192 -11.14 24.92 25.13
CA VAL B 192 -10.95 23.80 24.27
C VAL B 192 -9.81 23.83 23.31
N TRP B 193 -9.26 24.96 22.94
CA TRP B 193 -8.04 24.95 22.11
C TRP B 193 -7.34 26.27 22.27
N VAL B 194 -6.06 26.27 21.94
CA VAL B 194 -5.25 27.44 21.90
C VAL B 194 -4.46 27.48 20.59
N THR B 195 -4.56 28.59 19.87
CA THR B 195 -3.97 28.64 18.56
C THR B 195 -3.20 29.96 18.37
N PHE B 196 -1.89 29.86 18.08
CA PHE B 196 -1.07 31.04 17.89
C PHE B 196 -1.03 31.59 16.46
N ASP B 197 -0.78 32.90 16.35
CA ASP B 197 -0.50 33.58 15.07
C ASP B 197 1.04 33.65 15.02
N PRO B 198 1.69 32.78 14.22
CA PRO B 198 3.13 32.75 14.28
C PRO B 198 3.79 34.01 13.66
N ALA B 199 3.04 34.79 12.90
CA ALA B 199 3.61 36.00 12.34
C ALA B 199 3.72 37.09 13.42
N SER B 200 3.17 36.86 14.63
CA SER B 200 3.09 37.87 15.66
C SER B 200 4.28 37.81 16.59
N GLY B 201 5.29 37.04 16.22
CA GLY B 201 6.58 37.07 16.92
C GLY B 201 7.66 36.61 15.96
N SER B 202 8.84 36.38 16.50
CA SER B 202 9.97 35.82 15.68
C SER B 202 10.78 34.97 16.67
N ALA B 203 11.68 34.10 16.16
CA ALA B 203 12.32 33.14 17.06
C ALA B 203 12.94 33.89 18.26
N GLY B 204 12.62 33.41 19.48
CA GLY B 204 13.10 33.94 20.77
C GLY B 204 12.19 34.97 21.48
N ASN B 205 11.25 35.56 20.75
CA ASN B 205 10.35 36.61 21.25
CA ASN B 205 10.38 36.53 21.38
C ASN B 205 8.91 36.08 21.31
N THR B 206 8.21 36.44 22.36
CA THR B 206 6.87 35.95 22.63
C THR B 206 5.94 36.30 21.47
N SER B 207 5.18 35.32 20.98
CA SER B 207 4.13 35.62 20.06
C SER B 207 3.04 36.51 20.65
N GLN B 208 2.75 37.66 20.01
CA GLN B 208 1.79 38.61 20.60
C GLN B 208 0.36 38.29 20.43
N VAL B 209 -0.02 37.53 19.43
CA VAL B 209 -1.38 37.29 19.06
C VAL B 209 -1.72 35.83 19.21
N ILE B 210 -2.72 35.57 20.06
CA ILE B 210 -3.09 34.19 20.48
C ILE B 210 -4.64 34.11 20.48
N TYR B 211 -5.20 33.07 19.89
CA TYR B 211 -6.63 32.85 19.84
C TYR B 211 -6.92 31.68 20.73
N VAL B 212 -8.08 31.74 21.41
CA VAL B 212 -8.47 30.66 22.33
C VAL B 212 -9.92 30.35 22.12
N GLY B 213 -10.22 29.07 21.99
CA GLY B 213 -11.59 28.55 21.92
C GLY B 213 -12.13 28.12 23.28
N VAL B 214 -13.39 28.54 23.56
CA VAL B 214 -14.04 28.24 24.83
C VAL B 214 -15.39 27.62 24.50
N ALA B 215 -15.70 26.57 25.26
CA ALA B 215 -17.03 25.96 25.18
C ALA B 215 -18.07 26.79 25.93
N ASP B 216 -18.48 27.83 25.23
CA ASP B 216 -19.50 28.83 25.70
C ASP B 216 -20.15 29.32 24.43
N THR B 217 -21.43 29.07 24.24
CA THR B 217 -22.06 29.46 23.00
C THR B 217 -22.05 30.94 22.71
N GLN B 218 -22.01 31.76 23.77
CA GLN B 218 -22.03 33.20 23.60
C GLN B 218 -20.69 33.88 23.57
N ASN B 219 -19.64 33.10 23.86
CA ASN B 219 -18.24 33.66 23.92
C ASN B 219 -17.26 32.58 23.53
N ALA B 220 -17.39 32.13 22.30
CA ALA B 220 -16.65 30.96 21.86
C ALA B 220 -15.18 31.30 21.57
N ILE B 221 -14.86 32.54 21.25
CA ILE B 221 -13.46 32.87 20.80
C ILE B 221 -12.92 34.08 21.56
N TYR B 222 -11.75 33.93 22.14
CA TYR B 222 -11.04 35.00 22.82
C TYR B 222 -9.70 35.22 22.09
N ARG B 223 -9.14 36.41 22.26
CA ARG B 223 -7.89 36.77 21.64
C ARG B 223 -7.11 37.62 22.59
N SER B 224 -5.80 37.42 22.60
CA SER B 224 -4.84 38.38 23.16
C SER B 224 -4.06 38.96 22.04
N THR B 225 -3.72 40.24 22.14
CA THR B 225 -2.85 40.89 21.19
C THR B 225 -1.59 41.46 21.85
N ASP B 226 -1.40 41.11 23.11
CA ASP B 226 -0.26 41.57 23.89
C ASP B 226 0.50 40.39 24.53
N GLY B 227 0.57 39.28 23.84
CA GLY B 227 1.37 38.17 24.32
C GLY B 227 0.79 37.45 25.53
N GLY B 228 -0.54 37.51 25.66
CA GLY B 228 -1.21 36.84 26.80
C GLY B 228 -1.27 37.58 28.10
N THR B 229 -0.90 38.85 28.08
CA THR B 229 -1.07 39.70 29.27
C THR B 229 -2.53 40.03 29.54
N THR B 230 -3.28 40.32 28.46
CA THR B 230 -4.73 40.57 28.56
C THR B 230 -5.50 39.84 27.48
N TRP B 231 -6.77 39.62 27.73
CA TRP B 231 -7.61 38.80 26.88
C TRP B 231 -8.96 39.47 26.71
N SER B 232 -9.53 39.32 25.52
CA SER B 232 -10.92 39.78 25.37
C SER B 232 -11.65 38.92 24.35
N ARG B 233 -12.96 38.90 24.45
CA ARG B 233 -13.78 38.22 23.44
C ARG B 233 -13.58 38.80 22.06
N LEU B 234 -13.42 37.99 21.02
CA LEU B 234 -13.18 38.53 19.71
C LEU B 234 -14.45 39.16 19.08
N ALA B 235 -14.34 40.46 18.77
CA ALA B 235 -15.55 41.18 18.33
C ALA B 235 -16.08 40.62 17.03
N GLY B 236 -17.40 40.60 16.93
CA GLY B 236 -18.08 40.25 15.67
C GLY B 236 -18.29 38.81 15.42
N GLN B 237 -17.85 38.01 16.42
CA GLN B 237 -17.91 36.55 16.26
C GLN B 237 -19.35 36.03 16.28
N PRO B 238 -19.63 34.91 15.62
CA PRO B 238 -20.99 34.31 15.69
C PRO B 238 -21.26 33.75 17.11
N THR B 239 -22.55 33.55 17.39
CA THR B 239 -22.95 32.90 18.61
C THR B 239 -23.86 31.70 18.32
N GLY B 240 -24.00 30.88 19.33
CA GLY B 240 -24.91 29.76 19.35
C GLY B 240 -24.30 28.37 19.32
N PHE B 241 -22.97 28.29 19.13
CA PHE B 241 -22.32 27.01 18.93
C PHE B 241 -20.91 26.98 19.62
N LEU B 242 -20.38 25.76 19.69
CA LEU B 242 -19.13 25.48 20.39
C LEU B 242 -18.03 25.24 19.39
N PRO B 243 -16.83 25.75 19.62
CA PRO B 243 -15.77 25.66 18.59
C PRO B 243 -14.86 24.44 18.78
N HIS B 244 -15.06 23.41 17.95
CA HIS B 244 -14.30 22.21 18.09
C HIS B 244 -12.86 22.42 17.67
N LYS B 245 -12.63 23.30 16.67
CA LYS B 245 -11.30 23.51 16.13
C LYS B 245 -11.12 24.95 15.70
N GLY B 246 -9.88 25.43 15.88
CA GLY B 246 -9.49 26.73 15.41
C GLY B 246 -8.11 26.63 14.81
N VAL B 247 -8.05 26.88 13.50
CA VAL B 247 -6.77 26.69 12.74
C VAL B 247 -6.39 28.00 12.10
N TYR B 248 -5.16 28.44 12.33
CA TYR B 248 -4.73 29.73 11.86
C TYR B 248 -3.74 29.59 10.73
N ASP B 249 -3.94 30.40 9.68
CA ASP B 249 -3.05 30.44 8.52
C ASP B 249 -2.38 31.79 8.46
N ALA B 250 -1.07 31.85 8.69
CA ALA B 250 -0.39 33.17 8.69
C ALA B 250 -0.07 33.62 7.27
N VAL B 251 -0.13 32.71 6.29
CA VAL B 251 0.12 33.16 4.89
C VAL B 251 -0.95 34.12 4.44
N ASN B 252 -2.20 33.78 4.66
CA ASN B 252 -3.33 34.66 4.32
C ASN B 252 -3.87 35.45 5.53
N GLY B 253 -3.39 35.15 6.70
CA GLY B 253 -3.80 35.85 7.91
C GLY B 253 -5.23 35.60 8.33
N VAL B 254 -5.61 34.29 8.42
CA VAL B 254 -7.01 33.92 8.57
C VAL B 254 -7.13 32.88 9.63
N LEU B 255 -8.11 33.05 10.52
CA LEU B 255 -8.49 31.99 11.46
C LEU B 255 -9.76 31.30 10.96
N TYR B 256 -9.68 29.97 10.81
CA TYR B 256 -10.83 29.16 10.45
C TYR B 256 -11.31 28.47 11.73
N ILE B 257 -12.62 28.40 11.92
CA ILE B 257 -13.19 27.76 13.11
C ILE B 257 -14.32 26.86 12.67
N ALA B 258 -14.34 25.64 13.20
CA ALA B 258 -15.39 24.65 12.94
C ALA B 258 -16.18 24.56 14.27
N TYR B 259 -17.48 24.74 14.18
CA TYR B 259 -18.40 24.73 15.30
C TYR B 259 -19.42 23.63 15.21
N SER B 260 -19.89 23.22 16.38
CA SER B 260 -20.98 22.26 16.53
C SER B 260 -21.86 22.64 17.73
N ASP B 261 -23.04 22.07 17.78
CA ASP B 261 -23.97 22.39 18.88
C ASP B 261 -23.74 21.54 20.14
N THR B 262 -22.86 20.58 20.10
CA THR B 262 -22.47 19.81 21.24
C THR B 262 -20.95 19.66 21.30
N GLY B 263 -20.46 19.14 22.41
CA GLY B 263 -19.03 18.92 22.56
C GLY B 263 -18.45 17.74 21.88
N GLY B 264 -19.31 16.84 21.38
CA GLY B 264 -18.84 15.60 20.81
C GLY B 264 -18.31 14.65 21.87
N PRO B 265 -17.83 13.47 21.46
CA PRO B 265 -17.58 13.05 20.07
C PRO B 265 -18.69 12.24 19.42
N TYR B 266 -19.76 11.95 20.17
CA TYR B 266 -20.78 11.07 19.66
C TYR B 266 -21.97 11.73 19.03
N ASP B 267 -22.07 13.03 19.12
CA ASP B 267 -23.24 13.77 18.67
C ASP B 267 -22.85 15.07 18.02
N GLY B 268 -23.83 15.88 17.66
CA GLY B 268 -23.63 17.08 16.87
C GLY B 268 -24.66 17.10 15.77
N ALA B 269 -25.61 18.02 15.83
CA ALA B 269 -26.73 18.11 14.89
C ALA B 269 -26.72 19.38 14.02
N LYS B 270 -25.91 20.36 14.38
CA LYS B 270 -25.86 21.66 13.67
C LYS B 270 -24.53 22.33 13.97
N GLY B 271 -24.14 23.25 13.08
CA GLY B 271 -22.92 23.98 13.26
C GLY B 271 -22.62 24.79 11.99
N ASP B 272 -21.43 25.37 12.00
CA ASP B 272 -20.98 26.30 10.92
C ASP B 272 -19.49 26.20 10.83
N VAL B 273 -18.93 26.69 9.73
CA VAL B 273 -17.54 26.94 9.59
C VAL B 273 -17.38 28.40 9.26
N TRP B 274 -16.59 29.09 10.09
CA TRP B 274 -16.35 30.52 9.89
C TRP B 274 -14.91 30.85 9.58
N LYS B 275 -14.72 31.96 8.85
CA LYS B 275 -13.42 32.50 8.51
C LYS B 275 -13.30 33.91 9.03
N PHE B 276 -12.25 34.16 9.84
CA PHE B 276 -12.00 35.50 10.42
C PHE B 276 -10.73 36.02 9.76
N THR B 277 -10.82 37.14 9.00
CA THR B 277 -9.63 37.73 8.37
C THR B 277 -9.06 38.79 9.27
N ALA B 278 -7.91 38.52 9.88
CA ALA B 278 -7.37 39.36 10.94
C ALA B 278 -7.04 40.79 10.50
N SER B 279 -6.59 40.97 9.27
CA SER B 279 -6.16 42.32 8.84
C SER B 279 -7.32 43.30 8.81
N SER B 280 -8.52 42.83 8.48
CA SER B 280 -9.67 43.69 8.32
C SER B 280 -10.70 43.43 9.39
N GLY B 281 -10.54 42.37 10.20
CA GLY B 281 -11.60 42.00 11.13
C GLY B 281 -12.88 41.45 10.56
N THR B 282 -12.83 40.95 9.35
CA THR B 282 -14.00 40.49 8.63
C THR B 282 -14.33 39.05 9.05
N TRP B 283 -15.60 38.79 9.20
CA TRP B 283 -16.13 37.43 9.40
C TRP B 283 -16.94 36.98 8.20
N THR B 284 -16.71 35.75 7.76
CA THR B 284 -17.43 35.14 6.66
C THR B 284 -17.83 33.72 7.04
N ASN B 285 -19.12 33.42 6.84
CA ASN B 285 -19.60 32.06 7.01
C ASN B 285 -19.28 31.27 5.78
N ILE B 286 -18.31 30.37 5.89
CA ILE B 286 -17.86 29.58 4.78
C ILE B 286 -18.33 28.11 4.87
N SER B 287 -19.42 27.84 5.60
CA SER B 287 -19.92 26.49 5.76
C SER B 287 -20.20 25.89 4.42
N PRO B 288 -19.81 24.63 4.27
CA PRO B 288 -20.28 23.92 3.04
C PRO B 288 -21.80 23.97 3.01
N ILE B 289 -22.44 23.68 4.17
CA ILE B 289 -23.86 23.79 4.36
C ILE B 289 -24.09 24.52 5.70
N PRO B 290 -24.67 25.71 5.69
CA PRO B 290 -24.77 26.51 6.93
C PRO B 290 -25.87 26.06 7.83
N SER B 291 -25.74 26.29 9.14
CA SER B 291 -26.76 25.88 10.05
C SER B 291 -28.15 26.49 9.74
N SER B 292 -28.20 27.61 9.03
CA SER B 292 -29.48 28.20 8.61
C SER B 292 -30.22 27.30 7.61
N SER B 293 -29.58 26.31 7.02
CA SER B 293 -30.25 25.40 6.12
C SER B 293 -30.78 24.23 6.88
N SER B 294 -32.01 23.88 6.61
CA SER B 294 -32.54 22.65 7.20
C SER B 294 -31.93 21.40 6.64
N ASP B 295 -31.22 21.47 5.53
CA ASP B 295 -30.46 20.36 5.06
C ASP B 295 -29.28 19.90 5.99
N LEU B 296 -28.80 20.80 6.84
CA LEU B 296 -27.65 20.45 7.72
C LEU B 296 -28.19 19.74 8.92
N TYR B 297 -27.65 18.54 9.21
CA TYR B 297 -28.03 17.69 10.35
C TYR B 297 -26.82 17.21 11.14
N PHE B 298 -25.71 17.95 11.00
CA PHE B 298 -24.51 17.70 11.76
C PHE B 298 -23.81 19.03 12.02
N GLY B 299 -22.93 19.01 13.02
CA GLY B 299 -21.97 20.08 13.13
C GLY B 299 -20.70 19.77 12.41
N TYR B 300 -19.69 20.62 12.63
CA TYR B 300 -18.43 20.45 11.98
C TYR B 300 -17.26 20.27 12.91
N SER B 301 -16.31 19.45 12.45
CA SER B 301 -14.99 19.33 13.08
C SER B 301 -14.07 18.81 12.00
N GLY B 302 -12.95 18.20 12.41
CA GLY B 302 -12.06 17.66 11.40
C GLY B 302 -11.55 18.76 10.46
N LEU B 303 -11.31 19.93 11.01
CA LEU B 303 -10.81 21.11 10.26
C LEU B 303 -9.29 21.01 10.11
N THR B 304 -8.82 21.14 8.88
CA THR B 304 -7.36 21.09 8.66
C THR B 304 -7.03 21.98 7.45
N ILE B 305 -5.87 22.59 7.46
CA ILE B 305 -5.40 23.43 6.37
C ILE B 305 -4.17 22.71 5.79
N ASP B 306 -4.00 22.76 4.48
CA ASP B 306 -2.83 22.23 3.77
C ASP B 306 -1.69 23.25 3.92
N ARG B 307 -0.68 23.00 4.75
CA ARG B 307 0.33 24.02 4.99
C ARG B 307 1.12 24.34 3.72
N LYS B 308 1.40 23.34 2.90
CA LYS B 308 2.13 23.58 1.62
C LYS B 308 1.30 24.40 0.63
N ASN B 309 -0.02 24.38 0.74
CA ASN B 309 -0.94 25.06 -0.17
C ASN B 309 -2.11 25.55 0.63
N PRO B 310 -1.93 26.66 1.34
CA PRO B 310 -2.90 27.02 2.39
C PRO B 310 -4.21 27.62 1.94
N ASN B 311 -4.41 27.79 0.66
CA ASN B 311 -5.76 28.06 0.13
C ASN B 311 -6.61 26.76 0.18
N THR B 312 -5.97 25.62 0.44
CA THR B 312 -6.67 24.36 0.53
C THR B 312 -6.98 24.01 1.97
N LEU B 313 -8.23 23.73 2.26
CA LEU B 313 -8.63 23.25 3.59
C LEU B 313 -9.74 22.23 3.50
N MET B 314 -9.89 21.44 4.56
CA MET B 314 -10.93 20.45 4.68
C MET B 314 -11.62 20.56 6.04
N VAL B 315 -12.85 20.05 6.05
CA VAL B 315 -13.67 19.93 7.26
C VAL B 315 -14.59 18.72 7.09
N ALA B 316 -15.16 18.25 8.22
CA ALA B 316 -15.92 17.03 8.20
C ALA B 316 -17.14 17.10 9.13
N SER B 317 -18.05 16.17 8.94
CA SER B 317 -19.28 16.15 9.73
C SER B 317 -19.02 15.65 11.16
N GLN B 318 -19.57 16.39 12.11
CA GLN B 318 -19.52 16.05 13.53
C GLN B 318 -20.94 16.23 14.06
N ILE B 319 -21.81 15.22 13.94
CA ILE B 319 -21.55 13.85 13.41
C ILE B 319 -22.63 13.45 12.44
N ALA B 320 -22.23 12.81 11.36
CA ALA B 320 -23.17 12.07 10.49
C ALA B 320 -22.95 10.63 10.66
N TRP B 321 -23.88 9.95 11.36
CA TRP B 321 -23.86 8.51 11.50
C TRP B 321 -24.51 7.87 10.28
N TRP B 322 -25.36 8.60 9.62
CA TRP B 322 -26.06 8.14 8.41
C TRP B 322 -26.01 9.16 7.30
N PRO B 323 -25.82 8.71 6.03
CA PRO B 323 -25.48 7.35 5.68
C PRO B 323 -24.01 6.96 6.05
N ASP B 324 -23.18 7.99 6.27
CA ASP B 324 -21.75 7.84 6.60
C ASP B 324 -21.26 9.27 6.90
N ALA B 325 -20.02 9.37 7.37
CA ALA B 325 -19.35 10.68 7.42
C ALA B 325 -19.36 11.35 6.09
N VAL B 326 -19.27 12.67 6.10
CA VAL B 326 -19.01 13.45 4.92
C VAL B 326 -17.78 14.31 5.20
N PHE B 327 -16.87 14.35 4.24
CA PHE B 327 -15.72 15.29 4.23
C PHE B 327 -15.89 16.29 3.15
N PHE B 328 -15.47 17.52 3.37
CA PHE B 328 -15.52 18.61 2.38
C PHE B 328 -14.15 19.17 2.14
N ARG B 329 -13.89 19.62 0.91
CA ARG B 329 -12.61 20.14 0.52
C ARG B 329 -12.82 21.45 -0.26
N SER B 330 -12.02 22.46 0.07
CA SER B 330 -11.99 23.68 -0.70
C SER B 330 -10.56 23.95 -1.11
N THR B 331 -10.36 24.51 -2.30
CA THR B 331 -9.00 24.86 -2.74
C THR B 331 -8.93 26.36 -2.91
N ASN B 332 -9.98 27.10 -2.50
CA ASN B 332 -9.99 28.55 -2.68
C ASN B 332 -10.35 29.31 -1.36
N GLY B 333 -9.87 28.79 -0.24
CA GLY B 333 -10.06 29.47 1.07
C GLY B 333 -11.48 29.49 1.57
N GLY B 334 -12.27 28.50 1.18
CA GLY B 334 -13.60 28.37 1.60
C GLY B 334 -14.69 29.07 0.74
N ALA B 335 -14.28 29.64 -0.37
CA ALA B 335 -15.25 30.28 -1.28
C ALA B 335 -16.21 29.25 -1.88
N SER B 336 -15.74 28.07 -2.18
CA SER B 336 -16.58 26.96 -2.64
C SER B 336 -15.96 25.63 -2.22
N TRP B 337 -16.82 24.63 -2.16
CA TRP B 337 -16.44 23.32 -1.70
C TRP B 337 -16.92 22.22 -2.60
N THR B 338 -16.26 21.06 -2.52
CA THR B 338 -16.81 19.83 -3.02
C THR B 338 -16.76 18.80 -1.90
N ARG B 339 -17.45 17.67 -2.06
CA ARG B 339 -17.62 16.72 -0.97
C ARG B 339 -17.22 15.35 -1.44
N ILE B 340 -16.87 14.51 -0.47
CA ILE B 340 -16.24 13.22 -0.81
C ILE B 340 -17.22 12.22 -1.40
N TRP B 341 -18.53 12.40 -1.14
CA TRP B 341 -19.54 11.60 -1.83
C TRP B 341 -20.73 12.50 -2.10
N ASP B 342 -21.55 12.10 -3.09
CA ASP B 342 -22.77 12.85 -3.46
C ASP B 342 -23.86 11.91 -3.77
N TRP B 343 -25.11 12.25 -3.39
CA TRP B 343 -26.24 11.53 -3.94
C TRP B 343 -26.29 11.67 -5.46
N THR B 344 -26.56 10.60 -6.12
CA THR B 344 -26.75 10.59 -7.60
C THR B 344 -28.27 10.51 -7.83
N SER B 345 -28.82 9.32 -7.51
CA SER B 345 -30.26 9.06 -7.40
C SER B 345 -30.47 8.21 -6.17
N TYR B 346 -30.94 8.88 -5.11
CA TYR B 346 -31.14 8.25 -3.86
C TYR B 346 -31.76 6.91 -4.00
N PRO B 347 -31.23 5.80 -3.39
CA PRO B 347 -30.15 5.74 -2.39
C PRO B 347 -28.72 5.56 -2.92
N SER B 348 -28.50 5.71 -4.22
CA SER B 348 -27.17 5.61 -4.82
C SER B 348 -26.38 6.87 -4.61
N ARG B 349 -25.05 6.67 -4.47
CA ARG B 349 -24.07 7.74 -4.38
C ARG B 349 -22.93 7.57 -5.35
N SER B 350 -22.30 8.67 -5.66
CA SER B 350 -21.00 8.71 -6.31
C SER B 350 -19.97 9.06 -5.21
N PHE B 351 -18.73 8.59 -5.44
CA PHE B 351 -17.67 8.68 -4.44
C PHE B 351 -16.37 9.30 -4.99
N ARG B 352 -15.74 10.19 -4.20
CA ARG B 352 -14.39 10.65 -4.51
C ARG B 352 -13.30 9.87 -3.76
N TYR B 353 -13.66 8.69 -3.31
CA TYR B 353 -12.70 7.80 -2.59
C TYR B 353 -13.08 6.33 -2.86
N THR B 354 -12.04 5.50 -2.68
CA THR B 354 -12.16 4.08 -2.42
C THR B 354 -11.41 3.70 -1.17
N MET B 355 -11.69 2.51 -0.67
CA MET B 355 -11.15 2.11 0.61
C MET B 355 -10.70 0.66 0.48
N ASP B 356 -9.50 0.41 0.99
CA ASP B 356 -8.87 -0.90 0.94
C ASP B 356 -8.56 -1.26 2.42
N ILE B 357 -9.24 -2.25 2.94
CA ILE B 357 -8.96 -2.77 4.26
C ILE B 357 -8.40 -4.18 4.30
N THR B 358 -7.72 -4.53 3.21
CA THR B 358 -7.17 -5.87 3.18
C THR B 358 -6.11 -6.16 4.27
N GLU B 359 -5.51 -5.12 4.85
CA GLU B 359 -4.57 -5.33 5.98
C GLU B 359 -5.28 -5.39 7.33
N VAL B 360 -6.54 -4.95 7.41
CA VAL B 360 -7.34 -4.97 8.68
C VAL B 360 -8.76 -5.39 8.28
N PRO B 361 -8.92 -6.68 7.89
CA PRO B 361 -10.19 -6.99 7.14
C PRO B 361 -11.45 -7.01 8.02
N TRP B 362 -11.27 -7.02 9.32
CA TRP B 362 -12.41 -6.99 10.19
C TRP B 362 -13.09 -5.63 10.27
N LEU B 363 -12.56 -4.58 9.65
CA LEU B 363 -13.22 -3.31 9.61
C LEU B 363 -14.52 -3.28 8.77
N ASN B 364 -14.90 -4.37 8.13
CA ASN B 364 -16.26 -4.47 7.57
C ASN B 364 -17.24 -4.99 8.62
N PHE B 365 -16.80 -5.25 9.84
CA PHE B 365 -17.62 -5.73 10.93
C PHE B 365 -18.36 -7.00 10.53
N GLY B 366 -17.78 -7.78 9.62
CA GLY B 366 -18.41 -9.09 9.20
C GLY B 366 -19.52 -8.92 8.18
N ASN B 367 -19.77 -7.69 7.76
CA ASN B 367 -20.92 -7.36 6.86
C ASN B 367 -20.42 -7.05 5.46
N SER B 368 -20.55 -8.02 4.53
CA SER B 368 -20.19 -7.81 3.18
C SER B 368 -21.46 -7.63 2.26
N ASN B 369 -22.61 -7.36 2.87
CA ASN B 369 -23.94 -7.17 2.16
C ASN B 369 -24.71 -6.03 2.77
N PRO B 370 -24.08 -4.83 2.85
CA PRO B 370 -24.75 -3.68 3.43
C PRO B 370 -25.94 -3.27 2.57
N VAL B 371 -26.93 -2.74 3.23
CA VAL B 371 -28.15 -2.22 2.54
C VAL B 371 -27.96 -0.75 2.24
N ALA B 372 -28.07 -0.41 0.96
CA ALA B 372 -27.96 0.99 0.45
C ALA B 372 -28.89 1.88 1.24
N PRO B 373 -28.44 3.11 1.62
CA PRO B 373 -27.25 3.79 1.17
C PRO B 373 -25.96 3.48 1.96
N GLU B 374 -25.94 2.56 2.90
CA GLU B 374 -24.68 2.27 3.61
C GLU B 374 -23.75 1.40 2.81
N VAL B 375 -22.47 1.64 2.98
CA VAL B 375 -21.43 0.75 2.43
C VAL B 375 -20.70 0.11 3.63
N SER B 376 -19.88 -0.90 3.38
CA SER B 376 -19.11 -1.54 4.40
C SER B 376 -17.80 -2.04 3.87
N PRO B 377 -16.68 -1.62 4.43
CA PRO B 377 -16.52 -0.65 5.54
C PRO B 377 -17.09 0.73 5.21
N LYS B 378 -17.37 1.47 6.26
CA LYS B 378 -17.75 2.85 6.14
C LYS B 378 -16.57 3.77 6.10
N LEU B 379 -16.81 4.97 5.60
CA LEU B 379 -15.84 6.01 5.62
C LEU B 379 -15.38 6.37 7.03
N GLY B 380 -16.32 6.44 7.96
CA GLY B 380 -15.96 6.74 9.32
C GLY B 380 -17.06 7.30 10.13
N TRP B 381 -16.71 7.56 11.38
CA TRP B 381 -17.58 8.22 12.34
C TRP B 381 -16.69 8.70 13.47
N MET B 382 -17.17 9.62 14.29
CA MET B 382 -16.38 10.25 15.31
C MET B 382 -15.05 10.85 14.79
N ASN B 383 -15.13 11.42 13.60
CA ASN B 383 -14.00 11.85 12.82
C ASN B 383 -13.65 13.33 13.17
N GLU B 384 -13.37 13.51 14.47
CA GLU B 384 -12.95 14.82 15.01
C GLU B 384 -11.62 15.30 14.50
N SER B 385 -10.67 14.35 14.39
CA SER B 385 -9.33 14.68 13.92
C SER B 385 -9.14 14.23 12.46
N VAL B 386 -9.04 15.21 11.56
CA VAL B 386 -8.75 14.96 10.14
C VAL B 386 -7.63 15.94 9.86
N GLU B 387 -6.49 15.44 9.35
CA GLU B 387 -5.28 16.19 9.27
C GLU B 387 -4.51 15.93 7.99
N ILE B 388 -4.29 17.04 7.27
CA ILE B 388 -3.40 17.08 6.11
C ILE B 388 -1.99 17.20 6.61
N ASP B 389 -1.10 16.38 6.05
CA ASP B 389 0.34 16.37 6.37
C ASP B 389 0.92 17.72 5.96
N PRO B 390 1.48 18.47 6.93
CA PRO B 390 2.05 19.81 6.60
C PRO B 390 3.29 19.73 5.72
N HIS B 391 3.79 18.54 5.47
CA HIS B 391 4.96 18.34 4.60
C HIS B 391 4.60 17.64 3.27
N ASN B 392 3.35 17.27 3.10
CA ASN B 392 2.95 16.54 1.86
C ASN B 392 1.43 16.74 1.66
N SER B 393 1.08 17.62 0.72
CA SER B 393 -0.29 17.83 0.40
C SER B 393 -1.09 16.59 0.00
N ASN B 394 -0.41 15.54 -0.42
CA ASN B 394 -1.04 14.33 -0.80
C ASN B 394 -1.39 13.39 0.32
N ARG B 395 -0.88 13.67 1.51
CA ARG B 395 -1.18 12.77 2.64
C ARG B 395 -2.17 13.37 3.60
N LEU B 396 -3.15 12.57 3.97
CA LEU B 396 -4.08 12.94 5.03
C LEU B 396 -4.36 11.72 5.88
N MET B 397 -4.59 11.98 7.17
CA MET B 397 -4.92 10.93 8.15
C MET B 397 -6.11 11.41 8.95
N TYR B 398 -6.96 10.49 9.33
CA TYR B 398 -8.07 10.82 10.24
C TYR B 398 -8.37 9.68 11.17
N GLY B 399 -8.84 10.05 12.38
CA GLY B 399 -9.26 9.11 13.37
C GLY B 399 -10.74 8.85 13.30
N THR B 400 -11.12 7.59 13.52
CA THR B 400 -12.49 7.28 13.78
C THR B 400 -12.64 6.65 15.19
N GLY B 401 -13.85 6.21 15.52
CA GLY B 401 -14.07 5.38 16.68
C GLY B 401 -13.42 4.00 16.70
N ALA B 402 -12.88 3.58 15.55
CA ALA B 402 -12.29 2.22 15.49
C ALA B 402 -10.92 2.19 14.88
N THR B 403 -10.44 3.24 14.23
CA THR B 403 -9.20 3.08 13.44
C THR B 403 -8.61 4.48 13.09
N ILE B 404 -7.48 4.47 12.37
CA ILE B 404 -6.95 5.62 11.64
C ILE B 404 -6.96 5.22 10.18
N TYR B 405 -7.57 6.03 9.32
CA TYR B 405 -7.44 5.87 7.88
C TYR B 405 -6.50 6.91 7.33
N ALA B 406 -5.80 6.55 6.23
CA ALA B 406 -4.82 7.48 5.60
C ALA B 406 -4.93 7.36 4.11
N THR B 407 -4.64 8.47 3.45
CA THR B 407 -4.44 8.48 2.02
C THR B 407 -3.10 9.06 1.72
N GLU B 408 -2.50 8.61 0.61
CA GLU B 408 -1.24 9.19 0.04
C GLU B 408 -1.46 9.82 -1.31
N ASN B 409 -2.71 9.93 -1.78
CA ASN B 409 -2.99 10.53 -3.06
C ASN B 409 -4.17 11.55 -2.96
N LEU B 410 -4.13 12.37 -1.91
CA LEU B 410 -5.21 13.31 -1.64
C LEU B 410 -5.55 14.27 -2.77
N THR B 411 -4.52 14.77 -3.47
CA THR B 411 -4.81 15.78 -4.49
C THR B 411 -5.48 15.17 -5.75
N SER B 412 -5.52 13.87 -5.84
CA SER B 412 -6.35 13.24 -6.88
C SER B 412 -7.75 13.72 -6.84
N TRP B 413 -8.22 14.07 -5.64
CA TRP B 413 -9.54 14.72 -5.52
C TRP B 413 -9.73 15.94 -6.43
N ASP B 414 -8.70 16.75 -6.53
CA ASP B 414 -8.81 18.02 -7.27
C ASP B 414 -8.85 17.82 -8.78
N SER B 415 -8.34 16.69 -9.27
CA SER B 415 -8.40 16.34 -10.72
C SER B 415 -9.52 15.43 -11.05
N GLY B 416 -10.54 15.32 -10.19
CA GLY B 416 -11.69 14.48 -10.51
C GLY B 416 -11.53 13.00 -10.18
N GLY B 417 -10.43 12.60 -9.51
CA GLY B 417 -10.15 11.20 -9.15
C GLY B 417 -10.68 10.78 -7.82
N GLN B 418 -10.41 9.54 -7.46
CA GLN B 418 -10.83 8.98 -6.23
C GLN B 418 -9.62 8.73 -5.40
N ILE B 419 -9.54 9.37 -4.23
CA ILE B 419 -8.46 9.11 -3.34
C ILE B 419 -8.54 7.68 -2.81
N LEU B 420 -7.41 7.06 -2.42
CA LEU B 420 -7.43 5.74 -1.79
C LEU B 420 -7.18 5.85 -0.30
N LEU B 421 -8.10 5.32 0.49
CA LEU B 421 -7.97 5.28 1.94
C LEU B 421 -7.71 3.85 2.42
N LYS B 422 -6.74 3.71 3.34
CA LYS B 422 -6.40 2.48 3.96
C LYS B 422 -6.12 2.69 5.44
N PRO B 423 -6.36 1.65 6.25
CA PRO B 423 -5.96 1.78 7.64
C PRO B 423 -4.47 2.02 7.78
N MET B 424 -4.16 2.70 8.87
CA MET B 424 -2.77 3.11 9.21
C MET B 424 -2.62 2.98 10.72
N VAL B 425 -2.73 1.74 11.20
CA VAL B 425 -2.75 1.42 12.64
C VAL B 425 -1.85 0.26 13.10
N LYS B 426 -0.88 -0.19 12.29
CA LYS B 426 0.02 -1.22 12.78
C LYS B 426 0.75 -0.67 14.02
N GLY B 427 0.74 -1.42 15.11
CA GLY B 427 1.40 -1.01 16.36
C GLY B 427 0.50 -0.28 17.33
N LEU B 428 -0.58 0.29 16.84
CA LEU B 428 -1.51 1.05 17.68
C LEU B 428 -2.57 0.07 18.10
N GLU B 429 -2.56 -0.36 19.35
CA GLU B 429 -3.40 -1.41 19.83
C GLU B 429 -4.21 -0.86 20.97
N GLU B 430 -5.48 -0.64 20.74
CA GLU B 430 -6.32 0.19 21.63
C GLU B 430 -7.51 -0.49 22.28
N THR B 431 -7.67 -1.78 22.09
CA THR B 431 -8.84 -2.46 22.60
C THR B 431 -8.81 -2.74 24.08
N ALA B 432 -10.02 -2.85 24.63
CA ALA B 432 -10.24 -3.37 25.98
C ALA B 432 -10.52 -4.83 25.94
N VAL B 433 -9.74 -5.62 26.72
CA VAL B 433 -9.89 -7.08 26.75
C VAL B 433 -10.73 -7.48 27.94
N LEU B 434 -11.82 -8.12 27.67
CA LEU B 434 -12.77 -8.48 28.69
C LEU B 434 -12.65 -9.93 29.17
N ASP B 435 -12.23 -10.82 28.29
CA ASP B 435 -11.97 -12.20 28.62
C ASP B 435 -11.01 -12.73 27.59
N VAL B 436 -10.40 -13.89 27.88
CA VAL B 436 -9.37 -14.46 26.97
C VAL B 436 -9.25 -15.93 27.35
N VAL B 437 -9.13 -16.82 26.38
CA VAL B 437 -8.87 -18.26 26.66
C VAL B 437 -7.80 -18.79 25.72
N SER B 438 -7.00 -19.71 26.22
CA SER B 438 -5.98 -20.44 25.41
C SER B 438 -6.27 -21.95 25.51
N PRO B 439 -6.93 -22.55 24.49
CA PRO B 439 -7.24 -23.97 24.60
C PRO B 439 -5.96 -24.79 24.35
N PRO B 440 -6.01 -26.08 24.73
CA PRO B 440 -4.82 -26.96 24.60
C PRO B 440 -4.63 -27.56 23.25
N VAL B 441 -5.53 -27.25 22.31
CA VAL B 441 -5.47 -27.66 20.90
C VAL B 441 -6.04 -26.52 20.05
N GLY B 442 -5.62 -26.44 18.81
CA GLY B 442 -6.15 -25.51 17.88
C GLY B 442 -5.44 -24.18 17.97
N ALA B 443 -6.17 -23.09 17.76
CA ALA B 443 -5.54 -21.75 17.78
C ALA B 443 -4.98 -21.45 19.19
N PRO B 444 -3.96 -20.59 19.24
CA PRO B 444 -3.33 -20.33 20.54
C PRO B 444 -4.17 -19.52 21.52
N VAL B 445 -5.04 -18.64 20.99
CA VAL B 445 -5.79 -17.76 21.86
C VAL B 445 -7.05 -17.25 21.19
N TYR B 446 -8.10 -17.03 22.01
CA TYR B 446 -9.33 -16.40 21.58
C TYR B 446 -9.52 -15.19 22.49
N SER B 447 -9.77 -14.00 21.89
CA SER B 447 -10.06 -12.83 22.63
C SER B 447 -11.52 -12.50 22.70
N ALA B 448 -11.92 -11.90 23.82
CA ALA B 448 -13.26 -11.32 24.01
C ALA B 448 -13.10 -9.85 24.34
N LEU B 449 -13.50 -8.99 23.39
CA LEU B 449 -13.10 -7.59 23.36
C LEU B 449 -14.32 -6.67 23.48
N GLY B 450 -14.14 -5.53 24.10
CA GLY B 450 -15.11 -4.48 23.94
C GLY B 450 -15.09 -3.94 22.53
N ALA B 451 -16.24 -3.45 22.09
CA ALA B 451 -16.47 -2.61 20.88
C ALA B 451 -16.37 -3.33 19.55
N ILE B 452 -15.44 -4.29 19.43
CA ILE B 452 -15.21 -5.00 18.17
C ILE B 452 -15.34 -6.50 18.34
N GLY B 453 -15.96 -6.94 19.44
CA GLY B 453 -16.31 -8.35 19.58
C GLY B 453 -15.18 -9.21 20.08
N GLY B 454 -14.12 -9.37 19.26
CA GLY B 454 -13.02 -10.29 19.55
C GLY B 454 -12.88 -11.39 18.51
N PHE B 455 -11.82 -12.17 18.65
CA PHE B 455 -11.40 -13.05 17.58
C PHE B 455 -10.77 -14.32 18.04
N ARG B 456 -10.83 -15.32 17.17
CA ARG B 456 -9.92 -16.41 17.23
C ARG B 456 -8.65 -15.96 16.55
N HIS B 457 -7.54 -16.14 17.21
CA HIS B 457 -6.24 -15.69 16.69
C HIS B 457 -5.49 -16.91 16.22
N ASP B 458 -5.53 -17.18 14.91
CA ASP B 458 -4.79 -18.35 14.41
C ASP B 458 -3.28 -18.15 14.44
N ASP B 459 -2.84 -16.89 14.33
CA ASP B 459 -1.43 -16.53 14.31
C ASP B 459 -1.29 -15.18 14.98
N LEU B 460 -0.56 -15.13 16.09
CA LEU B 460 -0.49 -13.87 16.89
C LEU B 460 0.11 -12.69 16.15
N THR B 461 0.79 -12.93 15.02
CA THR B 461 1.35 -11.89 14.18
C THR B 461 0.50 -11.41 13.06
N LYS B 462 -0.68 -12.01 12.86
CA LYS B 462 -1.55 -11.75 11.74
C LYS B 462 -2.91 -11.25 12.24
N VAL B 463 -3.35 -10.17 11.61
CA VAL B 463 -4.66 -9.62 11.96
C VAL B 463 -5.77 -10.59 11.56
N PRO B 464 -6.72 -10.94 12.47
CA PRO B 464 -7.81 -11.86 12.09
C PRO B 464 -8.71 -11.30 10.97
N THR B 465 -9.30 -12.17 10.15
CA THR B 465 -10.17 -11.72 9.11
C THR B 465 -11.49 -11.06 9.54
N SER B 466 -12.06 -11.62 10.60
CA SER B 466 -13.35 -11.15 11.11
C SER B 466 -13.44 -11.44 12.59
N MET B 467 -14.16 -10.57 13.27
CA MET B 467 -14.65 -10.86 14.61
CA MET B 467 -14.61 -10.90 14.61
C MET B 467 -15.71 -11.96 14.55
N TYR B 468 -16.09 -12.47 15.71
CA TYR B 468 -17.11 -13.54 15.76
C TYR B 468 -18.41 -13.04 15.14
N THR B 469 -19.11 -13.96 14.46
CA THR B 469 -20.42 -13.62 13.90
C THR B 469 -21.41 -14.73 14.26
N THR B 470 -22.66 -14.35 14.01
CA THR B 470 -23.82 -15.27 14.24
C THR B 470 -23.76 -15.98 15.61
N PRO B 471 -23.77 -15.22 16.72
CA PRO B 471 -24.03 -13.79 16.78
C PRO B 471 -22.75 -12.94 16.73
N ASN B 472 -22.94 -11.67 16.36
CA ASN B 472 -21.84 -10.67 16.33
C ASN B 472 -22.04 -9.73 17.46
N PHE B 473 -21.38 -9.95 18.60
CA PHE B 473 -21.55 -9.00 19.73
C PHE B 473 -20.73 -7.77 19.48
N SER B 474 -21.25 -6.59 19.88
CA SER B 474 -20.38 -5.44 19.96
C SER B 474 -19.23 -5.64 20.96
N SER B 475 -19.54 -6.19 22.12
CA SER B 475 -18.56 -6.52 23.14
C SER B 475 -18.85 -7.97 23.58
N THR B 476 -17.80 -8.77 23.61
CA THR B 476 -17.91 -10.16 24.15
C THR B 476 -17.40 -10.12 25.55
N THR B 477 -18.30 -10.39 26.53
CA THR B 477 -17.97 -10.15 27.92
C THR B 477 -17.30 -11.40 28.58
N SER B 478 -17.48 -12.59 28.00
CA SER B 478 -17.12 -13.84 28.61
C SER B 478 -17.06 -14.93 27.57
N ILE B 479 -16.01 -15.77 27.59
CA ILE B 479 -15.86 -16.86 26.64
C ILE B 479 -15.29 -18.08 27.42
N ASP B 480 -15.74 -19.26 27.07
CA ASP B 480 -15.23 -20.51 27.68
C ASP B 480 -15.15 -21.64 26.66
N PHE B 481 -14.34 -22.65 26.98
CA PHE B 481 -14.29 -23.85 26.17
C PHE B 481 -14.42 -25.05 27.13
N ALA B 482 -14.95 -26.13 26.61
CA ALA B 482 -15.06 -27.37 27.36
C ALA B 482 -13.68 -28.01 27.43
N GLU B 483 -13.13 -28.12 28.63
CA GLU B 483 -11.77 -28.52 28.80
C GLU B 483 -11.47 -29.82 28.10
N LEU B 484 -12.41 -30.79 28.21
CA LEU B 484 -12.17 -32.11 27.69
C LEU B 484 -12.56 -32.22 26.23
N GLN B 485 -13.19 -31.18 25.66
CA GLN B 485 -13.68 -31.21 24.28
C GLN B 485 -13.58 -29.77 23.73
N PRO B 486 -12.34 -29.29 23.54
CA PRO B 486 -12.17 -27.84 23.40
C PRO B 486 -12.73 -27.19 22.18
N ALA B 487 -13.10 -27.96 21.18
CA ALA B 487 -13.78 -27.34 20.04
C ALA B 487 -15.19 -26.86 20.39
N THR B 488 -15.75 -27.32 21.49
CA THR B 488 -17.03 -26.88 21.99
C THR B 488 -16.78 -25.66 22.87
N MET B 489 -17.36 -24.54 22.44
CA MET B 489 -17.15 -23.24 23.12
C MET B 489 -18.45 -22.50 23.20
N VAL B 490 -18.46 -21.53 24.14
CA VAL B 490 -19.60 -20.66 24.29
C VAL B 490 -19.06 -19.27 24.60
N ARG B 491 -19.82 -18.25 24.18
CA ARG B 491 -19.50 -16.85 24.52
C ARG B 491 -20.74 -16.07 24.74
N VAL B 492 -20.69 -15.11 25.60
CA VAL B 492 -21.79 -14.20 25.86
C VAL B 492 -21.34 -12.75 25.69
N GLY B 493 -22.29 -11.84 25.48
CA GLY B 493 -21.98 -10.46 25.11
C GLY B 493 -23.16 -9.63 24.80
N ASN B 494 -22.83 -8.45 24.31
CA ASN B 494 -23.75 -7.34 24.14
C ASN B 494 -24.13 -7.20 22.70
N LEU B 495 -25.43 -7.04 22.42
CA LEU B 495 -25.81 -6.82 21.02
C LEU B 495 -27.15 -6.19 21.06
N ASP B 496 -27.30 -5.24 20.15
CA ASP B 496 -28.38 -4.29 20.03
C ASP B 496 -29.21 -4.04 21.25
N SER B 497 -28.58 -3.28 22.13
CA SER B 497 -29.09 -2.80 23.41
C SER B 497 -29.37 -3.89 24.47
N GLY B 498 -29.13 -5.16 24.12
CA GLY B 498 -29.25 -6.23 25.12
C GLY B 498 -28.08 -7.18 25.19
N GLY B 499 -28.37 -8.45 25.36
CA GLY B 499 -27.32 -9.43 25.39
C GLY B 499 -27.68 -10.70 24.69
N GLY B 500 -26.72 -11.60 24.56
CA GLY B 500 -26.96 -12.89 23.99
C GLY B 500 -25.84 -13.88 24.23
N ILE B 501 -26.04 -15.04 23.61
CA ILE B 501 -25.13 -16.18 23.74
C ILE B 501 -24.90 -16.81 22.39
N GLY B 502 -23.63 -17.14 22.12
CA GLY B 502 -23.15 -17.80 20.90
C GLY B 502 -22.49 -19.12 21.30
N VAL B 503 -22.74 -20.17 20.52
CA VAL B 503 -22.21 -21.47 20.80
C VAL B 503 -21.60 -22.05 19.53
N THR B 504 -20.68 -22.98 19.69
CA THR B 504 -20.00 -23.67 18.57
C THR B 504 -19.55 -25.05 19.00
N THR B 505 -19.49 -25.96 18.00
CA THR B 505 -18.85 -27.23 18.22
C THR B 505 -17.68 -27.53 17.30
N ASN B 506 -17.25 -26.52 16.55
CA ASN B 506 -16.10 -26.68 15.65
C ASN B 506 -15.07 -25.55 15.84
N ALA B 507 -14.93 -25.15 17.12
CA ALA B 507 -13.90 -24.19 17.58
C ALA B 507 -14.08 -22.83 16.93
N GLY B 508 -15.30 -22.53 16.60
CA GLY B 508 -15.61 -21.23 15.97
C GLY B 508 -15.54 -21.16 14.49
N GLY B 509 -15.36 -22.30 13.81
CA GLY B 509 -15.51 -22.35 12.34
C GLY B 509 -16.86 -21.72 11.97
N SER B 510 -17.89 -22.08 12.73
CA SER B 510 -19.19 -21.44 12.68
C SER B 510 -19.84 -21.49 14.11
N TRP B 511 -20.51 -20.40 14.43
CA TRP B 511 -21.27 -20.23 15.69
C TRP B 511 -22.78 -20.17 15.35
N TRP B 512 -23.63 -20.44 16.34
CA TRP B 512 -25.04 -20.01 16.29
C TRP B 512 -25.48 -19.42 17.58
N GLN B 513 -26.54 -18.65 17.47
CA GLN B 513 -27.04 -17.91 18.57
C GLN B 513 -28.10 -18.74 19.36
N GLY B 514 -27.92 -18.83 20.66
CA GLY B 514 -28.91 -19.46 21.54
C GLY B 514 -30.06 -18.54 21.88
N GLN B 515 -31.05 -19.08 22.58
CA GLN B 515 -32.10 -18.25 23.14
C GLN B 515 -31.64 -17.67 24.47
N ASN B 516 -32.40 -16.75 24.95
CA ASN B 516 -32.13 -16.03 26.16
C ASN B 516 -33.08 -16.40 27.31
N PRO B 517 -32.54 -16.48 28.53
CA PRO B 517 -33.41 -16.56 29.68
C PRO B 517 -34.03 -15.16 29.94
N PRO B 518 -34.92 -15.01 30.92
CA PRO B 518 -35.47 -13.65 31.14
C PRO B 518 -34.53 -12.58 31.68
N GLY B 519 -34.81 -11.34 31.39
CA GLY B 519 -34.18 -10.17 31.93
C GLY B 519 -32.84 -9.75 31.47
N VAL B 520 -32.34 -10.36 30.38
CA VAL B 520 -30.95 -10.10 29.94
C VAL B 520 -30.80 -8.69 29.37
N THR B 521 -29.91 -7.89 29.90
CA THR B 521 -29.63 -6.59 29.34
C THR B 521 -28.17 -6.45 28.91
N SER B 522 -27.33 -7.46 29.17
CA SER B 522 -25.91 -7.44 28.81
C SER B 522 -25.36 -8.82 29.01
N GLY B 523 -24.15 -9.06 28.48
CA GLY B 523 -23.63 -10.42 28.42
C GLY B 523 -23.36 -11.12 29.74
N GLY B 524 -22.82 -10.40 30.71
CA GLY B 524 -22.53 -11.01 31.98
C GLY B 524 -21.42 -12.04 31.80
N ASN B 525 -21.50 -13.19 32.46
CA ASN B 525 -20.42 -14.16 32.37
C ASN B 525 -20.97 -15.56 32.24
N VAL B 526 -20.19 -16.44 31.67
CA VAL B 526 -20.66 -17.79 31.39
C VAL B 526 -19.59 -18.89 31.64
N ALA B 527 -20.06 -20.09 31.88
CA ALA B 527 -19.18 -21.23 32.12
C ALA B 527 -19.73 -22.47 31.44
N LEU B 528 -18.79 -23.27 30.92
CA LEU B 528 -19.10 -24.44 30.16
C LEU B 528 -18.50 -25.69 30.85
N ALA B 529 -19.36 -26.67 31.11
CA ALA B 529 -18.88 -27.92 31.72
C ALA B 529 -17.74 -28.54 30.94
N ALA B 530 -16.92 -29.28 31.68
CA ALA B 530 -15.71 -29.86 31.13
C ALA B 530 -15.92 -30.78 29.98
N ASP B 531 -17.08 -31.43 29.94
CA ASP B 531 -17.46 -32.26 28.82
C ASP B 531 -18.39 -31.58 27.80
N GLY B 532 -18.67 -30.25 27.94
CA GLY B 532 -19.48 -29.55 27.06
C GLY B 532 -20.97 -29.78 27.22
N GLY B 533 -21.39 -30.42 28.31
CA GLY B 533 -22.80 -30.89 28.41
C GLY B 533 -23.72 -30.03 29.23
N ALA B 534 -23.23 -28.91 29.75
CA ALA B 534 -24.04 -27.96 30.50
C ALA B 534 -23.40 -26.60 30.36
N ILE B 535 -24.23 -25.58 30.30
CA ILE B 535 -23.82 -24.16 30.34
C ILE B 535 -24.48 -23.49 31.50
N VAL B 536 -23.74 -22.73 32.28
CA VAL B 536 -24.25 -21.90 33.33
C VAL B 536 -23.97 -20.44 32.96
N TRP B 537 -25.02 -19.63 32.84
CA TRP B 537 -24.92 -18.22 32.35
C TRP B 537 -25.44 -17.29 33.38
N ALA B 538 -24.61 -16.36 33.87
CA ALA B 538 -25.03 -15.27 34.72
C ALA B 538 -25.14 -14.00 33.88
N PRO B 539 -26.34 -13.75 33.29
CA PRO B 539 -26.36 -12.58 32.37
C PRO B 539 -26.41 -11.29 33.13
N GLY B 540 -26.02 -10.19 32.49
CA GLY B 540 -26.35 -8.94 33.06
C GLY B 540 -27.83 -8.65 33.03
N GLY B 541 -28.29 -7.89 34.01
CA GLY B 541 -29.69 -7.49 34.13
C GLY B 541 -30.61 -8.50 34.76
N SER B 542 -30.43 -9.79 34.42
CA SER B 542 -31.30 -10.86 34.92
C SER B 542 -31.30 -10.93 36.44
N THR B 543 -32.39 -11.41 37.02
CA THR B 543 -32.51 -11.58 38.44
C THR B 543 -31.81 -12.91 38.91
N ASN B 544 -31.55 -13.89 38.01
CA ASN B 544 -31.01 -15.19 38.38
C ASN B 544 -29.82 -15.52 37.48
N VAL B 545 -29.18 -16.60 37.82
CA VAL B 545 -28.27 -17.33 36.98
C VAL B 545 -29.02 -18.50 36.49
N TYR B 546 -28.67 -19.00 35.32
CA TYR B 546 -29.43 -20.03 34.60
C TYR B 546 -28.56 -21.15 34.09
N LEU B 547 -29.15 -22.35 34.05
CA LEU B 547 -28.55 -23.53 33.44
C LEU B 547 -29.20 -23.85 32.10
N SER B 548 -28.40 -24.28 31.14
CA SER B 548 -28.89 -24.95 29.94
C SER B 548 -28.23 -26.32 29.79
N THR B 549 -29.08 -27.33 29.48
CA THR B 549 -28.65 -28.65 29.11
C THR B 549 -28.87 -28.93 27.66
N THR B 550 -29.31 -27.92 26.92
CA THR B 550 -29.64 -28.07 25.52
C THR B 550 -28.80 -27.11 24.71
N PHE B 551 -27.58 -26.90 25.17
CA PHE B 551 -26.61 -26.08 24.45
C PHE B 551 -27.10 -24.69 24.03
N GLY B 552 -27.90 -24.09 24.90
CA GLY B 552 -28.39 -22.72 24.73
C GLY B 552 -29.81 -22.57 24.16
N SER B 553 -30.47 -23.67 23.80
CA SER B 553 -31.79 -23.60 23.21
C SER B 553 -32.81 -23.27 24.29
N THR B 554 -32.59 -23.77 25.52
CA THR B 554 -33.53 -23.59 26.64
C THR B 554 -32.76 -23.39 27.94
N TRP B 555 -33.44 -22.85 28.95
CA TRP B 555 -32.81 -22.41 30.22
C TRP B 555 -33.69 -22.77 31.39
N THR B 556 -33.06 -22.94 32.55
CA THR B 556 -33.84 -23.04 33.82
C THR B 556 -33.12 -22.27 34.88
N ALA B 557 -33.86 -21.55 35.68
CA ALA B 557 -33.24 -20.78 36.80
C ALA B 557 -32.58 -21.63 37.84
N ILE B 558 -31.47 -21.13 38.40
CA ILE B 558 -30.76 -21.70 39.52
C ILE B 558 -31.20 -20.88 40.73
N SER B 559 -31.72 -21.54 41.73
CA SER B 559 -32.34 -20.78 42.83
C SER B 559 -31.39 -20.10 43.79
N ALA B 560 -30.25 -20.69 44.06
CA ALA B 560 -29.42 -20.18 45.18
C ALA B 560 -28.52 -18.97 44.83
N LEU B 561 -28.13 -18.82 43.56
CA LEU B 561 -27.13 -17.89 43.22
C LEU B 561 -27.60 -16.48 43.10
N PRO B 562 -26.88 -15.55 43.65
CA PRO B 562 -27.23 -14.17 43.35
C PRO B 562 -26.97 -13.74 41.88
N ALA B 563 -27.78 -12.80 41.42
CA ALA B 563 -27.62 -12.22 40.09
C ALA B 563 -26.20 -11.76 39.89
N GLY B 564 -25.64 -12.06 38.72
CA GLY B 564 -24.31 -11.60 38.39
C GLY B 564 -23.16 -12.26 39.10
N ALA B 565 -23.41 -13.41 39.72
CA ALA B 565 -22.32 -14.15 40.30
C ALA B 565 -21.29 -14.54 39.21
N VAL B 566 -20.04 -14.64 39.64
CA VAL B 566 -18.95 -15.10 38.80
C VAL B 566 -18.99 -16.59 38.79
N ILE B 567 -19.13 -17.19 37.61
CA ILE B 567 -19.28 -18.64 37.43
C ILE B 567 -18.00 -19.21 36.82
N GLU B 568 -17.57 -20.39 37.32
CA GLU B 568 -16.50 -21.11 36.68
C GLU B 568 -16.79 -22.57 36.71
N ALA B 569 -16.40 -23.28 35.67
CA ALA B 569 -16.53 -24.73 35.68
C ALA B 569 -15.29 -25.39 36.23
N ASP B 570 -15.46 -26.54 36.94
CA ASP B 570 -14.31 -27.39 37.18
C ASP B 570 -13.77 -27.92 35.84
N ARG B 571 -12.45 -27.98 35.71
CA ARG B 571 -11.84 -28.34 34.43
C ARG B 571 -11.66 -29.83 34.19
N VAL B 572 -11.98 -30.60 35.24
CA VAL B 572 -11.89 -32.04 35.16
C VAL B 572 -13.25 -32.70 35.29
N ASN B 573 -14.03 -32.33 36.33
CA ASN B 573 -15.29 -33.03 36.63
C ASN B 573 -16.46 -32.28 36.04
N PRO B 574 -17.09 -32.81 34.97
CA PRO B 574 -18.19 -32.12 34.35
C PRO B 574 -19.37 -31.84 35.24
N ASN B 575 -19.49 -32.54 36.36
CA ASN B 575 -20.56 -32.30 37.31
C ASN B 575 -20.33 -31.12 38.22
N LYS B 576 -19.12 -30.52 38.22
CA LYS B 576 -18.79 -29.49 39.20
C LYS B 576 -18.76 -28.08 38.58
N PHE B 577 -19.46 -27.15 39.20
CA PHE B 577 -19.37 -25.69 38.88
C PHE B 577 -19.18 -24.96 40.18
N TYR B 578 -18.68 -23.75 40.08
CA TYR B 578 -18.40 -22.93 41.20
C TYR B 578 -18.91 -21.53 40.95
N ALA B 579 -19.17 -20.82 42.02
CA ALA B 579 -19.53 -19.40 41.88
C ALA B 579 -19.03 -18.59 43.02
N LEU B 580 -18.80 -17.29 42.75
CA LEU B 580 -18.29 -16.36 43.73
C LEU B 580 -19.12 -15.10 43.68
N ALA B 581 -19.60 -14.65 44.82
CA ALA B 581 -20.29 -13.34 44.88
C ALA B 581 -20.16 -12.69 46.24
N ASN B 582 -19.53 -11.53 46.30
CA ASN B 582 -19.56 -10.67 47.49
C ASN B 582 -19.23 -11.41 48.77
N GLY B 583 -18.11 -12.15 48.74
CA GLY B 583 -17.63 -12.80 49.94
C GLY B 583 -18.15 -14.22 50.19
N THR B 584 -19.05 -14.71 49.34
CA THR B 584 -19.55 -16.09 49.41
C THR B 584 -19.15 -16.90 48.18
N PHE B 585 -18.56 -18.05 48.43
CA PHE B 585 -18.26 -19.06 47.46
C PHE B 585 -19.36 -20.13 47.49
N TYR B 586 -19.75 -20.56 46.29
CA TYR B 586 -20.85 -21.50 46.09
C TYR B 586 -20.36 -22.65 45.24
N VAL B 587 -20.88 -23.87 45.44
CA VAL B 587 -20.48 -25.02 44.65
C VAL B 587 -21.70 -25.78 44.19
N SER B 588 -21.66 -26.30 42.99
CA SER B 588 -22.59 -27.26 42.43
C SER B 588 -21.88 -28.53 42.18
N THR B 589 -22.51 -29.68 42.58
CA THR B 589 -22.01 -30.99 42.28
C THR B 589 -23.00 -31.76 41.40
N ASN B 590 -24.11 -31.10 40.95
CA ASN B 590 -25.06 -31.76 40.04
C ASN B 590 -25.11 -31.05 38.65
N LYS B 591 -23.93 -30.63 38.20
CA LYS B 591 -23.77 -30.17 36.81
C LYS B 591 -24.51 -28.87 36.59
N GLY B 592 -24.57 -28.05 37.65
CA GLY B 592 -25.11 -26.74 37.55
C GLY B 592 -26.56 -26.56 37.91
N ALA B 593 -27.27 -27.63 38.22
CA ALA B 593 -28.70 -27.51 38.52
C ALA B 593 -28.96 -26.75 39.82
N SER B 594 -28.18 -27.03 40.88
CA SER B 594 -28.33 -26.27 42.11
C SER B 594 -26.93 -25.99 42.68
N PHE B 595 -26.82 -24.88 43.41
CA PHE B 595 -25.56 -24.52 44.08
C PHE B 595 -25.86 -24.30 45.54
N SER B 596 -24.84 -24.51 46.40
CA SER B 596 -24.95 -24.11 47.78
C SER B 596 -23.74 -23.38 48.27
N ALA B 597 -23.95 -22.45 49.18
CA ALA B 597 -22.85 -21.69 49.75
C ALA B 597 -21.94 -22.63 50.57
N THR B 598 -20.63 -22.54 50.38
CA THR B 598 -19.66 -23.32 51.18
C THR B 598 -18.77 -22.49 52.06
N VAL B 599 -18.43 -21.26 51.59
CA VAL B 599 -17.57 -20.37 52.35
C VAL B 599 -18.21 -19.01 52.41
N THR B 600 -18.33 -18.46 53.59
CA THR B 600 -18.91 -17.17 53.82
C THR B 600 -18.04 -16.23 54.66
N ALA B 601 -16.81 -16.61 54.97
CA ALA B 601 -15.90 -15.75 55.72
C ALA B 601 -14.49 -15.98 55.22
N GLY B 602 -13.62 -14.97 55.38
CA GLY B 602 -12.22 -15.11 54.97
C GLY B 602 -11.91 -14.65 53.55
N ILE B 603 -12.91 -14.65 52.68
CA ILE B 603 -12.76 -14.22 51.28
C ILE B 603 -13.19 -12.77 51.23
N PRO B 604 -12.35 -11.87 50.69
CA PRO B 604 -12.76 -10.48 50.66
C PRO B 604 -14.02 -10.27 49.83
N ALA B 605 -14.94 -9.44 50.29
CA ALA B 605 -16.17 -9.12 49.57
C ALA B 605 -15.96 -8.58 48.12
N ALA B 606 -14.85 -7.88 47.90
CA ALA B 606 -14.53 -7.30 46.63
C ALA B 606 -14.04 -8.34 45.61
N ALA B 607 -13.55 -9.49 46.06
CA ALA B 607 -12.96 -10.47 45.13
C ALA B 607 -14.00 -10.92 44.15
N ARG B 608 -13.59 -10.96 42.89
CA ARG B 608 -14.46 -11.29 41.80
C ARG B 608 -13.70 -12.03 40.65
N LYS B 609 -12.51 -12.61 40.94
CA LYS B 609 -11.80 -13.39 40.00
C LYS B 609 -11.36 -14.68 40.65
N PHE B 610 -11.60 -15.77 39.99
CA PHE B 610 -11.12 -17.12 40.48
C PHE B 610 -11.11 -18.10 39.30
N LYS B 611 -10.31 -19.18 39.40
CA LYS B 611 -10.19 -20.11 38.32
C LYS B 611 -9.87 -21.49 38.81
N ALA B 612 -10.48 -22.46 38.18
CA ALA B 612 -10.12 -23.84 38.45
C ALA B 612 -8.97 -24.25 37.49
N VAL B 613 -8.15 -25.19 37.97
CA VAL B 613 -6.92 -25.58 37.26
C VAL B 613 -7.16 -26.73 36.33
N TYR B 614 -6.78 -26.56 35.05
CA TYR B 614 -6.87 -27.66 34.13
C TYR B 614 -6.06 -28.87 34.69
N GLY B 615 -6.64 -30.08 34.50
CA GLY B 615 -6.04 -31.31 35.04
C GLY B 615 -6.07 -31.54 36.52
N ARG B 616 -6.63 -30.63 37.32
CA ARG B 616 -6.59 -30.77 38.76
C ARG B 616 -8.00 -30.54 39.29
N GLU B 617 -8.72 -31.64 39.45
CA GLU B 617 -10.13 -31.56 39.97
C GLU B 617 -10.18 -30.86 41.29
N GLY B 618 -11.05 -29.83 41.46
CA GLY B 618 -11.25 -29.22 42.76
C GLY B 618 -10.16 -28.27 43.24
N ASP B 619 -9.22 -27.98 42.37
CA ASP B 619 -8.13 -27.05 42.64
C ASP B 619 -8.54 -25.69 42.07
N ILE B 620 -8.70 -24.71 42.95
CA ILE B 620 -9.20 -23.40 42.64
C ILE B 620 -8.33 -22.32 43.23
N TRP B 621 -8.02 -21.26 42.45
CA TRP B 621 -7.28 -20.15 43.03
C TRP B 621 -8.15 -18.91 42.84
N LEU B 622 -8.08 -18.05 43.80
CA LEU B 622 -9.00 -16.92 43.94
C LEU B 622 -8.18 -15.66 44.30
N ALA B 623 -8.46 -14.54 43.63
CA ALA B 623 -7.63 -13.33 43.76
C ALA B 623 -8.53 -12.12 43.94
N GLY B 624 -8.29 -11.33 44.96
CA GLY B 624 -8.95 -10.03 45.05
C GLY B 624 -8.92 -9.44 46.43
N GLY B 625 -9.68 -8.35 46.62
CA GLY B 625 -9.72 -7.62 47.88
C GLY B 625 -9.55 -6.13 47.62
N SER B 626 -9.27 -5.41 48.68
CA SER B 626 -9.02 -3.97 48.52
C SER B 626 -8.03 -3.54 49.65
N SER B 627 -7.46 -2.35 49.49
CA SER B 627 -6.50 -1.85 50.51
C SER B 627 -7.16 -1.59 51.86
N THR B 628 -8.44 -1.20 51.85
CA THR B 628 -9.21 -0.98 53.08
C THR B 628 -9.83 -2.24 53.75
N THR B 629 -9.73 -3.43 53.13
CA THR B 629 -10.28 -4.65 53.71
C THR B 629 -9.22 -5.72 53.87
N THR B 630 -9.27 -6.81 53.08
CA THR B 630 -8.15 -7.75 53.08
C THR B 630 -7.86 -7.96 51.60
N TYR B 631 -6.73 -8.52 51.25
CA TYR B 631 -6.30 -8.56 49.86
C TYR B 631 -5.30 -9.69 49.71
N GLY B 632 -5.32 -10.39 48.58
CA GLY B 632 -4.38 -11.44 48.34
C GLY B 632 -4.82 -12.49 47.36
N LEU B 633 -4.23 -13.67 47.50
CA LEU B 633 -4.40 -14.86 46.68
C LEU B 633 -4.69 -16.01 47.63
N TRP B 634 -5.77 -16.74 47.32
CA TRP B 634 -6.26 -17.89 48.08
C TRP B 634 -6.31 -19.09 47.22
N ARG B 635 -6.25 -20.28 47.82
CA ARG B 635 -6.40 -21.47 47.04
C ARG B 635 -7.26 -22.48 47.80
N SER B 636 -8.00 -23.27 47.07
CA SER B 636 -8.75 -24.37 47.60
C SER B 636 -8.22 -25.60 46.83
N THR B 637 -8.09 -26.72 47.56
CA THR B 637 -7.81 -28.00 46.92
C THR B 637 -8.90 -29.02 47.18
N ASN B 638 -10.02 -28.57 47.73
CA ASN B 638 -11.09 -29.47 48.13
C ASN B 638 -12.40 -29.04 47.51
N SER B 639 -12.32 -28.57 46.27
CA SER B 639 -13.59 -28.26 45.54
C SER B 639 -14.42 -27.17 46.16
N GLY B 640 -13.72 -26.20 46.73
CA GLY B 640 -14.35 -25.07 47.36
C GLY B 640 -14.87 -25.23 48.77
N ALA B 641 -14.56 -26.35 49.42
CA ALA B 641 -15.00 -26.45 50.81
C ALA B 641 -14.25 -25.47 51.74
N SER B 642 -12.96 -25.23 51.44
CA SER B 642 -12.21 -24.29 52.24
C SER B 642 -11.07 -23.67 51.37
N PHE B 643 -10.67 -22.47 51.77
CA PHE B 643 -9.58 -21.73 51.10
C PHE B 643 -8.54 -21.39 52.16
N THR B 644 -7.28 -21.34 51.68
CA THR B 644 -6.12 -20.94 52.46
C THR B 644 -5.46 -19.75 51.73
N LYS B 645 -5.13 -18.70 52.48
CA LYS B 645 -4.44 -17.56 51.94
C LYS B 645 -2.96 -17.85 51.72
N LEU B 646 -2.42 -17.50 50.56
CA LEU B 646 -1.01 -17.64 50.32
C LEU B 646 -0.22 -16.48 50.98
N ALA B 647 0.70 -16.84 51.90
CA ALA B 647 1.48 -15.88 52.64
C ALA B 647 2.45 -15.09 51.73
N SER B 648 2.82 -15.71 50.62
CA SER B 648 3.75 -15.09 49.66
C SER B 648 3.24 -13.88 48.83
N VAL B 649 1.96 -13.55 48.90
CA VAL B 649 1.35 -12.52 48.05
C VAL B 649 0.65 -11.47 48.89
N GLN B 650 0.93 -10.21 48.68
CA GLN B 650 0.33 -9.17 49.48
C GLN B 650 -1.02 -8.77 48.93
N GLU B 651 -1.13 -8.66 47.58
CA GLU B 651 -2.38 -8.36 46.91
C GLU B 651 -2.37 -9.09 45.59
N ALA B 652 -3.59 -9.47 45.17
CA ALA B 652 -3.75 -10.05 43.86
C ALA B 652 -5.15 -9.74 43.31
N ASP B 653 -5.19 -9.59 41.99
CA ASP B 653 -6.39 -9.13 41.24
C ASP B 653 -6.79 -10.08 40.21
N ASN B 654 -5.92 -11.00 39.75
CA ASN B 654 -6.37 -12.01 38.84
C ASN B 654 -5.31 -13.14 38.93
N VAL B 655 -5.68 -14.30 38.45
CA VAL B 655 -4.88 -15.53 38.44
C VAL B 655 -5.19 -16.39 37.30
N THR B 656 -4.16 -17.06 36.76
CA THR B 656 -4.32 -18.04 35.68
C THR B 656 -3.16 -19.03 35.70
N PHE B 657 -3.23 -20.07 34.86
CA PHE B 657 -2.27 -21.18 34.83
C PHE B 657 -1.80 -21.45 33.42
N GLY B 658 -0.54 -21.90 33.32
CA GLY B 658 -0.02 -22.38 32.08
C GLY B 658 1.01 -23.47 32.25
N LYS B 659 1.63 -23.83 31.14
CA LYS B 659 2.49 -25.01 31.11
C LYS B 659 3.53 -24.95 32.22
N ALA B 660 3.65 -26.11 32.86
CA ALA B 660 4.63 -26.25 33.94
C ALA B 660 6.07 -26.07 33.47
N ALA B 661 6.91 -25.58 34.34
CA ALA B 661 8.36 -25.67 34.13
C ALA B 661 8.81 -27.14 33.96
N THR B 662 9.89 -27.32 33.19
CA THR B 662 10.40 -28.70 32.97
C THR B 662 10.77 -29.25 34.34
N GLY B 663 10.25 -30.42 34.70
CA GLY B 663 10.57 -31.01 35.97
C GLY B 663 9.66 -30.63 37.13
N ALA B 664 8.77 -29.64 36.94
CA ALA B 664 7.89 -29.16 38.00
C ALA B 664 6.66 -30.02 38.04
N THR B 665 6.00 -30.12 39.18
CA THR B 665 4.84 -31.00 39.23
C THR B 665 3.50 -30.27 39.19
N TYR B 666 3.52 -28.97 38.94
CA TYR B 666 2.26 -28.19 38.91
C TYR B 666 2.33 -27.17 37.78
N PRO B 667 1.19 -26.83 37.17
CA PRO B 667 1.27 -25.73 36.21
C PRO B 667 1.91 -24.50 36.79
N ALA B 668 2.53 -23.70 35.91
CA ALA B 668 2.92 -22.33 36.34
C ALA B 668 1.69 -21.51 36.67
N ILE B 669 1.79 -20.65 37.61
CA ILE B 669 0.72 -19.78 38.05
C ILE B 669 1.12 -18.32 37.73
N TYR B 670 0.21 -17.53 37.14
CA TYR B 670 0.46 -16.12 36.84
C TYR B 670 -0.54 -15.27 37.59
N ILE B 671 -0.07 -14.15 38.18
CA ILE B 671 -0.99 -13.24 38.84
C ILE B 671 -0.72 -11.82 38.40
N ILE B 672 -1.77 -11.01 38.48
CA ILE B 672 -1.67 -9.56 38.56
C ILE B 672 -1.70 -9.26 40.05
N GLY B 673 -0.70 -8.60 40.57
CA GLY B 673 -0.70 -8.33 42.01
C GLY B 673 0.48 -7.56 42.58
N LYS B 674 0.68 -7.69 43.89
CA LYS B 674 1.75 -7.02 44.62
C LYS B 674 2.45 -8.10 45.47
N VAL B 675 3.76 -8.23 45.24
CA VAL B 675 4.58 -9.24 45.87
C VAL B 675 5.78 -8.51 46.43
N ASP B 676 6.02 -8.64 47.74
CA ASP B 676 7.21 -7.97 48.40
C ASP B 676 7.35 -6.47 48.03
N ASN B 677 6.24 -5.74 48.12
CA ASN B 677 6.14 -4.32 47.90
C ASN B 677 6.32 -3.84 46.47
N VAL B 678 6.14 -4.75 45.52
CA VAL B 678 6.26 -4.39 44.11
C VAL B 678 4.96 -4.77 43.41
N ARG B 679 4.38 -3.81 42.70
CA ARG B 679 3.22 -4.07 41.84
C ARG B 679 3.66 -4.54 40.47
N GLY B 680 2.96 -5.52 39.92
CA GLY B 680 3.34 -5.97 38.58
C GLY B 680 2.66 -7.28 38.24
N VAL B 681 3.33 -8.07 37.38
CA VAL B 681 2.88 -9.33 36.85
C VAL B 681 3.91 -10.36 37.33
N PHE B 682 3.44 -11.39 37.98
CA PHE B 682 4.30 -12.39 38.62
C PHE B 682 3.94 -13.82 38.23
N ARG B 683 4.97 -14.65 38.19
CA ARG B 683 4.86 -16.06 37.87
C ARG B 683 5.45 -16.90 38.97
N SER B 684 4.73 -17.96 39.29
CA SER B 684 5.25 -18.99 40.21
C SER B 684 5.30 -20.34 39.52
N THR B 685 6.43 -21.07 39.62
CA THR B 685 6.53 -22.41 39.09
C THR B 685 6.67 -23.48 40.22
N ASN B 686 6.46 -23.06 41.46
CA ASN B 686 6.44 -23.95 42.64
C ASN B 686 5.15 -23.81 43.45
N GLU B 687 3.99 -23.75 42.78
CA GLU B 687 2.75 -23.79 43.50
C GLU B 687 2.55 -22.62 44.46
N GLY B 688 3.08 -21.46 44.11
CA GLY B 688 2.87 -20.29 44.89
C GLY B 688 3.74 -20.10 46.06
N ALA B 689 4.79 -20.90 46.18
CA ALA B 689 5.74 -20.71 47.30
C ALA B 689 6.64 -19.46 47.11
N SER B 690 7.07 -19.22 45.89
CA SER B 690 7.75 -17.97 45.55
C SER B 690 7.42 -17.52 44.14
N TRP B 691 7.78 -16.29 43.84
CA TRP B 691 7.37 -15.63 42.62
C TRP B 691 8.55 -14.99 41.89
N VAL B 692 8.38 -14.81 40.59
CA VAL B 692 9.34 -14.09 39.73
C VAL B 692 8.52 -12.97 39.04
N ARG B 693 9.06 -11.76 38.93
CA ARG B 693 8.39 -10.64 38.24
C ARG B 693 8.71 -10.77 36.77
N ILE B 694 7.68 -10.78 35.92
CA ILE B 694 7.83 -11.01 34.48
C ILE B 694 7.60 -9.76 33.62
N ASN B 695 7.11 -8.71 34.24
CA ASN B 695 7.06 -7.41 33.57
C ASN B 695 8.14 -6.49 34.15
N ASP B 696 8.07 -5.20 33.80
CA ASP B 696 9.03 -4.26 34.28
C ASP B 696 8.38 -2.83 34.31
N ASP B 697 9.12 -1.88 34.83
CA ASP B 697 8.56 -0.57 35.04
C ASP B 697 8.15 0.19 33.78
N GLN B 698 8.70 -0.23 32.62
CA GLN B 698 8.33 0.38 31.37
C GLN B 698 7.12 -0.32 30.73
N ARG B 699 6.64 -1.41 31.33
CA ARG B 699 5.66 -2.28 30.78
C ARG B 699 4.67 -2.65 31.86
N GLN B 700 3.91 -1.62 32.24
CA GLN B 700 2.95 -1.72 33.35
C GLN B 700 1.49 -1.72 32.81
N TYR B 701 1.20 -0.87 31.84
CA TYR B 701 -0.10 -0.92 31.11
C TYR B 701 -1.28 -0.55 31.96
N GLY B 702 -1.10 0.24 33.00
CA GLY B 702 -2.24 0.88 33.61
C GLY B 702 -3.22 -0.04 34.27
N ASN B 703 -4.51 0.11 33.97
CA ASN B 703 -5.54 -0.65 34.63
C ASN B 703 -5.75 -2.00 33.94
N PHE B 704 -4.66 -2.73 33.82
CA PHE B 704 -4.68 -4.00 33.12
C PHE B 704 -5.17 -5.20 33.91
N GLY B 705 -5.21 -6.36 33.26
CA GLY B 705 -5.39 -7.58 34.01
C GLY B 705 -6.80 -8.07 34.30
N GLU B 706 -7.82 -7.40 33.72
CA GLU B 706 -9.20 -7.91 33.80
C GLU B 706 -9.32 -9.34 33.25
N ALA B 707 -8.55 -9.64 32.22
CA ALA B 707 -8.57 -10.90 31.53
C ALA B 707 -7.11 -11.32 31.35
N ILE B 708 -6.74 -12.48 31.91
CA ILE B 708 -5.41 -13.07 31.64
C ILE B 708 -5.57 -14.57 31.40
N SER B 709 -4.64 -15.14 30.65
CA SER B 709 -4.59 -16.60 30.51
C SER B 709 -3.21 -17.05 30.31
N GLY B 710 -2.84 -18.13 31.01
CA GLY B 710 -1.60 -18.86 30.61
C GLY B 710 -1.84 -19.65 29.36
N ASP B 711 -0.77 -20.32 28.90
CA ASP B 711 -0.83 -21.10 27.69
C ASP B 711 -0.46 -22.54 28.10
N PRO B 712 -1.41 -23.50 28.02
CA PRO B 712 -1.10 -24.86 28.46
C PRO B 712 -0.07 -25.54 27.56
N ARG B 713 0.18 -25.00 26.37
CA ARG B 713 1.15 -25.59 25.42
C ARG B 713 2.52 -24.93 25.43
N ILE B 714 2.69 -23.79 26.09
CA ILE B 714 3.91 -23.02 25.94
C ILE B 714 4.34 -22.51 27.32
N TYR B 715 5.47 -23.03 27.79
CA TYR B 715 6.02 -22.60 29.03
C TYR B 715 6.40 -21.14 28.98
N GLY B 716 6.03 -20.45 30.03
CA GLY B 716 6.44 -19.08 30.26
C GLY B 716 5.45 -18.07 29.71
N ARG B 717 4.54 -18.51 28.86
CA ARG B 717 3.75 -17.56 28.08
C ARG B 717 2.51 -17.04 28.88
N LEU B 718 2.27 -15.72 28.83
CA LEU B 718 1.09 -15.15 29.45
C LEU B 718 0.41 -14.28 28.43
N TYR B 719 -0.89 -14.52 28.27
CA TYR B 719 -1.80 -13.66 27.54
C TYR B 719 -2.31 -12.67 28.55
N LEU B 720 -1.92 -11.39 28.34
CA LEU B 720 -2.13 -10.32 29.31
C LEU B 720 -3.08 -9.32 28.70
N GLY B 721 -4.35 -9.34 29.15
CA GLY B 721 -5.28 -8.33 28.73
C GLY B 721 -5.07 -6.99 29.38
N THR B 722 -5.42 -5.97 28.63
CA THR B 722 -5.38 -4.60 29.11
C THR B 722 -6.73 -3.90 28.81
N ASN B 723 -6.89 -2.67 29.32
CA ASN B 723 -8.10 -1.88 29.07
C ASN B 723 -7.60 -0.69 28.28
N GLY B 724 -7.41 -0.87 26.99
CA GLY B 724 -7.00 0.24 26.11
C GLY B 724 -5.67 0.03 25.44
N ARG B 725 -4.96 -1.05 25.79
CA ARG B 725 -3.71 -1.42 25.11
C ARG B 725 -3.75 -2.76 24.44
N GLY B 726 -4.94 -3.24 24.13
CA GLY B 726 -5.07 -4.53 23.49
C GLY B 726 -4.70 -5.75 24.31
N LEU B 727 -4.43 -6.83 23.59
CA LEU B 727 -4.05 -8.08 24.21
C LEU B 727 -2.54 -8.32 23.96
N LEU B 728 -1.80 -8.41 25.04
CA LEU B 728 -0.39 -8.68 25.00
C LEU B 728 -0.10 -10.15 25.15
N TYR B 729 1.01 -10.62 24.57
CA TYR B 729 1.61 -11.89 25.05
C TYR B 729 3.05 -11.68 25.44
N GLY B 730 3.40 -12.28 26.58
CA GLY B 730 4.75 -12.26 27.07
C GLY B 730 5.37 -13.66 27.04
N ASP B 731 6.64 -13.72 26.63
CA ASP B 731 7.42 -14.97 26.57
C ASP B 731 8.68 -14.78 27.31
N SER B 732 9.07 -15.79 28.06
CA SER B 732 10.40 -15.79 28.72
CA SER B 732 10.42 -15.72 28.71
C SER B 732 11.51 -15.68 27.65
N ALA B 733 12.54 -14.82 27.87
CA ALA B 733 13.64 -14.53 26.89
C ALA B 733 14.87 -15.39 27.11
C1 EDO C . 29.27 0.49 -17.09
O1 EDO C . 30.10 1.39 -16.40
C2 EDO C . 29.22 -0.89 -16.57
O2 EDO C . 28.96 -1.04 -15.17
C1 EDO D . 3.12 0.85 -7.61
O1 EDO D . 4.48 0.41 -7.76
C2 EDO D . 2.57 1.50 -8.83
O2 EDO D . 2.89 0.92 -10.13
C1 EDO E . 15.55 -9.41 -40.39
O1 EDO E . 16.69 -10.31 -40.36
C2 EDO E . 15.03 -9.16 -41.83
O2 EDO E . 16.12 -8.53 -42.50
C1 EDO F . -12.12 -8.48 -11.50
O1 EDO F . -11.55 -7.16 -11.30
C2 EDO F . -13.61 -8.43 -11.69
O2 EDO F . -14.22 -7.88 -10.53
C1 EDO G . -9.01 19.23 -49.20
O1 EDO G . -9.74 20.45 -49.23
C2 EDO G . -9.87 18.20 -48.44
O2 EDO G . -10.24 18.67 -47.15
BR BR H . -7.46 -17.44 -26.72
K K I . -4.85 -19.77 -27.06
C1 EDO J . -20.57 8.18 39.15
O1 EDO J . -20.16 7.75 40.41
C2 EDO J . -19.35 8.94 38.44
O2 EDO J . -18.81 9.93 39.30
C1 EDO K . -1.06 -0.84 8.49
O1 EDO K . -0.58 0.27 9.32
C2 EDO K . -2.39 -1.45 8.77
O2 EDO K . -3.09 -0.93 9.90
C1 EDO L . 1.61 31.40 34.36
O1 EDO L . 2.43 31.98 33.36
C2 EDO L . 0.41 32.23 34.78
O2 EDO L . 0.67 33.61 34.90
C1 EDO M . -32.12 -27.26 31.68
O1 EDO M . -32.50 -28.56 31.37
C2 EDO M . -32.65 -26.38 30.53
O2 EDO M . -31.85 -26.59 29.36
BR BR N . -26.97 11.29 11.85
K K O . -26.19 14.26 13.59
#